data_2LGE
#
_entry.id   2LGE
#
_entity_poly.entity_id   1
_entity_poly.type   'polypeptide(L)'
_entity_poly.pdbx_seq_one_letter_code
;GDDDEPGGKGAMYEVTIEQSGDFRSFIKSVVVVANGTQLKDGATGESLASPVILSDEELAVEKVTLSTTGKAIEFAVSGG
VVDGEDGVVNEPMQWVVTVYKNGKEIEKKSLVFRDGKEISTDDLNLYYN
;
_entity_poly.pdbx_strand_id   A
#
# COMPACT_ATOMS: atom_id res chain seq x y z
N GLY A 1 -20.52 -18.20 9.75
CA GLY A 1 -20.93 -17.06 10.56
C GLY A 1 -21.93 -16.20 9.81
N ASP A 2 -23.16 -16.12 10.30
CA ASP A 2 -24.32 -15.52 9.65
C ASP A 2 -24.76 -16.46 8.54
N ASP A 3 -24.11 -16.42 7.38
CA ASP A 3 -24.32 -17.28 6.24
C ASP A 3 -23.11 -17.13 5.34
N ASP A 4 -22.86 -18.15 4.54
CA ASP A 4 -21.81 -18.25 3.55
C ASP A 4 -22.43 -18.61 2.21
N GLU A 5 -21.61 -18.55 1.17
CA GLU A 5 -22.04 -18.43 -0.21
C GLU A 5 -20.91 -19.03 -1.04
N PRO A 6 -20.92 -20.36 -1.25
CA PRO A 6 -19.90 -21.02 -2.01
C PRO A 6 -20.16 -20.83 -3.52
N GLY A 7 -19.15 -21.12 -4.33
CA GLY A 7 -19.14 -20.89 -5.76
C GLY A 7 -17.98 -19.98 -6.11
N GLY A 8 -16.97 -20.51 -6.80
CA GLY A 8 -15.98 -19.73 -7.53
C GLY A 8 -14.64 -19.71 -6.82
N LYS A 9 -13.69 -18.96 -7.38
CA LYS A 9 -12.30 -19.00 -7.03
C LYS A 9 -11.79 -17.58 -6.90
N GLY A 10 -10.62 -17.51 -6.30
CA GLY A 10 -9.76 -16.36 -6.06
C GLY A 10 -8.83 -16.72 -4.90
N ALA A 11 -8.34 -15.72 -4.18
CA ALA A 11 -7.23 -15.79 -3.25
C ALA A 11 -7.54 -14.99 -1.97
N MET A 12 -6.49 -14.68 -1.21
CA MET A 12 -6.36 -13.60 -0.26
C MET A 12 -5.08 -12.87 -0.64
N TYR A 13 -4.85 -11.67 -0.12
CA TYR A 13 -3.64 -10.88 -0.35
C TYR A 13 -3.30 -10.04 0.89
N GLU A 14 -2.01 -9.69 1.05
CA GLU A 14 -1.47 -8.80 2.07
C GLU A 14 -0.29 -8.04 1.46
N VAL A 15 -0.31 -6.71 1.41
CA VAL A 15 0.81 -5.85 1.04
C VAL A 15 1.49 -5.30 2.28
N THR A 16 2.79 -5.01 2.19
CA THR A 16 3.53 -4.29 3.19
C THR A 16 4.24 -3.11 2.56
N ILE A 17 4.48 -2.11 3.40
CA ILE A 17 5.26 -0.92 3.12
C ILE A 17 6.11 -0.63 4.35
N GLU A 18 7.43 -0.78 4.29
CA GLU A 18 8.37 -0.15 5.20
C GLU A 18 8.84 1.14 4.53
N GLN A 19 9.19 2.13 5.33
CA GLN A 19 9.44 3.50 4.95
C GLN A 19 10.79 3.90 5.52
N SER A 20 11.79 4.01 4.66
CA SER A 20 13.15 4.22 5.11
C SER A 20 13.65 5.60 4.69
N GLY A 21 14.78 6.02 5.25
CA GLY A 21 15.28 7.35 5.06
C GLY A 21 14.29 8.37 5.59
N ASP A 22 14.28 9.56 5.00
CA ASP A 22 13.76 10.77 5.62
C ASP A 22 12.26 10.97 5.38
N PHE A 23 11.48 9.88 5.35
CA PHE A 23 10.11 9.82 4.84
C PHE A 23 9.09 10.74 5.54
N ARG A 24 9.49 11.42 6.61
CA ARG A 24 8.62 12.13 7.53
C ARG A 24 8.30 13.56 7.08
N SER A 25 8.82 13.98 5.93
CA SER A 25 8.73 15.34 5.39
C SER A 25 8.40 15.30 3.89
N PHE A 26 7.64 14.29 3.44
CA PHE A 26 7.46 13.93 2.04
C PHE A 26 6.02 13.48 1.79
N ILE A 27 5.20 14.35 1.22
CA ILE A 27 3.75 14.19 1.08
C ILE A 27 3.42 13.07 0.09
N LYS A 28 3.16 11.87 0.60
CA LYS A 28 3.13 10.62 -0.15
C LYS A 28 1.72 10.06 -0.29
N SER A 29 1.53 9.17 -1.27
CA SER A 29 0.21 8.88 -1.84
C SER A 29 0.10 7.40 -2.24
N VAL A 30 -0.92 6.68 -1.76
CA VAL A 30 -1.13 5.26 -2.08
C VAL A 30 -2.63 5.01 -2.40
N VAL A 31 -2.93 3.96 -3.16
CA VAL A 31 -4.24 3.42 -3.51
C VAL A 31 -4.32 1.98 -3.00
N VAL A 32 -5.51 1.45 -2.73
CA VAL A 32 -5.74 0.03 -2.48
C VAL A 32 -7.12 -0.32 -3.05
N VAL A 33 -7.21 -1.34 -3.91
CA VAL A 33 -8.45 -1.77 -4.55
C VAL A 33 -8.60 -3.27 -4.28
N ALA A 34 -9.73 -3.71 -3.72
CA ALA A 34 -10.00 -5.10 -3.38
C ALA A 34 -11.27 -5.58 -4.07
N ASN A 35 -11.11 -6.48 -5.02
CA ASN A 35 -12.19 -7.21 -5.66
C ASN A 35 -12.72 -8.26 -4.68
N GLY A 36 -14.03 -8.31 -4.43
CA GLY A 36 -14.69 -9.45 -3.83
C GLY A 36 -14.52 -9.59 -2.32
N THR A 37 -13.81 -8.68 -1.67
CA THR A 37 -13.68 -8.70 -0.22
C THR A 37 -13.42 -7.28 0.31
N GLN A 38 -13.38 -7.12 1.63
CA GLN A 38 -13.04 -5.88 2.31
C GLN A 38 -11.58 -5.92 2.76
N LEU A 39 -11.01 -4.74 3.02
CA LEU A 39 -9.62 -4.60 3.43
C LEU A 39 -9.52 -4.69 4.94
N LYS A 40 -8.29 -4.74 5.46
CA LYS A 40 -8.01 -4.68 6.89
C LYS A 40 -6.80 -3.79 7.10
N ASP A 41 -6.85 -2.97 8.15
CA ASP A 41 -5.89 -1.94 8.49
C ASP A 41 -4.84 -2.49 9.46
N GLY A 42 -3.55 -2.34 9.18
CA GLY A 42 -2.49 -2.94 9.98
C GLY A 42 -2.32 -2.31 11.37
N ALA A 43 -2.79 -1.06 11.55
CA ALA A 43 -2.64 -0.31 12.80
C ALA A 43 -3.31 -1.02 13.98
N THR A 44 -4.45 -1.65 13.72
CA THR A 44 -5.45 -2.02 14.70
C THR A 44 -6.13 -3.36 14.34
N GLY A 45 -6.22 -3.68 13.05
CA GLY A 45 -6.91 -4.84 12.53
C GLY A 45 -8.39 -4.58 12.23
N GLU A 46 -8.82 -3.32 12.22
CA GLU A 46 -10.14 -2.89 11.79
C GLU A 46 -10.30 -3.26 10.32
N SER A 47 -11.45 -3.78 9.96
CA SER A 47 -11.91 -3.94 8.62
C SER A 47 -12.19 -2.57 7.99
N LEU A 48 -12.03 -2.47 6.66
CA LEU A 48 -12.24 -1.24 5.91
C LEU A 48 -13.03 -1.51 4.64
N ALA A 49 -13.90 -0.57 4.31
CA ALA A 49 -14.68 -0.57 3.07
C ALA A 49 -13.83 -0.10 1.88
N SER A 50 -12.97 -0.97 1.35
CA SER A 50 -12.27 -0.76 0.09
C SER A 50 -13.28 -0.47 -1.04
N PRO A 51 -12.86 0.21 -2.13
CA PRO A 51 -11.50 0.69 -2.42
C PRO A 51 -11.19 1.99 -1.67
N VAL A 52 -9.93 2.18 -1.27
CA VAL A 52 -9.49 3.27 -0.40
C VAL A 52 -8.15 3.81 -0.87
N ILE A 53 -7.86 5.04 -0.44
CA ILE A 53 -6.68 5.83 -0.68
C ILE A 53 -6.09 6.11 0.69
N LEU A 54 -4.76 6.10 0.79
CA LEU A 54 -4.05 6.51 1.99
C LEU A 54 -3.40 7.84 1.65
N SER A 55 -3.64 8.83 2.51
CA SER A 55 -3.03 10.14 2.46
C SER A 55 -1.82 10.18 3.38
N ASP A 56 -1.07 11.29 3.34
CA ASP A 56 0.24 11.38 3.96
C ASP A 56 0.21 11.14 5.47
N GLU A 57 -0.86 11.60 6.13
CA GLU A 57 -1.02 11.50 7.58
C GLU A 57 -1.08 10.05 8.04
N GLU A 58 -1.71 9.19 7.24
CA GLU A 58 -1.93 7.79 7.53
C GLU A 58 -0.59 7.06 7.31
N LEU A 59 0.14 7.49 6.27
CA LEU A 59 1.44 7.00 5.85
C LEU A 59 2.57 7.72 6.61
N ALA A 60 2.28 8.24 7.81
CA ALA A 60 3.26 8.85 8.70
C ALA A 60 3.92 7.83 9.63
N VAL A 61 3.49 6.57 9.62
CA VAL A 61 4.09 5.51 10.42
C VAL A 61 5.33 4.94 9.72
N GLU A 62 6.15 4.22 10.48
CA GLU A 62 7.32 3.50 9.97
C GLU A 62 6.93 2.39 8.98
N LYS A 63 5.78 1.73 9.16
CA LYS A 63 5.41 0.56 8.38
C LYS A 63 3.90 0.48 8.33
N VAL A 64 3.33 0.15 7.18
CA VAL A 64 1.96 -0.32 7.12
C VAL A 64 2.00 -1.74 6.55
N THR A 65 1.00 -2.52 6.94
CA THR A 65 0.61 -3.77 6.33
C THR A 65 -0.88 -3.62 6.12
N LEU A 66 -1.41 -3.91 4.93
CA LEU A 66 -2.85 -3.98 4.76
C LEU A 66 -3.18 -5.25 4.02
N SER A 67 -4.31 -5.82 4.39
CA SER A 67 -4.65 -7.19 4.05
C SER A 67 -6.14 -7.31 3.73
N THR A 68 -6.63 -8.53 3.53
CA THR A 68 -7.97 -8.79 3.04
C THR A 68 -8.75 -9.62 4.04
N THR A 69 -10.03 -9.29 4.26
CA THR A 69 -10.82 -9.99 5.26
C THR A 69 -11.32 -11.34 4.75
N GLY A 70 -11.23 -11.62 3.45
CA GLY A 70 -11.91 -12.74 2.83
C GLY A 70 -11.38 -12.96 1.42
N LYS A 71 -12.22 -13.61 0.61
CA LYS A 71 -11.87 -14.15 -0.69
C LYS A 71 -11.72 -13.01 -1.69
N ALA A 72 -10.49 -12.53 -1.82
CA ALA A 72 -10.12 -11.44 -2.70
C ALA A 72 -9.86 -12.01 -4.09
N ILE A 73 -9.99 -11.19 -5.12
CA ILE A 73 -9.75 -11.62 -6.49
C ILE A 73 -8.70 -10.72 -7.15
N GLU A 74 -8.26 -9.65 -6.49
CA GLU A 74 -7.30 -8.71 -7.06
C GLU A 74 -6.45 -8.13 -5.96
N PHE A 75 -5.29 -7.62 -6.37
CA PHE A 75 -4.61 -6.54 -5.69
C PHE A 75 -4.20 -5.52 -6.75
N ALA A 76 -4.26 -4.23 -6.41
CA ALA A 76 -3.65 -3.17 -7.19
C ALA A 76 -3.00 -2.18 -6.21
N VAL A 77 -1.73 -1.85 -6.44
CA VAL A 77 -0.87 -1.13 -5.50
C VAL A 77 -0.06 -0.13 -6.32
N SER A 78 -0.46 1.14 -6.31
CA SER A 78 0.29 2.23 -6.93
C SER A 78 0.64 3.25 -5.85
N GLY A 79 1.66 4.07 -6.10
CA GLY A 79 2.00 5.18 -5.25
C GLY A 79 3.24 5.93 -5.73
N GLY A 80 3.48 7.07 -5.08
CA GLY A 80 4.60 7.97 -5.33
C GLY A 80 4.58 9.09 -4.29
N VAL A 81 5.46 10.08 -4.48
CA VAL A 81 5.63 11.21 -3.57
C VAL A 81 6.00 12.46 -4.39
N VAL A 82 6.30 13.57 -3.73
CA VAL A 82 6.70 14.84 -4.31
C VAL A 82 7.91 15.39 -3.57
N ASP A 83 8.20 16.68 -3.77
CA ASP A 83 9.04 17.47 -2.90
C ASP A 83 8.48 18.89 -3.01
N GLY A 84 7.69 19.30 -2.03
CA GLY A 84 6.93 20.54 -2.11
C GLY A 84 6.71 21.12 -0.73
N GLU A 85 7.53 20.77 0.25
CA GLU A 85 7.40 21.24 1.63
C GLU A 85 8.04 22.63 1.78
N ASP A 86 7.54 23.57 0.97
CA ASP A 86 8.01 24.94 0.79
C ASP A 86 9.55 25.01 0.64
N GLY A 87 10.13 24.01 -0.02
CA GLY A 87 11.52 23.98 -0.42
C GLY A 87 12.46 23.56 0.71
N VAL A 88 11.96 22.96 1.80
CA VAL A 88 12.85 22.42 2.82
C VAL A 88 13.77 21.38 2.19
N VAL A 89 15.07 21.50 2.47
CA VAL A 89 16.06 20.51 2.11
C VAL A 89 16.17 19.55 3.30
N ASN A 90 16.26 18.26 3.00
CA ASN A 90 16.32 17.13 3.90
C ASN A 90 17.24 16.09 3.24
N GLU A 91 17.08 14.80 3.55
CA GLU A 91 17.72 13.70 2.84
C GLU A 91 16.64 12.90 2.11
N PRO A 92 16.99 12.02 1.16
CA PRO A 92 16.01 11.23 0.43
C PRO A 92 15.38 10.11 1.28
N MET A 93 14.47 9.33 0.68
CA MET A 93 13.75 8.25 1.36
C MET A 93 13.65 7.01 0.47
N GLN A 94 13.11 5.90 1.00
CA GLN A 94 12.86 4.66 0.26
C GLN A 94 11.54 4.04 0.72
N TRP A 95 11.00 3.13 -0.10
CA TRP A 95 9.79 2.37 0.15
C TRP A 95 10.16 0.90 -0.08
N VAL A 96 10.24 0.09 0.97
CA VAL A 96 10.51 -1.33 0.85
C VAL A 96 9.15 -2.02 0.89
N VAL A 97 8.69 -2.57 -0.23
CA VAL A 97 7.31 -2.93 -0.49
C VAL A 97 7.25 -4.36 -1.03
N THR A 98 6.33 -5.16 -0.51
CA THR A 98 6.26 -6.58 -0.78
C THR A 98 4.78 -6.95 -0.87
N VAL A 99 4.46 -8.04 -1.58
CA VAL A 99 3.09 -8.49 -1.75
C VAL A 99 3.04 -10.00 -1.51
N TYR A 100 2.10 -10.42 -0.67
CA TYR A 100 1.84 -11.78 -0.26
C TYR A 100 0.40 -12.15 -0.62
N LYS A 101 0.14 -13.46 -0.68
CA LYS A 101 -1.10 -14.08 -1.12
C LYS A 101 -1.80 -14.73 0.07
N ASN A 102 -2.70 -15.67 -0.19
CA ASN A 102 -3.24 -16.65 0.76
C ASN A 102 -2.16 -17.62 1.29
N GLY A 103 -0.86 -17.30 1.25
CA GLY A 103 0.22 -18.13 1.77
C GLY A 103 1.38 -18.30 0.81
N LYS A 104 1.87 -17.22 0.20
CA LYS A 104 3.19 -17.09 -0.41
C LYS A 104 3.43 -15.63 -0.75
N GLU A 105 4.69 -15.22 -0.84
CA GLU A 105 5.12 -13.95 -1.44
C GLU A 105 4.97 -14.08 -2.97
N ILE A 106 4.64 -13.00 -3.67
CA ILE A 106 4.66 -12.93 -5.13
C ILE A 106 5.48 -11.74 -5.62
N GLU A 107 5.56 -10.62 -4.89
CA GLU A 107 6.39 -9.48 -5.29
C GLU A 107 7.23 -9.04 -4.11
N LYS A 108 8.42 -8.55 -4.43
CA LYS A 108 9.54 -8.36 -3.52
C LYS A 108 10.30 -7.16 -4.06
N LYS A 109 9.96 -5.95 -3.61
CA LYS A 109 10.43 -4.71 -4.21
C LYS A 109 11.01 -3.78 -3.17
N SER A 110 11.59 -2.73 -3.73
CA SER A 110 11.94 -1.50 -3.07
C SER A 110 11.80 -0.42 -4.15
N LEU A 111 11.78 0.84 -3.74
CA LEU A 111 11.91 2.03 -4.56
C LEU A 111 12.69 3.08 -3.78
N VAL A 112 13.24 4.05 -4.49
CA VAL A 112 14.03 5.15 -3.95
C VAL A 112 13.42 6.46 -4.45
N PHE A 113 13.05 7.34 -3.51
CA PHE A 113 12.54 8.67 -3.82
C PHE A 113 13.58 9.66 -3.34
N ARG A 114 13.70 10.80 -4.04
CA ARG A 114 14.71 11.79 -3.72
C ARG A 114 14.14 13.20 -3.89
N ASP A 115 14.89 14.17 -3.35
CA ASP A 115 14.60 15.58 -3.42
C ASP A 115 14.69 16.11 -4.86
N GLY A 116 14.22 17.34 -5.03
CA GLY A 116 14.28 18.11 -6.25
C GLY A 116 13.11 19.08 -6.25
N LYS A 117 11.91 18.59 -6.57
CA LYS A 117 10.66 19.33 -6.69
C LYS A 117 9.49 18.36 -6.86
N GLU A 118 8.27 18.90 -6.80
CA GLU A 118 7.02 18.28 -7.20
C GLU A 118 7.14 17.68 -8.61
N ILE A 119 6.58 16.49 -8.78
CA ILE A 119 6.48 15.71 -10.00
C ILE A 119 5.26 14.80 -9.87
N SER A 120 5.05 13.98 -10.88
CA SER A 120 4.04 12.94 -10.94
C SER A 120 4.74 11.69 -11.49
N THR A 121 5.04 10.73 -10.62
CA THR A 121 5.60 9.45 -10.99
C THR A 121 4.74 8.37 -10.36
N ASP A 122 4.14 7.55 -11.22
CA ASP A 122 3.64 6.22 -10.88
C ASP A 122 4.90 5.37 -10.67
N ASP A 123 5.67 5.66 -9.62
CA ASP A 123 6.93 4.96 -9.32
C ASP A 123 6.66 3.55 -8.80
N LEU A 124 5.51 3.35 -8.14
CA LEU A 124 4.94 2.05 -7.83
C LEU A 124 3.69 1.91 -8.69
N ASN A 125 3.54 0.79 -9.38
CA ASN A 125 2.55 0.55 -10.42
C ASN A 125 2.16 -0.93 -10.48
N LEU A 126 2.08 -1.59 -9.33
CA LEU A 126 1.89 -3.03 -9.21
C LEU A 126 0.42 -3.42 -9.32
N TYR A 127 0.15 -4.66 -9.73
CA TYR A 127 -1.15 -5.32 -9.71
C TYR A 127 -1.01 -6.85 -9.81
N TYR A 128 -2.03 -7.57 -9.32
CA TYR A 128 -2.16 -9.01 -9.30
C TYR A 128 -3.63 -9.41 -9.35
N ASN A 129 -3.90 -10.65 -9.74
CA ASN A 129 -5.16 -11.31 -9.48
C ASN A 129 -4.97 -12.81 -9.43
N GLY A 1 -22.93 -34.05 4.06
CA GLY A 1 -21.78 -33.72 3.22
C GLY A 1 -21.84 -32.22 3.07
N ASP A 2 -21.33 -31.56 4.10
CA ASP A 2 -21.76 -30.27 4.59
C ASP A 2 -20.43 -29.58 4.96
N ASP A 3 -19.58 -29.43 3.94
CA ASP A 3 -18.14 -29.57 3.96
C ASP A 3 -17.65 -28.50 2.98
N ASP A 4 -16.41 -28.07 3.17
CA ASP A 4 -15.85 -26.85 2.59
C ASP A 4 -14.41 -27.06 2.09
N GLU A 5 -14.16 -26.82 0.79
CA GLU A 5 -12.90 -27.14 0.11
C GLU A 5 -12.66 -26.20 -1.09
N PRO A 6 -12.56 -24.87 -0.90
CA PRO A 6 -12.50 -23.94 -2.01
C PRO A 6 -11.20 -24.02 -2.79
N GLY A 7 -11.24 -24.76 -3.89
CA GLY A 7 -10.08 -25.01 -4.71
C GLY A 7 -10.01 -24.14 -5.97
N GLY A 8 -10.81 -23.07 -6.08
CA GLY A 8 -10.85 -22.22 -7.27
C GLY A 8 -10.74 -20.73 -6.94
N LYS A 9 -11.56 -20.25 -5.99
CA LYS A 9 -11.86 -18.84 -5.78
C LYS A 9 -11.49 -18.55 -4.34
N GLY A 10 -10.44 -17.79 -4.12
CA GLY A 10 -10.04 -17.45 -2.75
C GLY A 10 -8.63 -16.91 -2.68
N ALA A 11 -8.45 -15.61 -2.91
CA ALA A 11 -7.27 -14.89 -2.48
C ALA A 11 -7.74 -13.81 -1.51
N MET A 12 -7.12 -13.75 -0.34
CA MET A 12 -6.92 -12.47 0.34
C MET A 12 -5.74 -11.79 -0.32
N TYR A 13 -5.64 -10.48 -0.13
CA TYR A 13 -4.50 -9.67 -0.51
C TYR A 13 -4.16 -8.78 0.70
N GLU A 14 -2.89 -8.49 0.92
CA GLU A 14 -2.38 -7.67 2.01
C GLU A 14 -1.14 -6.94 1.52
N VAL A 15 -1.14 -5.61 1.57
CA VAL A 15 -0.06 -4.76 1.11
C VAL A 15 0.71 -4.28 2.34
N THR A 16 2.00 -4.01 2.16
CA THR A 16 2.80 -3.27 3.11
C THR A 16 3.41 -2.07 2.45
N ILE A 17 3.84 -1.16 3.31
CA ILE A 17 4.81 -0.14 3.03
C ILE A 17 5.78 -0.19 4.21
N GLU A 18 7.05 0.07 3.93
CA GLU A 18 8.15 0.15 4.87
C GLU A 18 8.90 1.40 4.43
N GLN A 19 8.64 2.52 5.10
CA GLN A 19 9.26 3.80 4.83
C GLN A 19 10.63 3.80 5.51
N SER A 20 11.72 3.73 4.74
CA SER A 20 13.06 3.87 5.31
C SER A 20 13.94 4.81 4.50
N GLY A 21 15.05 5.25 5.10
CA GLY A 21 15.55 6.58 4.86
C GLY A 21 14.54 7.61 5.38
N ASP A 22 14.81 8.90 5.17
CA ASP A 22 14.05 9.95 5.83
C ASP A 22 12.67 10.12 5.18
N PHE A 23 11.55 9.95 5.92
CA PHE A 23 10.21 10.20 5.39
C PHE A 23 9.56 11.45 6.00
N ARG A 24 10.33 12.36 6.58
CA ARG A 24 9.80 13.51 7.32
C ARG A 24 9.38 14.70 6.45
N SER A 25 9.70 14.71 5.16
CA SER A 25 9.57 15.85 4.25
C SER A 25 8.80 15.52 2.95
N PHE A 26 7.91 14.52 2.92
CA PHE A 26 7.35 13.93 1.70
C PHE A 26 5.84 13.97 1.74
N ILE A 27 5.19 13.70 0.62
CA ILE A 27 3.74 13.71 0.45
C ILE A 27 3.34 12.31 0.01
N LYS A 28 3.06 11.41 0.96
CA LYS A 28 2.69 10.04 0.63
C LYS A 28 1.28 10.04 0.04
N SER A 29 1.04 9.11 -0.88
CA SER A 29 -0.24 8.74 -1.44
C SER A 29 -0.18 7.25 -1.70
N VAL A 30 -1.18 6.49 -1.23
CA VAL A 30 -1.48 5.16 -1.74
C VAL A 30 -2.98 5.11 -2.00
N VAL A 31 -3.37 4.73 -3.20
CA VAL A 31 -4.73 4.37 -3.57
C VAL A 31 -4.83 2.87 -3.36
N VAL A 32 -5.83 2.35 -2.65
CA VAL A 32 -6.12 0.92 -2.65
C VAL A 32 -7.62 0.67 -2.83
N VAL A 33 -7.94 -0.47 -3.44
CA VAL A 33 -9.27 -0.93 -3.82
C VAL A 33 -9.30 -2.41 -3.38
N ALA A 34 -10.47 -3.01 -3.19
CA ALA A 34 -10.60 -4.46 -3.27
C ALA A 34 -11.90 -4.79 -3.97
N ASN A 35 -11.85 -5.62 -5.01
CA ASN A 35 -13.03 -6.16 -5.66
C ASN A 35 -13.57 -7.29 -4.79
N GLY A 36 -14.78 -7.14 -4.25
CA GLY A 36 -15.60 -8.26 -3.79
C GLY A 36 -15.84 -8.31 -2.28
N THR A 37 -15.16 -7.49 -1.48
CA THR A 37 -15.25 -7.51 -0.03
C THR A 37 -14.82 -6.15 0.56
N GLN A 38 -14.71 -6.04 1.89
CA GLN A 38 -14.34 -4.83 2.60
C GLN A 38 -12.83 -4.84 2.92
N LEU A 39 -12.35 -3.75 3.50
CA LEU A 39 -10.95 -3.41 3.73
C LEU A 39 -10.71 -3.35 5.23
N LYS A 40 -9.45 -3.42 5.68
CA LYS A 40 -9.11 -3.55 7.09
C LYS A 40 -7.92 -2.66 7.37
N ASP A 41 -8.03 -1.82 8.39
CA ASP A 41 -6.91 -1.00 8.84
C ASP A 41 -6.00 -1.85 9.71
N GLY A 42 -4.77 -2.12 9.27
CA GLY A 42 -3.80 -2.93 9.98
C GLY A 42 -3.04 -2.17 11.06
N ALA A 43 -3.43 -0.94 11.40
CA ALA A 43 -3.09 -0.35 12.69
C ALA A 43 -3.74 -1.19 13.78
N THR A 44 -5.07 -1.21 13.80
CA THR A 44 -5.86 -1.50 14.98
C THR A 44 -6.92 -2.57 14.71
N GLY A 45 -7.29 -2.79 13.45
CA GLY A 45 -8.20 -3.83 13.02
C GLY A 45 -9.60 -3.29 12.86
N GLU A 46 -9.72 -2.15 12.19
CA GLU A 46 -10.99 -1.46 11.96
C GLU A 46 -11.43 -1.79 10.54
N SER A 47 -12.68 -2.18 10.35
CA SER A 47 -13.23 -2.48 9.04
C SER A 47 -13.52 -1.17 8.30
N LEU A 48 -13.06 -1.09 7.05
CA LEU A 48 -13.16 0.06 6.18
C LEU A 48 -13.91 -0.34 4.91
N ALA A 49 -14.27 0.65 4.10
CA ALA A 49 -15.21 0.56 2.99
C ALA A 49 -14.49 1.05 1.72
N SER A 50 -14.18 0.15 0.80
CA SER A 50 -13.39 0.47 -0.40
C SER A 50 -14.14 1.41 -1.36
N PRO A 51 -13.42 2.01 -2.34
CA PRO A 51 -11.97 2.15 -2.33
C PRO A 51 -11.54 3.16 -1.24
N VAL A 52 -10.24 3.28 -1.00
CA VAL A 52 -9.71 4.09 0.07
C VAL A 52 -8.35 4.65 -0.32
N ILE A 53 -8.07 5.84 0.18
CA ILE A 53 -6.87 6.60 -0.09
C ILE A 53 -6.17 6.71 1.25
N LEU A 54 -5.02 6.05 1.34
CA LEU A 54 -4.06 6.33 2.38
C LEU A 54 -3.38 7.61 1.92
N SER A 55 -3.81 8.73 2.49
CA SER A 55 -3.20 10.03 2.27
C SER A 55 -2.14 10.23 3.36
N ASP A 56 -1.54 11.41 3.38
CA ASP A 56 -0.32 11.66 4.15
C ASP A 56 -0.50 11.51 5.66
N GLU A 57 -1.73 11.68 6.15
CA GLU A 57 -2.13 11.45 7.53
C GLU A 57 -1.98 9.97 7.87
N GLU A 58 -2.50 9.09 7.00
CA GLU A 58 -2.55 7.65 7.21
C GLU A 58 -1.16 7.02 7.04
N LEU A 59 -0.22 7.78 6.47
CA LEU A 59 1.13 7.36 6.14
C LEU A 59 2.16 8.16 6.93
N ALA A 60 1.76 8.78 8.04
CA ALA A 60 2.61 9.50 8.98
C ALA A 60 3.49 8.57 9.85
N VAL A 61 3.59 7.30 9.49
CA VAL A 61 4.06 6.19 10.31
C VAL A 61 5.10 5.39 9.52
N GLU A 62 5.90 4.61 10.23
CA GLU A 62 7.02 3.84 9.67
C GLU A 62 6.55 2.76 8.69
N LYS A 63 5.37 2.18 8.90
CA LYS A 63 5.03 0.88 8.33
C LYS A 63 3.53 0.72 8.44
N VAL A 64 2.85 0.53 7.30
CA VAL A 64 1.40 0.56 7.25
C VAL A 64 0.94 -0.67 6.47
N THR A 65 0.65 -1.75 7.19
CA THR A 65 0.11 -2.97 6.59
C THR A 65 -1.40 -2.79 6.43
N LEU A 66 -1.96 -3.06 5.25
CA LEU A 66 -3.40 -2.99 4.99
C LEU A 66 -3.81 -4.28 4.29
N SER A 67 -5.02 -4.76 4.56
CA SER A 67 -5.54 -6.01 4.01
C SER A 67 -7.04 -5.90 3.76
N THR A 68 -7.60 -6.89 3.08
CA THR A 68 -9.04 -7.05 2.97
C THR A 68 -9.60 -7.68 4.25
N THR A 69 -10.92 -7.62 4.42
CA THR A 69 -11.63 -8.39 5.44
C THR A 69 -12.07 -9.76 4.89
N GLY A 70 -11.75 -10.08 3.62
CA GLY A 70 -12.13 -11.34 3.06
C GLY A 70 -11.53 -11.60 1.69
N LYS A 71 -12.13 -12.59 1.04
CA LYS A 71 -11.95 -13.00 -0.35
C LYS A 71 -12.07 -11.78 -1.27
N ALA A 72 -11.02 -11.46 -2.00
CA ALA A 72 -11.04 -10.39 -2.99
C ALA A 72 -10.60 -10.90 -4.36
N ILE A 73 -10.82 -10.10 -5.40
CA ILE A 73 -10.48 -10.43 -6.77
C ILE A 73 -9.61 -9.32 -7.39
N GLU A 74 -9.32 -8.23 -6.68
CA GLU A 74 -8.37 -7.20 -7.10
C GLU A 74 -7.76 -6.53 -5.89
N PHE A 75 -6.63 -5.85 -6.10
CA PHE A 75 -5.91 -5.07 -5.11
C PHE A 75 -4.98 -4.09 -5.81
N ALA A 76 -5.54 -3.05 -6.42
CA ALA A 76 -4.77 -2.02 -7.09
C ALA A 76 -3.98 -1.20 -6.06
N VAL A 77 -2.77 -0.77 -6.41
CA VAL A 77 -1.87 0.03 -5.60
C VAL A 77 -1.18 1.02 -6.56
N SER A 78 -1.45 2.31 -6.40
CA SER A 78 -0.74 3.38 -7.10
C SER A 78 -0.28 4.42 -6.07
N GLY A 79 0.72 5.24 -6.40
CA GLY A 79 1.26 6.24 -5.48
C GLY A 79 2.72 6.58 -5.81
N GLY A 80 3.35 7.36 -4.93
CA GLY A 80 4.74 7.76 -5.02
C GLY A 80 5.11 8.74 -3.91
N VAL A 81 6.40 9.08 -3.81
CA VAL A 81 6.93 10.11 -2.92
C VAL A 81 8.17 10.79 -3.55
N VAL A 82 8.22 12.12 -3.51
CA VAL A 82 9.41 12.95 -3.65
C VAL A 82 9.36 14.14 -2.70
N ASP A 83 10.55 14.64 -2.35
CA ASP A 83 10.81 15.70 -1.38
C ASP A 83 9.98 16.91 -1.74
N GLY A 84 9.13 17.36 -0.81
CA GLY A 84 8.17 18.41 -1.08
C GLY A 84 8.78 19.80 -1.09
N GLU A 85 10.06 19.97 -0.77
CA GLU A 85 10.65 21.23 -0.38
C GLU A 85 11.99 21.48 -1.08
N ASP A 86 12.50 22.70 -0.89
CA ASP A 86 13.70 23.26 -1.49
C ASP A 86 14.47 24.04 -0.42
N GLY A 87 14.37 23.58 0.82
CA GLY A 87 14.86 24.29 1.99
C GLY A 87 15.29 23.37 3.13
N VAL A 88 15.07 22.05 3.04
CA VAL A 88 15.39 21.13 4.12
C VAL A 88 16.21 20.01 3.50
N VAL A 89 17.51 20.24 3.37
CA VAL A 89 18.48 19.26 2.87
C VAL A 89 18.45 18.05 3.82
N ASN A 90 17.72 16.98 3.42
CA ASN A 90 17.52 15.74 4.16
C ASN A 90 18.21 14.58 3.41
N GLU A 91 18.46 13.47 4.11
CA GLU A 91 18.90 12.24 3.46
C GLU A 91 17.73 11.60 2.74
N PRO A 92 17.98 10.84 1.67
CA PRO A 92 16.92 10.32 0.81
C PRO A 92 16.25 9.05 1.35
N MET A 93 15.27 8.50 0.62
CA MET A 93 14.37 7.48 1.10
C MET A 93 14.20 6.35 0.11
N GLN A 94 13.59 5.29 0.59
CA GLN A 94 13.12 4.15 -0.16
C GLN A 94 11.77 3.75 0.42
N TRP A 95 11.00 3.13 -0.45
CA TRP A 95 9.74 2.49 -0.16
C TRP A 95 9.98 1.02 -0.47
N VAL A 96 9.95 0.13 0.52
CA VAL A 96 9.84 -1.30 0.27
C VAL A 96 8.34 -1.60 0.35
N VAL A 97 7.80 -2.23 -0.69
CA VAL A 97 6.38 -2.31 -0.96
C VAL A 97 6.08 -3.73 -1.43
N THR A 98 5.69 -4.56 -0.47
CA THR A 98 5.44 -5.98 -0.67
C THR A 98 3.95 -6.16 -0.91
N VAL A 99 3.54 -7.33 -1.42
CA VAL A 99 2.14 -7.77 -1.41
C VAL A 99 2.19 -9.23 -0.98
N TYR A 100 1.48 -9.53 0.09
CA TYR A 100 1.18 -10.86 0.56
C TYR A 100 -0.21 -11.23 0.04
N LYS A 101 -0.45 -12.52 -0.04
CA LYS A 101 -1.72 -13.14 -0.36
C LYS A 101 -2.23 -13.78 0.94
N ASN A 102 -3.20 -14.70 0.80
CA ASN A 102 -3.69 -15.58 1.85
C ASN A 102 -2.56 -16.50 2.33
N GLY A 103 -1.73 -15.98 3.23
CA GLY A 103 -0.75 -16.72 4.02
C GLY A 103 0.62 -16.89 3.35
N LYS A 104 0.96 -16.09 2.32
CA LYS A 104 2.22 -16.19 1.58
C LYS A 104 2.60 -14.84 0.95
N GLU A 105 3.81 -14.67 0.43
CA GLU A 105 4.29 -13.47 -0.26
C GLU A 105 4.16 -13.69 -1.78
N ILE A 106 3.65 -12.72 -2.55
CA ILE A 106 3.50 -12.83 -4.02
C ILE A 106 4.10 -11.67 -4.80
N GLU A 107 4.44 -10.56 -4.15
CA GLU A 107 5.14 -9.41 -4.74
C GLU A 107 6.30 -9.08 -3.81
N LYS A 108 7.38 -8.49 -4.31
CA LYS A 108 8.49 -8.06 -3.48
C LYS A 108 9.29 -7.02 -4.27
N LYS A 109 8.80 -5.77 -4.32
CA LYS A 109 9.51 -4.69 -5.01
C LYS A 109 9.76 -3.54 -4.05
N SER A 110 10.58 -2.59 -4.48
CA SER A 110 10.97 -1.44 -3.70
C SER A 110 11.40 -0.35 -4.69
N LEU A 111 11.31 0.90 -4.25
CA LEU A 111 11.66 2.08 -4.99
C LEU A 111 12.55 2.93 -4.09
N VAL A 112 12.86 4.10 -4.61
CA VAL A 112 13.99 4.92 -4.23
C VAL A 112 13.80 6.31 -4.85
N PHE A 113 13.73 7.37 -4.03
CA PHE A 113 13.73 8.76 -4.50
C PHE A 113 14.51 9.64 -3.55
N ARG A 114 14.80 10.88 -3.98
CA ARG A 114 15.66 11.84 -3.27
C ARG A 114 15.10 13.24 -3.48
N ASP A 115 15.71 14.19 -2.79
CA ASP A 115 15.61 15.64 -3.01
C ASP A 115 15.79 15.99 -4.49
N GLY A 116 15.01 16.96 -4.97
CA GLY A 116 15.35 17.75 -6.15
C GLY A 116 14.49 17.46 -7.38
N LYS A 117 13.41 16.68 -7.27
CA LYS A 117 12.61 16.29 -8.43
C LYS A 117 11.11 16.34 -8.13
N GLU A 118 10.47 17.46 -8.44
CA GLU A 118 9.00 17.59 -8.43
C GLU A 118 8.35 16.69 -9.48
N ILE A 119 7.83 15.53 -9.07
CA ILE A 119 7.18 14.48 -9.87
C ILE A 119 6.05 13.86 -9.00
N SER A 120 5.22 12.95 -9.53
CA SER A 120 4.29 12.16 -8.68
C SER A 120 3.59 10.97 -9.37
N THR A 121 3.97 10.66 -10.59
CA THR A 121 3.23 9.77 -11.49
C THR A 121 4.20 8.81 -12.19
N ASP A 122 5.30 8.45 -11.51
CA ASP A 122 6.34 7.58 -12.04
C ASP A 122 7.02 6.89 -10.85
N ASP A 123 6.21 6.20 -10.05
CA ASP A 123 6.63 5.51 -8.83
C ASP A 123 5.95 4.14 -8.83
N LEU A 124 4.68 4.04 -8.38
CA LEU A 124 3.96 2.77 -8.25
C LEU A 124 2.79 2.68 -9.22
N ASN A 125 2.76 1.57 -9.97
CA ASN A 125 1.72 1.14 -10.90
C ASN A 125 1.56 -0.37 -10.72
N LEU A 126 0.78 -0.79 -9.72
CA LEU A 126 0.47 -2.19 -9.42
C LEU A 126 -1.04 -2.37 -9.53
N TYR A 127 -1.48 -3.36 -10.29
CA TYR A 127 -2.89 -3.62 -10.56
C TYR A 127 -3.07 -5.15 -10.57
N TYR A 128 -3.02 -5.74 -9.37
CA TYR A 128 -3.28 -7.16 -9.22
C TYR A 128 -4.78 -7.44 -9.33
N ASN A 129 -5.11 -8.65 -9.81
CA ASN A 129 -6.46 -9.16 -10.01
C ASN A 129 -6.45 -10.68 -9.94
N GLY A 1 -33.75 -11.34 -0.90
CA GLY A 1 -35.05 -11.65 -1.50
C GLY A 1 -34.98 -11.29 -2.97
N ASP A 2 -34.58 -12.25 -3.83
CA ASP A 2 -33.55 -12.07 -4.87
C ASP A 2 -32.24 -12.05 -4.10
N ASP A 3 -31.45 -13.11 -4.22
CA ASP A 3 -30.43 -13.51 -3.29
C ASP A 3 -29.30 -14.04 -4.14
N ASP A 4 -28.11 -13.98 -3.60
CA ASP A 4 -26.84 -14.01 -4.32
C ASP A 4 -25.83 -14.73 -3.44
N GLU A 5 -24.79 -15.31 -4.02
CA GLU A 5 -23.72 -15.99 -3.30
C GLU A 5 -22.51 -15.99 -4.21
N PRO A 6 -21.69 -14.93 -4.18
CA PRO A 6 -20.45 -14.93 -4.92
C PRO A 6 -19.51 -16.01 -4.37
N GLY A 7 -18.66 -16.58 -5.22
CA GLY A 7 -17.77 -17.65 -4.81
C GLY A 7 -17.17 -18.49 -5.92
N GLY A 8 -16.38 -17.86 -6.79
CA GLY A 8 -15.50 -18.56 -7.70
C GLY A 8 -14.25 -19.03 -6.94
N LYS A 9 -13.12 -18.33 -7.11
CA LYS A 9 -11.81 -18.66 -6.57
C LYS A 9 -10.96 -17.40 -6.64
N GLY A 10 -9.96 -17.30 -5.77
CA GLY A 10 -9.00 -16.21 -5.67
C GLY A 10 -7.81 -16.66 -4.82
N ALA A 11 -7.18 -15.75 -4.06
CA ALA A 11 -6.04 -16.05 -3.19
C ALA A 11 -6.05 -15.18 -1.93
N MET A 12 -5.07 -15.42 -1.06
CA MET A 12 -4.58 -14.49 -0.04
C MET A 12 -3.44 -13.68 -0.65
N TYR A 13 -3.30 -12.47 -0.14
CA TYR A 13 -2.32 -11.48 -0.45
C TYR A 13 -2.18 -10.50 0.73
N GLU A 14 -0.93 -10.21 1.06
CA GLU A 14 -0.46 -9.18 1.97
C GLU A 14 0.57 -8.40 1.16
N VAL A 15 0.55 -7.08 1.28
CA VAL A 15 1.61 -6.20 0.84
C VAL A 15 2.25 -5.64 2.11
N THR A 16 3.54 -5.35 2.03
CA THR A 16 4.20 -4.53 3.01
C THR A 16 4.85 -3.36 2.30
N ILE A 17 5.12 -2.32 3.06
CA ILE A 17 5.93 -1.17 2.75
C ILE A 17 6.92 -1.03 3.90
N GLU A 18 8.19 -0.80 3.57
CA GLU A 18 9.15 -0.14 4.43
C GLU A 18 9.43 1.22 3.78
N GLN A 19 9.53 2.25 4.60
CA GLN A 19 9.73 3.64 4.21
C GLN A 19 11.00 4.09 4.89
N SER A 20 12.03 4.44 4.13
CA SER A 20 13.35 4.73 4.68
C SER A 20 14.03 5.86 3.92
N GLY A 21 15.17 6.32 4.45
CA GLY A 21 15.79 7.57 4.07
C GLY A 21 15.19 8.61 5.00
N ASP A 22 14.15 9.30 4.56
CA ASP A 22 13.26 10.11 5.39
C ASP A 22 11.84 9.93 4.84
N PHE A 23 10.82 10.46 5.51
CA PHE A 23 9.46 10.54 4.98
C PHE A 23 8.64 11.64 5.66
N ARG A 24 9.25 12.49 6.51
CA ARG A 24 8.57 13.46 7.35
C ARG A 24 7.66 14.41 6.57
N SER A 25 8.11 14.87 5.39
CA SER A 25 7.41 15.86 4.56
C SER A 25 7.30 15.33 3.13
N PHE A 26 6.80 14.10 2.97
CA PHE A 26 6.69 13.40 1.71
C PHE A 26 5.23 13.04 1.52
N ILE A 27 4.57 13.73 0.61
CA ILE A 27 3.11 13.73 0.42
C ILE A 27 2.71 12.39 -0.19
N LYS A 28 2.44 11.40 0.66
CA LYS A 28 2.31 9.99 0.31
C LYS A 28 0.87 9.53 0.50
N SER A 29 0.27 8.98 -0.54
CA SER A 29 -1.01 8.26 -0.48
C SER A 29 -0.85 6.89 -1.12
N VAL A 30 -1.76 5.98 -0.78
CA VAL A 30 -1.78 4.61 -1.27
C VAL A 30 -3.24 4.24 -1.55
N VAL A 31 -3.49 3.64 -2.70
CA VAL A 31 -4.75 3.00 -3.07
C VAL A 31 -4.70 1.58 -2.52
N VAL A 32 -5.79 1.09 -1.91
CA VAL A 32 -5.96 -0.32 -1.57
C VAL A 32 -7.40 -0.71 -1.94
N VAL A 33 -7.56 -1.78 -2.70
CA VAL A 33 -8.81 -2.31 -3.19
C VAL A 33 -8.69 -3.82 -3.05
N ALA A 34 -9.58 -4.42 -2.27
CA ALA A 34 -9.75 -5.86 -2.24
C ALA A 34 -11.21 -6.17 -2.53
N ASN A 35 -11.45 -7.38 -3.02
CA ASN A 35 -12.74 -7.89 -3.47
C ASN A 35 -13.13 -9.10 -2.62
N GLY A 36 -14.26 -9.03 -1.91
CA GLY A 36 -14.99 -10.20 -1.38
C GLY A 36 -14.76 -10.46 0.11
N THR A 37 -13.85 -9.74 0.74
CA THR A 37 -13.42 -9.88 2.12
C THR A 37 -13.22 -8.46 2.70
N GLN A 38 -12.53 -8.32 3.83
CA GLN A 38 -12.17 -7.03 4.41
C GLN A 38 -10.65 -6.94 4.56
N LEU A 39 -10.15 -5.80 5.04
CA LEU A 39 -8.73 -5.48 5.12
C LEU A 39 -8.32 -5.41 6.58
N LYS A 40 -7.02 -5.38 6.84
CA LYS A 40 -6.46 -5.32 8.19
C LYS A 40 -5.32 -4.32 8.20
N ASP A 41 -5.49 -3.23 8.93
CA ASP A 41 -4.45 -2.22 9.13
C ASP A 41 -3.34 -2.83 9.98
N GLY A 42 -2.10 -2.77 9.52
CA GLY A 42 -0.94 -3.31 10.22
C GLY A 42 -0.63 -2.60 11.53
N ALA A 43 -1.06 -1.36 11.73
CA ALA A 43 -0.80 -0.61 12.96
C ALA A 43 -1.36 -1.37 14.16
N THR A 44 -2.62 -1.76 14.09
CA THR A 44 -3.43 -2.11 15.26
C THR A 44 -4.28 -3.35 14.99
N GLY A 45 -4.35 -3.84 13.74
CA GLY A 45 -5.18 -4.96 13.34
C GLY A 45 -6.63 -4.53 13.08
N GLU A 46 -6.89 -3.23 12.98
CA GLU A 46 -8.17 -2.63 12.68
C GLU A 46 -8.69 -3.22 11.38
N SER A 47 -9.89 -3.81 11.42
CA SER A 47 -10.46 -4.47 10.25
C SER A 47 -11.08 -3.37 9.40
N LEU A 48 -10.43 -2.99 8.29
CA LEU A 48 -10.87 -1.92 7.42
C LEU A 48 -11.88 -2.46 6.41
N ALA A 49 -12.64 -1.58 5.75
CA ALA A 49 -13.68 -1.88 4.79
C ALA A 49 -13.23 -1.27 3.48
N SER A 50 -12.87 -2.14 2.54
CA SER A 50 -12.31 -1.84 1.23
C SER A 50 -13.40 -1.47 0.21
N PRO A 51 -13.09 -0.64 -0.80
CA PRO A 51 -11.81 0.01 -1.05
C PRO A 51 -11.56 1.17 -0.07
N VAL A 52 -10.31 1.63 0.04
CA VAL A 52 -9.96 2.84 0.77
C VAL A 52 -8.65 3.39 0.25
N ILE A 53 -8.44 4.68 0.48
CA ILE A 53 -7.22 5.41 0.19
C ILE A 53 -6.66 5.88 1.53
N LEU A 54 -5.47 5.39 1.88
CA LEU A 54 -4.68 5.99 2.96
C LEU A 54 -4.14 7.32 2.47
N SER A 55 -4.05 8.26 3.40
CA SER A 55 -3.39 9.53 3.19
C SER A 55 -2.09 9.56 3.97
N ASP A 56 -1.36 10.66 3.81
CA ASP A 56 -0.06 10.93 4.42
C ASP A 56 -0.09 10.90 5.95
N GLU A 57 -1.28 11.09 6.52
CA GLU A 57 -1.59 11.01 7.94
C GLU A 57 -1.43 9.60 8.48
N GLU A 58 -1.62 8.58 7.64
CA GLU A 58 -1.68 7.17 8.01
C GLU A 58 -0.34 6.49 7.71
N LEU A 59 0.42 7.06 6.78
CA LEU A 59 1.68 6.57 6.25
C LEU A 59 2.85 7.27 6.94
N ALA A 60 2.63 7.92 8.09
CA ALA A 60 3.61 8.71 8.83
C ALA A 60 4.70 7.88 9.53
N VAL A 61 4.84 6.60 9.18
CA VAL A 61 5.53 5.56 9.94
C VAL A 61 6.55 4.83 9.05
N GLU A 62 7.38 4.00 9.66
CA GLU A 62 8.39 3.20 8.98
C GLU A 62 7.81 1.99 8.23
N LYS A 63 6.60 1.56 8.60
CA LYS A 63 5.98 0.28 8.16
C LYS A 63 4.46 0.43 8.13
N VAL A 64 3.81 -0.04 7.06
CA VAL A 64 2.33 -0.07 6.96
C VAL A 64 1.88 -1.38 6.29
N THR A 65 1.80 -2.45 7.06
CA THR A 65 1.46 -3.79 6.57
C THR A 65 -0.05 -3.85 6.27
N LEU A 66 -0.46 -4.34 5.09
CA LEU A 66 -1.88 -4.52 4.76
C LEU A 66 -2.09 -5.90 4.19
N SER A 67 -3.07 -6.61 4.73
CA SER A 67 -3.52 -7.92 4.29
C SER A 67 -5.03 -7.99 4.40
N THR A 68 -5.61 -9.02 3.81
CA THR A 68 -7.04 -9.26 3.82
C THR A 68 -7.40 -10.16 5.00
N THR A 69 -8.64 -10.05 5.46
CA THR A 69 -9.20 -10.83 6.56
C THR A 69 -9.72 -12.21 6.08
N GLY A 70 -9.39 -12.61 4.84
CA GLY A 70 -9.68 -13.91 4.27
C GLY A 70 -9.29 -13.89 2.80
N LYS A 71 -9.61 -14.95 2.04
CA LYS A 71 -9.38 -14.95 0.59
C LYS A 71 -10.10 -13.78 -0.05
N ALA A 72 -9.49 -13.14 -1.03
CA ALA A 72 -10.10 -12.11 -1.85
C ALA A 72 -9.98 -12.51 -3.31
N ILE A 73 -10.52 -11.68 -4.21
CA ILE A 73 -10.50 -11.91 -5.65
C ILE A 73 -9.70 -10.82 -6.36
N GLU A 74 -9.34 -9.72 -5.68
CA GLU A 74 -8.40 -8.72 -6.18
C GLU A 74 -7.58 -8.20 -5.01
N PHE A 75 -6.39 -7.68 -5.30
CA PHE A 75 -5.62 -6.79 -4.45
C PHE A 75 -4.91 -5.81 -5.39
N ALA A 76 -5.42 -4.58 -5.47
CA ALA A 76 -4.85 -3.53 -6.29
C ALA A 76 -4.28 -2.47 -5.37
N VAL A 77 -2.99 -2.21 -5.52
CA VAL A 77 -2.15 -1.40 -4.69
C VAL A 77 -1.32 -0.48 -5.56
N SER A 78 -1.45 0.82 -5.34
CA SER A 78 -0.91 1.84 -6.21
C SER A 78 -0.52 3.04 -5.36
N GLY A 79 0.44 3.81 -5.84
CA GLY A 79 0.80 5.09 -5.24
C GLY A 79 2.09 5.60 -5.85
N GLY A 80 2.54 6.74 -5.33
CA GLY A 80 3.86 7.28 -5.53
C GLY A 80 4.08 8.30 -4.42
N VAL A 81 5.26 8.89 -4.36
CA VAL A 81 5.50 10.06 -3.54
C VAL A 81 6.70 10.78 -4.15
N VAL A 82 6.79 12.07 -3.90
CA VAL A 82 7.95 12.90 -4.17
C VAL A 82 8.10 13.88 -3.01
N ASP A 83 9.20 14.62 -3.03
CA ASP A 83 9.35 15.85 -2.29
C ASP A 83 8.19 16.73 -2.70
N GLY A 84 7.56 17.40 -1.75
CA GLY A 84 6.56 18.43 -2.03
C GLY A 84 7.12 19.80 -1.73
N GLU A 85 8.26 19.86 -1.03
CA GLU A 85 8.86 21.13 -0.66
C GLU A 85 9.88 21.50 -1.73
N ASP A 86 10.25 22.77 -1.75
CA ASP A 86 11.31 23.32 -2.59
C ASP A 86 11.71 24.63 -1.91
N GLY A 87 12.30 24.51 -0.72
CA GLY A 87 12.51 25.66 0.17
C GLY A 87 12.74 25.31 1.64
N VAL A 88 12.48 24.08 2.09
CA VAL A 88 12.94 23.56 3.37
C VAL A 88 13.76 22.31 3.07
N VAL A 89 14.90 22.18 3.74
CA VAL A 89 15.79 21.04 3.64
C VAL A 89 15.08 19.83 4.24
N ASN A 90 14.86 18.78 3.45
CA ASN A 90 14.36 17.49 3.90
C ASN A 90 15.15 16.43 3.14
N GLU A 91 15.57 15.36 3.82
CA GLU A 91 16.29 14.27 3.18
C GLU A 91 15.36 13.48 2.25
N PRO A 92 15.89 12.82 1.22
CA PRO A 92 15.10 12.02 0.29
C PRO A 92 14.86 10.59 0.80
N MET A 93 14.22 9.74 -0.01
CA MET A 93 13.57 8.55 0.50
C MET A 93 13.59 7.39 -0.49
N GLN A 94 13.07 6.25 -0.02
CA GLN A 94 12.76 5.06 -0.78
C GLN A 94 11.47 4.44 -0.24
N TRP A 95 10.79 3.68 -1.07
CA TRP A 95 9.76 2.72 -0.70
C TRP A 95 10.29 1.35 -1.09
N VAL A 96 10.42 0.41 -0.14
CA VAL A 96 10.68 -0.98 -0.50
C VAL A 96 9.49 -1.82 -0.05
N VAL A 97 8.68 -2.20 -1.03
CA VAL A 97 7.47 -2.96 -0.82
C VAL A 97 7.77 -4.42 -1.09
N THR A 98 6.84 -5.28 -0.72
CA THR A 98 6.98 -6.71 -0.88
C THR A 98 5.56 -7.28 -0.93
N VAL A 99 5.34 -8.35 -1.69
CA VAL A 99 4.03 -9.00 -1.78
C VAL A 99 4.20 -10.45 -1.34
N TYR A 100 3.30 -10.89 -0.47
CA TYR A 100 3.23 -12.22 0.08
C TYR A 100 1.88 -12.81 -0.33
N LYS A 101 1.90 -13.88 -1.11
CA LYS A 101 0.75 -14.70 -1.48
C LYS A 101 0.35 -15.58 -0.27
N ASN A 102 -0.47 -16.61 -0.51
CA ASN A 102 -0.88 -17.66 0.44
C ASN A 102 0.38 -18.42 0.91
N GLY A 103 1.11 -17.84 1.87
CA GLY A 103 2.24 -18.47 2.56
C GLY A 103 3.51 -18.56 1.71
N LYS A 104 3.79 -17.55 0.88
CA LYS A 104 5.10 -17.33 0.27
C LYS A 104 5.25 -15.87 -0.13
N GLU A 105 6.48 -15.36 -0.17
CA GLU A 105 6.82 -14.09 -0.79
C GLU A 105 6.89 -14.31 -2.30
N ILE A 106 6.41 -13.37 -3.10
CA ILE A 106 6.39 -13.47 -4.56
C ILE A 106 6.95 -12.23 -5.26
N GLU A 107 7.05 -11.07 -4.60
CA GLU A 107 7.46 -9.82 -5.23
C GLU A 107 8.19 -8.99 -4.18
N LYS A 108 9.23 -8.24 -4.56
CA LYS A 108 10.07 -7.50 -3.64
C LYS A 108 10.63 -6.18 -4.21
N LYS A 109 9.85 -5.43 -5.00
CA LYS A 109 10.36 -4.24 -5.70
C LYS A 109 10.59 -3.06 -4.75
N SER A 110 11.58 -2.24 -5.07
CA SER A 110 11.98 -1.04 -4.39
C SER A 110 11.90 0.14 -5.37
N LEU A 111 11.70 1.35 -4.84
CA LEU A 111 11.59 2.59 -5.60
C LEU A 111 12.48 3.65 -4.96
N VAL A 112 12.66 4.79 -5.63
CA VAL A 112 13.46 5.92 -5.16
C VAL A 112 12.81 7.21 -5.66
N PHE A 113 12.90 8.30 -4.89
CA PHE A 113 12.89 9.67 -5.41
C PHE A 113 13.91 10.46 -4.63
N ARG A 114 14.58 11.41 -5.30
CA ARG A 114 15.48 12.34 -4.66
C ARG A 114 15.26 13.68 -5.34
N ASP A 115 14.56 14.57 -4.65
CA ASP A 115 14.26 15.93 -5.08
C ASP A 115 13.50 15.94 -6.43
N GLY A 116 13.25 17.13 -6.95
CA GLY A 116 12.92 17.41 -8.33
C GLY A 116 11.81 18.42 -8.39
N LYS A 117 10.64 18.04 -7.87
CA LYS A 117 9.48 18.86 -7.57
C LYS A 117 8.35 17.93 -7.13
N GLU A 118 7.29 18.54 -6.62
CA GLU A 118 5.95 17.98 -6.56
C GLU A 118 5.47 17.60 -7.96
N ILE A 119 4.76 16.47 -8.03
CA ILE A 119 4.06 15.88 -9.16
C ILE A 119 3.12 14.81 -8.53
N SER A 120 2.47 14.02 -9.38
CA SER A 120 2.02 12.68 -9.03
C SER A 120 2.82 11.71 -9.90
N THR A 121 2.92 10.47 -9.44
CA THR A 121 3.67 9.41 -10.12
C THR A 121 3.02 8.11 -9.70
N ASP A 122 3.09 7.11 -10.56
CA ASP A 122 2.36 5.84 -10.46
C ASP A 122 3.38 4.71 -10.30
N ASP A 123 4.50 5.07 -9.66
CA ASP A 123 5.74 4.32 -9.54
C ASP A 123 5.53 3.00 -8.79
N LEU A 124 4.63 3.01 -7.80
CA LEU A 124 4.03 1.80 -7.25
C LEU A 124 2.78 1.55 -8.06
N ASN A 125 2.80 0.44 -8.77
CA ASN A 125 1.70 -0.18 -9.43
C ASN A 125 1.88 -1.67 -9.17
N LEU A 126 0.97 -2.27 -8.41
CA LEU A 126 0.97 -3.66 -7.99
C LEU A 126 -0.48 -4.10 -8.08
N TYR A 127 -0.78 -5.04 -8.97
CA TYR A 127 -2.12 -5.56 -9.14
C TYR A 127 -2.03 -7.08 -9.21
N TYR A 128 -2.85 -7.75 -8.41
CA TYR A 128 -2.98 -9.20 -8.35
C TYR A 128 -4.45 -9.55 -8.15
N ASN A 129 -4.80 -10.81 -8.42
CA ASN A 129 -6.17 -11.29 -8.41
C ASN A 129 -6.23 -12.74 -7.96
N GLY A 1 -15.19 -34.51 6.05
CA GLY A 1 -14.82 -33.76 7.27
C GLY A 1 -13.43 -34.21 7.68
N ASP A 2 -12.45 -33.28 7.64
CA ASP A 2 -11.38 -33.37 6.65
C ASP A 2 -12.09 -33.28 5.29
N ASP A 3 -12.23 -32.06 4.79
CA ASP A 3 -13.05 -31.63 3.65
C ASP A 3 -12.31 -30.43 3.09
N ASP A 4 -11.73 -30.49 1.89
CA ASP A 4 -11.19 -29.31 1.21
C ASP A 4 -11.10 -29.62 -0.28
N GLU A 5 -11.71 -28.76 -1.09
CA GLU A 5 -11.76 -28.83 -2.55
C GLU A 5 -11.95 -27.39 -3.05
N PRO A 6 -10.87 -26.62 -3.21
CA PRO A 6 -10.91 -25.26 -3.72
C PRO A 6 -11.02 -25.26 -5.24
N GLY A 7 -11.15 -24.08 -5.82
CA GLY A 7 -10.93 -23.86 -7.23
C GLY A 7 -10.53 -22.39 -7.40
N GLY A 8 -11.22 -21.69 -8.29
CA GLY A 8 -10.91 -20.33 -8.66
C GLY A 8 -11.88 -19.29 -8.12
N LYS A 9 -12.51 -19.54 -6.97
CA LYS A 9 -13.31 -18.54 -6.29
C LYS A 9 -12.61 -18.08 -5.02
N GLY A 10 -11.84 -17.01 -5.15
CA GLY A 10 -11.51 -16.11 -4.07
C GLY A 10 -10.04 -16.00 -3.77
N ALA A 11 -9.58 -14.75 -3.69
CA ALA A 11 -8.33 -14.36 -3.09
C ALA A 11 -8.63 -13.31 -2.03
N MET A 12 -8.23 -13.58 -0.79
CA MET A 12 -7.77 -12.56 0.12
C MET A 12 -6.37 -12.13 -0.27
N TYR A 13 -5.89 -11.12 0.43
CA TYR A 13 -4.60 -10.51 0.23
C TYR A 13 -4.25 -9.59 1.40
N GLU A 14 -3.00 -9.10 1.42
CA GLU A 14 -2.48 -8.21 2.44
C GLU A 14 -1.23 -7.52 1.86
N VAL A 15 -1.29 -6.24 1.49
CA VAL A 15 -0.13 -5.42 1.20
C VAL A 15 0.48 -4.92 2.50
N THR A 16 1.75 -4.54 2.41
CA THR A 16 2.47 -3.82 3.44
C THR A 16 3.14 -2.62 2.79
N ILE A 17 3.45 -1.65 3.62
CA ILE A 17 4.22 -0.49 3.23
C ILE A 17 5.23 -0.25 4.34
N GLU A 18 6.47 -0.70 4.16
CA GLU A 18 7.56 -0.23 4.99
C GLU A 18 7.92 1.18 4.51
N GLN A 19 8.36 2.03 5.43
CA GLN A 19 9.08 3.23 5.13
C GLN A 19 10.45 3.09 5.79
N SER A 20 11.48 3.70 5.22
CA SER A 20 12.83 3.76 5.78
C SER A 20 13.37 5.16 5.50
N GLY A 21 14.43 5.58 6.21
CA GLY A 21 14.96 6.94 6.11
C GLY A 21 13.91 7.96 6.55
N ASP A 22 14.03 9.19 6.03
CA ASP A 22 13.28 10.36 6.47
C ASP A 22 11.92 10.38 5.80
N PHE A 23 11.02 9.54 6.28
CA PHE A 23 9.72 9.40 5.67
C PHE A 23 8.76 10.55 5.96
N ARG A 24 9.20 11.71 6.49
CA ARG A 24 8.30 12.71 7.08
C ARG A 24 8.10 13.96 6.22
N SER A 25 8.64 14.04 5.00
CA SER A 25 8.43 15.16 4.09
C SER A 25 8.35 14.71 2.62
N PHE A 26 7.48 13.75 2.29
CA PHE A 26 7.24 13.28 0.92
C PHE A 26 5.73 13.15 0.67
N ILE A 27 5.26 13.58 -0.49
CA ILE A 27 3.84 13.60 -0.86
C ILE A 27 3.41 12.18 -1.24
N LYS A 28 2.88 11.39 -0.31
CA LYS A 28 2.50 10.00 -0.57
C LYS A 28 1.06 9.95 -1.04
N SER A 29 0.71 8.95 -1.86
CA SER A 29 -0.65 8.70 -2.31
C SER A 29 -0.92 7.20 -2.28
N VAL A 30 -2.14 6.78 -1.93
CA VAL A 30 -2.58 5.41 -2.14
C VAL A 30 -4.02 5.47 -2.61
N VAL A 31 -4.30 4.80 -3.73
CA VAL A 31 -5.62 4.56 -4.26
C VAL A 31 -5.89 3.08 -4.03
N VAL A 32 -6.75 2.75 -3.06
CA VAL A 32 -7.01 1.41 -2.56
C VAL A 32 -8.46 1.01 -2.82
N VAL A 33 -8.65 -0.16 -3.42
CA VAL A 33 -9.95 -0.68 -3.83
C VAL A 33 -10.04 -2.14 -3.38
N ALA A 34 -11.18 -2.57 -2.85
CA ALA A 34 -11.51 -3.98 -2.67
C ALA A 34 -12.89 -4.23 -3.27
N ASN A 35 -12.90 -4.90 -4.40
CA ASN A 35 -14.12 -5.39 -5.05
C ASN A 35 -14.75 -6.42 -4.11
N GLY A 36 -15.93 -6.13 -3.58
CA GLY A 36 -16.78 -7.08 -2.84
C GLY A 36 -16.67 -7.02 -1.30
N THR A 37 -15.68 -6.34 -0.72
CA THR A 37 -15.44 -6.38 0.72
C THR A 37 -14.83 -5.06 1.21
N GLN A 38 -14.72 -4.92 2.54
CA GLN A 38 -14.04 -3.81 3.17
C GLN A 38 -12.56 -4.12 3.36
N LEU A 39 -11.82 -3.04 3.55
CA LEU A 39 -10.43 -3.00 3.97
C LEU A 39 -10.40 -2.99 5.49
N LYS A 40 -9.24 -3.33 6.04
CA LYS A 40 -8.93 -3.23 7.44
C LYS A 40 -7.68 -2.37 7.53
N ASP A 41 -7.75 -1.29 8.32
CA ASP A 41 -6.58 -0.48 8.61
C ASP A 41 -5.73 -1.26 9.61
N GLY A 42 -4.49 -1.56 9.27
CA GLY A 42 -3.61 -2.30 10.16
C GLY A 42 -3.17 -1.51 11.39
N ALA A 43 -3.25 -0.17 11.38
CA ALA A 43 -2.66 0.64 12.45
C ALA A 43 -3.41 0.50 13.78
N THR A 44 -4.75 0.48 13.78
CA THR A 44 -5.55 0.23 14.97
C THR A 44 -6.57 -0.90 14.78
N GLY A 45 -6.62 -1.50 13.59
CA GLY A 45 -7.51 -2.61 13.28
C GLY A 45 -8.91 -2.12 12.91
N GLU A 46 -9.00 -0.91 12.36
CA GLU A 46 -10.25 -0.25 12.00
C GLU A 46 -10.77 -0.85 10.69
N SER A 47 -11.98 -0.50 10.27
CA SER A 47 -12.59 -1.03 9.06
C SER A 47 -12.97 0.10 8.14
N LEU A 48 -12.55 -0.07 6.90
CA LEU A 48 -12.49 0.99 5.91
C LEU A 48 -13.40 0.63 4.75
N ALA A 49 -14.35 1.52 4.52
CA ALA A 49 -15.29 1.46 3.41
C ALA A 49 -14.51 1.81 2.15
N SER A 50 -13.99 0.80 1.48
CA SER A 50 -13.29 0.99 0.22
C SER A 50 -14.30 1.30 -0.90
N PRO A 51 -13.87 1.80 -2.09
CA PRO A 51 -12.54 2.35 -2.32
C PRO A 51 -12.27 3.54 -1.42
N VAL A 52 -11.01 3.73 -1.06
CA VAL A 52 -10.56 4.82 -0.24
C VAL A 52 -9.22 5.31 -0.75
N ILE A 53 -8.89 6.54 -0.39
CA ILE A 53 -7.65 7.19 -0.71
C ILE A 53 -6.97 7.40 0.63
N LEU A 54 -5.82 6.77 0.83
CA LEU A 54 -5.00 7.10 1.99
C LEU A 54 -4.29 8.40 1.68
N SER A 55 -3.84 9.04 2.75
CA SER A 55 -3.18 10.33 2.73
C SER A 55 -2.02 10.29 3.73
N ASP A 56 -1.38 11.44 3.95
CA ASP A 56 -0.17 11.59 4.77
C ASP A 56 -0.35 11.07 6.20
N GLU A 57 -1.50 11.33 6.82
CA GLU A 57 -1.80 10.96 8.21
C GLU A 57 -1.89 9.44 8.37
N GLU A 58 -2.49 8.79 7.37
CA GLU A 58 -2.66 7.35 7.34
C GLU A 58 -1.30 6.65 7.18
N LEU A 59 -0.31 7.39 6.65
CA LEU A 59 1.02 6.92 6.28
C LEU A 59 2.09 7.61 7.13
N ALA A 60 1.72 8.16 8.28
CA ALA A 60 2.57 8.98 9.13
C ALA A 60 3.61 8.16 9.92
N VAL A 61 3.69 6.84 9.72
CA VAL A 61 4.39 5.90 10.59
C VAL A 61 5.46 5.13 9.80
N GLU A 62 6.34 4.43 10.52
CA GLU A 62 7.38 3.55 9.96
C GLU A 62 6.86 2.43 9.04
N LYS A 63 5.59 2.02 9.18
CA LYS A 63 5.06 0.82 8.55
C LYS A 63 3.53 0.89 8.55
N VAL A 64 2.86 0.58 7.45
CA VAL A 64 1.41 0.31 7.48
C VAL A 64 1.17 -1.05 6.84
N THR A 65 0.00 -1.65 7.07
CA THR A 65 -0.41 -2.96 6.60
C THR A 65 -1.89 -2.87 6.26
N LEU A 66 -2.30 -3.26 5.04
CA LEU A 66 -3.70 -3.18 4.61
C LEU A 66 -4.08 -4.54 4.06
N SER A 67 -5.22 -5.06 4.50
CA SER A 67 -5.70 -6.42 4.29
C SER A 67 -7.22 -6.34 4.21
N THR A 68 -7.88 -7.39 3.72
CA THR A 68 -9.34 -7.41 3.65
C THR A 68 -9.98 -8.14 4.82
N THR A 69 -11.24 -7.81 5.07
CA THR A 69 -12.10 -8.51 6.02
C THR A 69 -12.59 -9.84 5.43
N GLY A 70 -12.67 -10.00 4.11
CA GLY A 70 -13.10 -11.23 3.44
C GLY A 70 -12.48 -11.37 2.05
N LYS A 71 -12.98 -12.34 1.25
CA LYS A 71 -12.67 -12.46 -0.17
C LYS A 71 -12.87 -11.09 -0.81
N ALA A 72 -11.97 -10.74 -1.73
CA ALA A 72 -12.23 -9.68 -2.68
C ALA A 72 -12.00 -10.24 -4.07
N ILE A 73 -12.23 -9.41 -5.08
CA ILE A 73 -12.07 -9.79 -6.48
C ILE A 73 -10.88 -9.06 -7.13
N GLU A 74 -10.36 -7.99 -6.51
CA GLU A 74 -9.31 -7.15 -7.08
C GLU A 74 -8.59 -6.45 -5.93
N PHE A 75 -7.36 -5.96 -6.14
CA PHE A 75 -6.65 -5.02 -5.27
C PHE A 75 -5.76 -4.11 -6.11
N ALA A 76 -6.18 -2.86 -6.31
CA ALA A 76 -5.40 -1.86 -7.03
C ALA A 76 -4.58 -1.03 -6.04
N VAL A 77 -3.39 -0.54 -6.41
CA VAL A 77 -2.54 0.32 -5.60
C VAL A 77 -1.74 1.24 -6.54
N SER A 78 -1.98 2.56 -6.54
CA SER A 78 -1.07 3.49 -7.22
C SER A 78 -0.74 4.66 -6.31
N GLY A 79 0.22 5.50 -6.70
CA GLY A 79 0.46 6.77 -6.06
C GLY A 79 1.80 7.32 -6.48
N GLY A 80 2.82 7.13 -5.62
CA GLY A 80 4.18 7.61 -5.83
C GLY A 80 4.60 8.58 -4.72
N VAL A 81 5.79 9.18 -4.83
CA VAL A 81 6.27 10.18 -3.88
C VAL A 81 7.06 11.22 -4.63
N VAL A 82 6.39 12.29 -5.02
CA VAL A 82 7.08 13.51 -5.39
C VAL A 82 7.56 14.18 -4.10
N ASP A 83 8.69 14.88 -4.16
CA ASP A 83 9.19 15.80 -3.15
C ASP A 83 8.71 17.20 -3.53
N GLY A 84 8.56 18.09 -2.56
CA GLY A 84 7.96 19.41 -2.75
C GLY A 84 8.84 20.54 -2.29
N GLU A 85 10.12 20.28 -2.02
CA GLU A 85 11.02 21.30 -1.48
C GLU A 85 12.29 21.42 -2.35
N ASP A 86 13.20 22.30 -1.96
CA ASP A 86 14.36 22.71 -2.72
C ASP A 86 15.23 23.53 -1.77
N GLY A 87 16.49 23.12 -1.66
CA GLY A 87 17.51 23.85 -0.91
C GLY A 87 17.52 23.53 0.58
N VAL A 88 16.53 22.78 1.06
CA VAL A 88 16.51 22.18 2.39
C VAL A 88 17.72 21.25 2.56
N VAL A 89 18.03 20.86 3.79
CA VAL A 89 19.17 20.00 4.10
C VAL A 89 18.61 18.81 4.87
N ASN A 90 18.02 17.89 4.11
CA ASN A 90 17.23 16.76 4.60
C ASN A 90 18.05 15.48 4.55
N GLU A 91 17.48 14.36 4.98
CA GLU A 91 17.99 13.03 4.67
C GLU A 91 17.04 12.33 3.69
N PRO A 92 17.49 11.26 3.02
CA PRO A 92 16.69 10.55 2.05
C PRO A 92 15.75 9.52 2.70
N MET A 93 14.88 8.90 1.90
CA MET A 93 13.96 7.88 2.36
C MET A 93 13.74 6.77 1.32
N GLN A 94 13.19 5.64 1.77
CA GLN A 94 12.90 4.45 0.97
C GLN A 94 11.50 3.95 1.29
N TRP A 95 10.94 3.12 0.40
CA TRP A 95 9.69 2.37 0.58
C TRP A 95 9.99 0.91 0.29
N VAL A 96 9.26 -0.01 0.92
CA VAL A 96 9.11 -1.39 0.46
C VAL A 96 7.60 -1.63 0.44
N VAL A 97 7.10 -2.24 -0.63
CA VAL A 97 5.68 -2.31 -0.91
C VAL A 97 5.37 -3.75 -1.36
N THR A 98 5.45 -4.67 -0.41
CA THR A 98 5.33 -6.09 -0.67
C THR A 98 3.85 -6.44 -0.68
N VAL A 99 3.44 -7.28 -1.63
CA VAL A 99 2.06 -7.65 -1.82
C VAL A 99 1.96 -9.13 -1.48
N TYR A 100 1.12 -9.44 -0.49
CA TYR A 100 0.74 -10.79 -0.20
C TYR A 100 -0.67 -11.01 -0.74
N LYS A 101 -0.98 -12.27 -0.97
CA LYS A 101 -2.24 -12.87 -1.33
C LYS A 101 -2.61 -13.80 -0.17
N ASN A 102 -3.78 -14.44 -0.23
CA ASN A 102 -4.37 -15.40 0.69
C ASN A 102 -3.31 -16.47 1.01
N GLY A 103 -2.50 -16.21 2.02
CA GLY A 103 -1.32 -17.00 2.38
C GLY A 103 -0.33 -17.24 1.23
N LYS A 104 0.22 -16.21 0.58
CA LYS A 104 1.56 -16.23 -0.04
C LYS A 104 1.97 -14.82 -0.43
N GLU A 105 3.27 -14.54 -0.52
CA GLU A 105 3.82 -13.36 -1.16
C GLU A 105 3.69 -13.50 -2.68
N ILE A 106 3.40 -12.43 -3.42
CA ILE A 106 3.27 -12.45 -4.88
C ILE A 106 3.99 -11.29 -5.57
N GLU A 107 4.73 -10.46 -4.84
CA GLU A 107 5.40 -9.27 -5.39
C GLU A 107 6.63 -8.97 -4.53
N LYS A 108 7.61 -8.22 -5.04
CA LYS A 108 8.68 -7.68 -4.19
C LYS A 108 9.34 -6.47 -4.85
N LYS A 109 8.81 -5.26 -4.65
CA LYS A 109 9.50 -4.03 -5.03
C LYS A 109 9.62 -3.09 -3.84
N SER A 110 10.59 -2.20 -3.94
CA SER A 110 10.97 -1.15 -3.06
C SER A 110 11.45 0.02 -3.90
N LEU A 111 11.47 1.23 -3.35
CA LEU A 111 11.86 2.45 -4.04
C LEU A 111 12.95 3.13 -3.24
N VAL A 112 13.78 3.93 -3.91
CA VAL A 112 14.90 4.64 -3.29
C VAL A 112 14.91 6.06 -3.82
N PHE A 113 15.01 7.01 -2.90
CA PHE A 113 15.11 8.43 -3.19
C PHE A 113 16.29 9.01 -2.43
N ARG A 114 16.60 10.27 -2.69
CA ARG A 114 17.82 10.98 -2.31
C ARG A 114 17.52 12.38 -1.79
N ASP A 115 16.25 12.67 -1.52
CA ASP A 115 15.66 14.02 -1.35
C ASP A 115 15.75 14.84 -2.64
N GLY A 116 15.09 16.01 -2.67
CA GLY A 116 15.17 17.06 -3.69
C GLY A 116 14.98 16.61 -5.13
N LYS A 117 13.89 15.92 -5.46
CA LYS A 117 13.66 15.36 -6.78
C LYS A 117 12.18 15.20 -7.09
N GLU A 118 11.76 15.78 -8.21
CA GLU A 118 10.54 15.43 -8.94
C GLU A 118 10.53 13.94 -9.33
N ILE A 119 9.34 13.41 -9.64
CA ILE A 119 9.13 12.04 -10.12
C ILE A 119 8.08 12.06 -11.24
N SER A 120 8.07 11.03 -12.08
CA SER A 120 7.12 10.86 -13.19
C SER A 120 7.14 9.43 -13.73
N THR A 121 7.47 8.46 -12.88
CA THR A 121 7.72 7.07 -13.25
C THR A 121 6.53 6.19 -12.85
N ASP A 122 6.52 4.93 -13.27
CA ASP A 122 5.49 3.94 -12.91
C ASP A 122 5.77 3.32 -11.54
N ASP A 123 6.44 4.07 -10.67
CA ASP A 123 7.00 3.62 -9.39
C ASP A 123 5.94 2.92 -8.55
N LEU A 124 4.71 3.45 -8.55
CA LEU A 124 3.60 2.90 -7.82
C LEU A 124 2.39 3.00 -8.72
N ASN A 125 2.17 1.93 -9.48
CA ASN A 125 1.00 1.78 -10.34
C ASN A 125 0.65 0.30 -10.57
N LEU A 126 -0.07 -0.28 -9.62
CA LEU A 126 -0.40 -1.69 -9.53
C LEU A 126 -1.89 -1.90 -9.66
N TYR A 127 -2.25 -3.02 -10.26
CA TYR A 127 -3.61 -3.47 -10.46
C TYR A 127 -3.54 -4.99 -10.50
N TYR A 128 -4.06 -5.66 -9.47
CA TYR A 128 -4.16 -7.11 -9.40
C TYR A 128 -5.65 -7.43 -9.39
N ASN A 129 -6.11 -8.15 -10.40
CA ASN A 129 -7.52 -8.53 -10.55
C ASN A 129 -7.62 -9.73 -11.47
N GLY A 1 -32.95 -13.64 6.05
CA GLY A 1 -32.66 -15.08 5.99
C GLY A 1 -31.40 -15.23 5.16
N ASP A 2 -30.48 -16.06 5.61
CA ASP A 2 -29.13 -16.16 5.07
C ASP A 2 -28.78 -17.64 5.18
N ASP A 3 -28.58 -18.28 4.03
CA ASP A 3 -28.57 -19.73 3.87
C ASP A 3 -27.67 -19.97 2.65
N ASP A 4 -26.36 -19.94 2.87
CA ASP A 4 -25.32 -19.72 1.87
C ASP A 4 -24.00 -20.25 2.41
N GLU A 5 -23.12 -20.78 1.56
CA GLU A 5 -21.72 -21.10 1.91
C GLU A 5 -20.84 -21.05 0.64
N PRO A 6 -20.61 -19.86 0.06
CA PRO A 6 -19.88 -19.75 -1.19
C PRO A 6 -18.42 -20.20 -1.08
N GLY A 7 -18.00 -21.01 -2.04
CA GLY A 7 -16.65 -21.56 -2.17
C GLY A 7 -15.71 -20.50 -2.72
N GLY A 8 -15.43 -20.54 -4.03
CA GLY A 8 -14.79 -19.46 -4.77
C GLY A 8 -13.33 -19.77 -5.04
N LYS A 9 -12.78 -19.13 -6.08
CA LYS A 9 -11.42 -19.34 -6.55
C LYS A 9 -10.80 -17.96 -6.73
N GLY A 10 -9.56 -17.83 -6.30
CA GLY A 10 -8.73 -16.63 -6.26
C GLY A 10 -7.52 -16.91 -5.37
N ALA A 11 -7.23 -16.02 -4.42
CA ALA A 11 -6.13 -16.17 -3.45
C ALA A 11 -6.47 -15.36 -2.18
N MET A 12 -5.44 -14.99 -1.41
CA MET A 12 -5.40 -13.87 -0.50
C MET A 12 -4.23 -13.02 -0.98
N TYR A 13 -4.18 -11.75 -0.59
CA TYR A 13 -3.01 -10.91 -0.76
C TYR A 13 -2.71 -10.17 0.54
N GLU A 14 -1.44 -9.85 0.74
CA GLU A 14 -0.90 -9.19 1.91
C GLU A 14 0.26 -8.34 1.41
N VAL A 15 0.20 -7.04 1.64
CA VAL A 15 1.09 -6.05 1.05
C VAL A 15 1.76 -5.27 2.17
N THR A 16 3.02 -4.87 1.95
CA THR A 16 3.75 -4.03 2.88
C THR A 16 4.11 -2.71 2.23
N ILE A 17 4.46 -1.75 3.09
CA ILE A 17 5.12 -0.54 2.72
C ILE A 17 6.05 -0.19 3.85
N GLU A 18 7.30 -0.66 3.80
CA GLU A 18 8.36 -0.10 4.62
C GLU A 18 8.76 1.23 4.00
N GLN A 19 8.87 2.25 4.86
CA GLN A 19 9.22 3.62 4.53
C GLN A 19 10.58 3.87 5.16
N SER A 20 11.58 4.04 4.31
CA SER A 20 12.94 4.31 4.75
C SER A 20 13.15 5.81 4.92
N GLY A 21 14.34 6.22 5.36
CA GLY A 21 14.82 7.58 5.25
C GLY A 21 13.87 8.59 5.90
N ASP A 22 13.59 9.69 5.20
CA ASP A 22 13.04 10.90 5.79
C ASP A 22 11.51 11.00 5.67
N PHE A 23 10.83 9.87 5.86
CA PHE A 23 9.44 9.57 5.48
C PHE A 23 8.30 10.48 5.99
N ARG A 24 8.62 11.56 6.69
CA ARG A 24 7.76 12.24 7.65
C ARG A 24 7.37 13.65 7.21
N SER A 25 7.59 14.01 5.94
CA SER A 25 7.46 15.39 5.46
C SER A 25 7.05 15.47 3.97
N PHE A 26 6.42 14.43 3.41
CA PHE A 26 6.03 14.36 2.00
C PHE A 26 4.60 13.84 1.92
N ILE A 27 3.69 14.50 1.17
CA ILE A 27 2.28 14.08 1.10
C ILE A 27 2.15 12.74 0.34
N LYS A 28 2.14 11.61 1.05
CA LYS A 28 1.88 10.31 0.43
C LYS A 28 0.38 10.03 0.42
N SER A 29 -0.04 9.25 -0.57
CA SER A 29 -1.37 8.68 -0.70
C SER A 29 -1.20 7.25 -1.22
N VAL A 30 -2.10 6.34 -0.88
CA VAL A 30 -2.11 4.95 -1.32
C VAL A 30 -3.55 4.55 -1.60
N VAL A 31 -3.89 4.24 -2.86
CA VAL A 31 -5.13 3.53 -3.15
C VAL A 31 -4.95 2.07 -2.73
N VAL A 32 -6.03 1.39 -2.34
CA VAL A 32 -6.11 -0.06 -2.36
C VAL A 32 -7.48 -0.44 -2.93
N VAL A 33 -7.49 -1.40 -3.87
CA VAL A 33 -8.69 -2.04 -4.38
C VAL A 33 -8.61 -3.51 -3.96
N ALA A 34 -9.78 -4.14 -3.81
CA ALA A 34 -9.90 -5.57 -3.62
C ALA A 34 -11.23 -6.03 -4.21
N ASN A 35 -11.31 -7.32 -4.50
CA ASN A 35 -12.44 -8.01 -5.10
C ASN A 35 -12.81 -9.15 -4.17
N GLY A 36 -14.02 -9.12 -3.60
CA GLY A 36 -14.68 -10.27 -2.99
C GLY A 36 -14.48 -10.37 -1.48
N THR A 37 -13.72 -9.48 -0.84
CA THR A 37 -13.56 -9.43 0.61
C THR A 37 -13.08 -8.04 1.02
N GLN A 38 -12.97 -7.78 2.33
CA GLN A 38 -12.58 -6.48 2.88
C GLN A 38 -11.10 -6.44 3.23
N LEU A 39 -10.61 -5.29 3.67
CA LEU A 39 -9.22 -5.07 4.06
C LEU A 39 -9.10 -5.22 5.57
N LYS A 40 -7.87 -5.43 6.03
CA LYS A 40 -7.48 -5.48 7.43
C LYS A 40 -6.23 -4.64 7.60
N ASP A 41 -6.23 -3.75 8.59
CA ASP A 41 -5.15 -2.81 8.81
C ASP A 41 -4.25 -3.29 9.92
N GLY A 42 -2.97 -3.51 9.60
CA GLY A 42 -1.93 -3.80 10.58
C GLY A 42 -1.74 -2.71 11.64
N ALA A 43 -2.38 -1.55 11.53
CA ALA A 43 -2.34 -0.50 12.54
C ALA A 43 -2.80 -1.01 13.91
N THR A 44 -3.92 -1.75 13.92
CA THR A 44 -4.67 -2.11 15.11
C THR A 44 -5.50 -3.39 14.92
N GLY A 45 -5.64 -3.89 13.69
CA GLY A 45 -6.62 -4.91 13.32
C GLY A 45 -7.85 -4.30 12.64
N GLU A 46 -7.89 -2.98 12.42
CA GLU A 46 -9.06 -2.29 11.91
C GLU A 46 -9.38 -2.77 10.51
N SER A 47 -10.58 -3.33 10.36
CA SER A 47 -11.16 -3.73 9.12
C SER A 47 -11.78 -2.51 8.45
N LEU A 48 -11.54 -2.36 7.14
CA LEU A 48 -11.94 -1.19 6.35
C LEU A 48 -12.66 -1.67 5.08
N ALA A 49 -13.28 -0.73 4.36
CA ALA A 49 -14.23 -0.97 3.28
C ALA A 49 -13.68 -0.35 2.01
N SER A 50 -13.12 -1.18 1.13
CA SER A 50 -12.47 -0.78 -0.11
C SER A 50 -13.48 -0.51 -1.27
N PRO A 51 -13.05 0.09 -2.40
CA PRO A 51 -11.73 0.68 -2.63
C PRO A 51 -11.62 1.99 -1.85
N VAL A 52 -10.45 2.26 -1.28
CA VAL A 52 -10.23 3.40 -0.43
C VAL A 52 -8.83 3.94 -0.62
N ILE A 53 -8.64 5.19 -0.20
CA ILE A 53 -7.40 5.93 -0.33
C ILE A 53 -6.94 6.26 1.09
N LEU A 54 -5.82 5.71 1.49
CA LEU A 54 -5.10 6.05 2.69
C LEU A 54 -4.32 7.32 2.37
N SER A 55 -4.40 8.29 3.27
CA SER A 55 -3.84 9.62 3.14
C SER A 55 -2.54 9.72 3.97
N ASP A 56 -1.92 10.90 3.98
CA ASP A 56 -0.61 11.17 4.59
C ASP A 56 -0.56 10.70 6.04
N GLU A 57 -1.60 11.02 6.82
CA GLU A 57 -1.63 10.80 8.25
C GLU A 57 -1.82 9.34 8.61
N GLU A 58 -2.51 8.58 7.78
CA GLU A 58 -2.65 7.14 7.93
C GLU A 58 -1.29 6.44 7.70
N LEU A 59 -0.46 7.01 6.80
CA LEU A 59 0.85 6.48 6.40
C LEU A 59 2.00 7.08 7.24
N ALA A 60 1.71 7.84 8.29
CA ALA A 60 2.66 8.63 9.07
C ALA A 60 3.44 7.77 10.09
N VAL A 61 3.91 6.61 9.66
CA VAL A 61 4.59 5.57 10.43
C VAL A 61 5.78 5.02 9.62
N GLU A 62 6.63 4.21 10.24
CA GLU A 62 7.79 3.63 9.55
C GLU A 62 7.41 2.53 8.56
N LYS A 63 6.26 1.89 8.78
CA LYS A 63 5.78 0.80 7.94
C LYS A 63 4.26 0.80 8.02
N VAL A 64 3.58 0.46 6.93
CA VAL A 64 2.21 0.00 6.98
C VAL A 64 2.20 -1.41 6.37
N THR A 65 1.23 -2.24 6.76
CA THR A 65 1.04 -3.59 6.26
C THR A 65 -0.44 -3.92 6.31
N LEU A 66 -0.96 -4.54 5.24
CA LEU A 66 -2.38 -4.79 5.02
C LEU A 66 -2.55 -6.21 4.54
N SER A 67 -3.77 -6.73 4.60
CA SER A 67 -4.14 -8.01 4.04
C SER A 67 -5.62 -7.99 3.69
N THR A 68 -6.00 -8.89 2.78
CA THR A 68 -7.37 -9.30 2.53
C THR A 68 -7.93 -10.02 3.76
N THR A 69 -9.17 -9.78 4.17
CA THR A 69 -9.71 -10.53 5.31
C THR A 69 -10.11 -11.97 4.96
N GLY A 70 -10.24 -12.30 3.67
CA GLY A 70 -10.71 -13.59 3.21
C GLY A 70 -10.23 -13.82 1.79
N LYS A 71 -10.86 -14.80 1.12
CA LYS A 71 -10.52 -15.19 -0.23
C LYS A 71 -10.89 -14.06 -1.18
N ALA A 72 -9.91 -13.46 -1.84
CA ALA A 72 -10.06 -12.27 -2.66
C ALA A 72 -9.55 -12.53 -4.09
N ILE A 73 -9.70 -11.55 -4.99
CA ILE A 73 -9.40 -11.73 -6.42
C ILE A 73 -8.64 -10.52 -7.03
N GLU A 74 -8.23 -9.49 -6.26
CA GLU A 74 -7.44 -8.36 -6.77
C GLU A 74 -6.48 -7.81 -5.72
N PHE A 75 -5.50 -7.01 -6.13
CA PHE A 75 -4.82 -6.00 -5.31
C PHE A 75 -4.22 -4.95 -6.26
N ALA A 76 -5.00 -3.94 -6.64
CA ALA A 76 -4.44 -2.75 -7.28
C ALA A 76 -3.90 -1.81 -6.21
N VAL A 77 -2.74 -1.22 -6.48
CA VAL A 77 -2.04 -0.28 -5.62
C VAL A 77 -1.41 0.76 -6.54
N SER A 78 -1.62 2.03 -6.22
CA SER A 78 -0.90 3.15 -6.77
C SER A 78 -0.71 4.19 -5.67
N GLY A 79 0.11 5.20 -5.91
CA GLY A 79 0.48 6.19 -4.91
C GLY A 79 1.70 6.97 -5.38
N GLY A 80 2.22 7.85 -4.54
CA GLY A 80 3.43 8.62 -4.80
C GLY A 80 3.55 9.77 -3.80
N VAL A 81 4.57 10.61 -3.99
CA VAL A 81 4.88 11.78 -3.19
C VAL A 81 5.52 12.85 -4.10
N VAL A 82 5.55 14.09 -3.62
CA VAL A 82 6.44 15.15 -4.05
C VAL A 82 7.25 15.56 -2.85
N ASP A 83 8.28 16.33 -3.18
CA ASP A 83 8.63 17.46 -2.38
C ASP A 83 8.39 18.68 -3.27
N GLY A 84 8.01 19.79 -2.66
CA GLY A 84 7.79 21.08 -3.32
C GLY A 84 8.25 22.22 -2.44
N GLU A 85 9.34 22.04 -1.70
CA GLU A 85 9.89 23.08 -0.85
C GLU A 85 11.21 23.58 -1.46
N ASP A 86 11.52 24.85 -1.22
CA ASP A 86 12.56 25.58 -1.94
C ASP A 86 13.17 26.57 -0.98
N GLY A 87 14.27 26.18 -0.33
CA GLY A 87 14.88 26.94 0.75
C GLY A 87 14.99 26.14 2.06
N VAL A 88 14.96 24.80 1.99
CA VAL A 88 15.08 23.89 3.11
C VAL A 88 16.23 22.92 2.84
N VAL A 89 16.51 21.98 3.76
CA VAL A 89 17.48 20.92 3.57
C VAL A 89 16.86 19.64 4.11
N ASN A 90 16.10 18.95 3.26
CA ASN A 90 15.49 17.66 3.56
C ASN A 90 16.55 16.55 3.43
N GLU A 91 16.13 15.31 3.64
CA GLU A 91 16.80 14.11 3.14
C GLU A 91 15.81 13.36 2.25
N PRO A 92 16.26 12.44 1.37
CA PRO A 92 15.36 11.61 0.58
C PRO A 92 14.85 10.41 1.37
N MET A 93 14.00 9.60 0.72
CA MET A 93 13.51 8.35 1.27
C MET A 93 13.29 7.31 0.16
N GLN A 94 13.18 6.06 0.57
CA GLN A 94 12.92 4.92 -0.29
C GLN A 94 11.65 4.23 0.23
N TRP A 95 11.00 3.45 -0.63
CA TRP A 95 9.82 2.64 -0.32
C TRP A 95 10.16 1.24 -0.77
N VAL A 96 9.90 0.25 0.07
CA VAL A 96 10.16 -1.15 -0.25
C VAL A 96 8.87 -1.91 0.07
N VAL A 97 8.19 -2.31 -1.00
CA VAL A 97 6.83 -2.81 -1.00
C VAL A 97 6.87 -4.25 -1.49
N THR A 98 6.69 -5.21 -0.59
CA THR A 98 6.60 -6.62 -0.95
C THR A 98 5.12 -6.92 -1.25
N VAL A 99 4.84 -8.00 -1.97
CA VAL A 99 3.52 -8.63 -1.95
C VAL A 99 3.67 -10.11 -1.60
N TYR A 100 2.76 -10.57 -0.76
CA TYR A 100 2.56 -11.95 -0.39
C TYR A 100 1.16 -12.36 -0.87
N LYS A 101 1.02 -13.64 -1.16
CA LYS A 101 -0.19 -14.35 -1.54
C LYS A 101 -0.71 -15.09 -0.29
N ASN A 102 -1.74 -15.94 -0.45
CA ASN A 102 -2.20 -16.91 0.56
C ASN A 102 -1.09 -17.92 0.89
N GLY A 103 -0.10 -17.50 1.65
CA GLY A 103 1.00 -18.31 2.16
C GLY A 103 2.17 -18.46 1.19
N LYS A 104 2.61 -17.38 0.52
CA LYS A 104 3.89 -17.30 -0.20
C LYS A 104 4.24 -15.83 -0.38
N GLU A 105 5.53 -15.47 -0.46
CA GLU A 105 5.98 -14.21 -1.05
C GLU A 105 5.87 -14.36 -2.57
N ILE A 106 5.38 -13.34 -3.28
CA ILE A 106 5.24 -13.37 -4.73
C ILE A 106 5.84 -12.15 -5.43
N GLU A 107 6.07 -11.03 -4.73
CA GLU A 107 6.66 -9.86 -5.37
C GLU A 107 7.60 -9.17 -4.41
N LYS A 108 8.73 -8.72 -4.94
CA LYS A 108 9.81 -8.13 -4.17
C LYS A 108 10.43 -7.03 -5.02
N LYS A 109 10.12 -5.78 -4.71
CA LYS A 109 10.74 -4.62 -5.35
C LYS A 109 11.02 -3.48 -4.37
N SER A 110 11.69 -2.43 -4.82
CA SER A 110 11.95 -1.21 -4.08
C SER A 110 11.99 -0.02 -5.04
N LEU A 111 11.80 1.18 -4.50
CA LEU A 111 11.71 2.46 -5.21
C LEU A 111 12.74 3.42 -4.62
N VAL A 112 13.03 4.51 -5.31
CA VAL A 112 13.94 5.56 -4.90
C VAL A 112 13.37 6.92 -5.31
N PHE A 113 12.50 7.48 -4.45
CA PHE A 113 12.08 8.88 -4.60
C PHE A 113 13.25 9.78 -4.24
N ARG A 114 13.08 11.08 -4.45
CA ARG A 114 14.06 12.09 -4.08
C ARG A 114 13.37 13.32 -3.51
N ASP A 115 14.22 14.20 -3.00
CA ASP A 115 13.97 15.35 -2.14
C ASP A 115 14.19 16.65 -2.91
N GLY A 116 13.69 17.74 -2.33
CA GLY A 116 13.58 19.06 -2.93
C GLY A 116 12.48 19.09 -3.98
N LYS A 117 12.77 18.54 -5.16
CA LYS A 117 12.15 18.92 -6.40
C LYS A 117 12.33 17.94 -7.56
N GLU A 118 12.71 16.71 -7.26
CA GLU A 118 13.00 15.68 -8.23
C GLU A 118 12.24 14.44 -7.77
N ILE A 119 11.18 14.08 -8.50
CA ILE A 119 10.30 12.93 -8.29
C ILE A 119 9.72 12.51 -9.65
N SER A 120 9.08 11.34 -9.71
CA SER A 120 8.18 10.97 -10.79
C SER A 120 6.77 10.83 -10.23
N THR A 121 5.79 10.91 -11.13
CA THR A 121 4.39 10.62 -10.84
C THR A 121 4.08 9.14 -10.91
N ASP A 122 5.04 8.34 -11.37
CA ASP A 122 4.77 7.01 -11.91
C ASP A 122 5.37 5.90 -11.04
N ASP A 123 5.76 6.23 -9.82
CA ASP A 123 6.51 5.34 -8.93
C ASP A 123 5.73 4.06 -8.53
N LEU A 124 4.39 4.00 -8.66
CA LEU A 124 3.60 2.78 -8.44
C LEU A 124 2.61 2.56 -9.58
N ASN A 125 2.55 1.32 -10.06
CA ASN A 125 1.41 0.79 -10.80
C ASN A 125 1.38 -0.72 -10.54
N LEU A 126 0.71 -1.17 -9.48
CA LEU A 126 0.51 -2.59 -9.19
C LEU A 126 -0.96 -2.92 -9.43
N TYR A 127 -1.24 -4.09 -10.00
CA TYR A 127 -2.59 -4.55 -10.37
C TYR A 127 -2.59 -6.08 -10.36
N TYR A 128 -2.58 -6.68 -9.17
CA TYR A 128 -2.78 -8.11 -9.06
C TYR A 128 -4.23 -8.46 -9.32
N ASN A 129 -4.45 -9.64 -9.90
CA ASN A 129 -5.65 -10.43 -9.86
C ASN A 129 -5.21 -11.87 -9.67
N GLY A 1 -36.97 -24.17 1.62
CA GLY A 1 -36.96 -23.98 0.17
C GLY A 1 -35.60 -23.42 -0.17
N ASP A 2 -34.76 -24.22 -0.80
CA ASP A 2 -33.35 -24.34 -0.44
C ASP A 2 -32.69 -24.72 -1.76
N ASP A 3 -31.92 -23.80 -2.34
CA ASP A 3 -31.45 -23.80 -3.72
C ASP A 3 -30.23 -22.86 -3.73
N ASP A 4 -29.06 -23.31 -4.21
CA ASP A 4 -27.82 -22.53 -4.18
C ASP A 4 -26.82 -22.97 -5.27
N GLU A 5 -25.79 -22.16 -5.52
CA GLU A 5 -24.74 -22.39 -6.52
C GLU A 5 -23.48 -21.63 -6.05
N PRO A 6 -22.62 -22.24 -5.20
CA PRO A 6 -21.56 -21.53 -4.50
C PRO A 6 -20.35 -21.32 -5.41
N GLY A 7 -20.56 -20.54 -6.47
CA GLY A 7 -19.81 -20.77 -7.69
C GLY A 7 -18.50 -20.00 -7.80
N GLY A 8 -18.14 -19.23 -6.77
CA GLY A 8 -17.00 -18.32 -6.79
C GLY A 8 -15.99 -18.71 -5.73
N LYS A 9 -14.74 -18.34 -5.96
CA LYS A 9 -13.55 -18.63 -5.18
C LYS A 9 -12.58 -17.48 -5.46
N GLY A 10 -11.53 -17.34 -4.68
CA GLY A 10 -10.47 -16.36 -4.88
C GLY A 10 -9.21 -16.74 -4.13
N ALA A 11 -8.63 -15.79 -3.39
CA ALA A 11 -7.32 -15.91 -2.76
C ALA A 11 -7.31 -15.21 -1.38
N MET A 12 -6.12 -14.88 -0.87
CA MET A 12 -5.81 -13.87 0.12
C MET A 12 -4.57 -13.12 -0.36
N TYR A 13 -4.33 -12.00 0.30
CA TYR A 13 -3.29 -11.03 -0.03
C TYR A 13 -2.91 -10.25 1.26
N GLU A 14 -1.71 -9.70 1.29
CA GLU A 14 -1.06 -9.06 2.42
C GLU A 14 0.18 -8.33 1.88
N VAL A 15 0.34 -7.04 2.15
CA VAL A 15 1.35 -6.16 1.55
C VAL A 15 1.96 -5.26 2.61
N THR A 16 3.16 -4.73 2.35
CA THR A 16 3.86 -3.86 3.28
C THR A 16 4.25 -2.56 2.61
N ILE A 17 4.49 -1.55 3.44
CA ILE A 17 5.12 -0.30 3.06
C ILE A 17 6.20 -0.04 4.09
N GLU A 18 7.47 -0.10 3.73
CA GLU A 18 8.55 0.49 4.51
C GLU A 18 8.88 1.84 3.91
N GLN A 19 9.25 2.80 4.76
CA GLN A 19 9.67 4.15 4.41
C GLN A 19 11.02 4.41 5.06
N SER A 20 11.98 4.86 4.26
CA SER A 20 13.39 4.94 4.60
C SER A 20 14.02 6.12 3.85
N GLY A 21 15.31 6.37 4.04
CA GLY A 21 15.94 7.61 3.60
C GLY A 21 15.34 8.79 4.36
N ASP A 22 15.29 9.96 3.73
CA ASP A 22 14.89 11.22 4.34
C ASP A 22 13.36 11.35 4.43
N PHE A 23 12.70 10.43 5.15
CA PHE A 23 11.23 10.37 5.20
C PHE A 23 10.58 11.43 6.10
N ARG A 24 11.20 12.61 6.23
CA ARG A 24 10.89 13.56 7.29
C ARG A 24 10.12 14.79 6.84
N SER A 25 9.97 15.00 5.54
CA SER A 25 9.19 16.09 4.99
C SER A 25 8.74 15.62 3.62
N PHE A 26 7.65 14.87 3.59
CA PHE A 26 6.97 14.45 2.36
C PHE A 26 5.47 14.36 2.58
N ILE A 27 4.67 14.28 1.50
CA ILE A 27 3.23 14.05 1.50
C ILE A 27 2.92 12.96 0.50
N LYS A 28 2.95 11.70 0.92
CA LYS A 28 2.59 10.57 0.05
C LYS A 28 1.07 10.36 0.03
N SER A 29 0.60 9.54 -0.91
CA SER A 29 -0.71 8.91 -0.87
C SER A 29 -0.50 7.39 -0.99
N VAL A 30 -1.52 6.63 -0.59
CA VAL A 30 -1.70 5.24 -0.98
C VAL A 30 -3.21 5.02 -1.22
N VAL A 31 -3.56 4.75 -2.47
CA VAL A 31 -4.81 4.12 -2.87
C VAL A 31 -4.66 2.62 -2.53
N VAL A 32 -5.65 2.01 -1.86
CA VAL A 32 -5.69 0.59 -1.55
C VAL A 32 -7.04 0.04 -2.00
N VAL A 33 -7.07 -1.19 -2.51
CA VAL A 33 -8.26 -1.89 -2.98
C VAL A 33 -8.15 -3.34 -2.49
N ALA A 34 -9.28 -3.98 -2.17
CA ALA A 34 -9.37 -5.41 -1.91
C ALA A 34 -10.71 -5.90 -2.49
N ASN A 35 -10.64 -6.84 -3.44
CA ASN A 35 -11.83 -7.51 -4.00
C ASN A 35 -12.35 -8.56 -3.02
N GLY A 36 -13.63 -8.51 -2.68
CA GLY A 36 -14.38 -9.59 -2.04
C GLY A 36 -14.41 -9.55 -0.52
N THR A 37 -13.78 -8.55 0.11
CA THR A 37 -13.56 -8.50 1.55
C THR A 37 -13.24 -7.08 1.99
N GLN A 38 -13.00 -6.90 3.30
CA GLN A 38 -12.48 -5.70 3.90
C GLN A 38 -11.02 -5.90 4.27
N LEU A 39 -10.37 -4.79 4.63
CA LEU A 39 -8.97 -4.64 4.92
C LEU A 39 -8.76 -4.61 6.43
N LYS A 40 -7.52 -4.80 6.85
CA LYS A 40 -7.04 -4.70 8.22
C LYS A 40 -5.83 -3.81 8.19
N ASP A 41 -5.95 -2.65 8.83
CA ASP A 41 -4.83 -1.74 9.00
C ASP A 41 -3.85 -2.37 9.97
N GLY A 42 -2.62 -2.63 9.54
CA GLY A 42 -1.59 -3.22 10.40
C GLY A 42 -1.12 -2.27 11.51
N ALA A 43 -1.51 -0.99 11.53
CA ALA A 43 -1.16 -0.04 12.58
C ALA A 43 -1.70 -0.53 13.92
N THR A 44 -3.01 -0.68 14.00
CA THR A 44 -3.79 -0.89 15.22
C THR A 44 -4.80 -2.04 15.06
N GLY A 45 -4.78 -2.73 13.91
CA GLY A 45 -5.64 -3.86 13.60
C GLY A 45 -7.02 -3.43 13.13
N GLU A 46 -7.17 -2.18 12.71
CA GLU A 46 -8.44 -1.54 12.42
C GLU A 46 -9.06 -2.16 11.16
N SER A 47 -10.29 -2.65 11.27
CA SER A 47 -11.07 -3.15 10.16
C SER A 47 -11.59 -1.99 9.32
N LEU A 48 -11.10 -1.84 8.09
CA LEU A 48 -11.45 -0.75 7.19
C LEU A 48 -12.02 -1.32 5.92
N ALA A 49 -13.04 -0.64 5.37
CA ALA A 49 -13.63 -1.00 4.11
C ALA A 49 -12.85 -0.31 3.00
N SER A 50 -11.91 -1.06 2.44
CA SER A 50 -11.38 -0.85 1.11
C SER A 50 -12.53 -0.74 0.09
N PRO A 51 -12.37 -0.06 -1.07
CA PRO A 51 -11.19 0.69 -1.48
C PRO A 51 -11.06 2.00 -0.71
N VAL A 52 -9.87 2.27 -0.16
CA VAL A 52 -9.63 3.34 0.79
C VAL A 52 -8.38 4.10 0.36
N ILE A 53 -8.30 5.37 0.74
CA ILE A 53 -7.19 6.26 0.46
C ILE A 53 -6.62 6.63 1.82
N LEU A 54 -5.34 6.32 2.06
CA LEU A 54 -4.65 6.73 3.26
C LEU A 54 -4.04 8.11 3.02
N SER A 55 -4.18 8.98 4.01
CA SER A 55 -3.54 10.29 4.11
C SER A 55 -2.07 10.09 4.50
N ASP A 56 -1.27 11.16 4.48
CA ASP A 56 0.04 11.18 5.13
C ASP A 56 -0.12 10.98 6.63
N GLU A 57 -1.19 11.51 7.22
CA GLU A 57 -1.47 11.44 8.65
C GLU A 57 -1.58 9.99 9.14
N GLU A 58 -1.94 9.07 8.26
CA GLU A 58 -2.12 7.65 8.55
C GLU A 58 -0.82 6.88 8.34
N LEU A 59 0.03 7.37 7.42
CA LEU A 59 1.21 6.67 6.93
C LEU A 59 2.51 7.32 7.33
N ALA A 60 2.47 8.36 8.15
CA ALA A 60 3.56 9.02 8.85
C ALA A 60 4.15 8.10 9.94
N VAL A 61 4.38 6.84 9.58
CA VAL A 61 5.04 5.79 10.33
C VAL A 61 6.26 5.33 9.53
N GLU A 62 7.22 4.67 10.17
CA GLU A 62 8.32 4.00 9.48
C GLU A 62 7.80 2.92 8.52
N LYS A 63 6.84 2.10 8.95
CA LYS A 63 6.35 0.99 8.15
C LYS A 63 4.92 0.66 8.57
N VAL A 64 4.11 0.12 7.66
CA VAL A 64 2.93 -0.64 8.05
C VAL A 64 2.75 -1.83 7.10
N THR A 65 1.90 -2.78 7.49
CA THR A 65 1.41 -3.91 6.70
C THR A 65 -0.08 -3.64 6.47
N LEU A 66 -0.62 -3.96 5.30
CA LEU A 66 -2.05 -3.96 5.02
C LEU A 66 -2.41 -5.35 4.55
N SER A 67 -3.48 -5.90 5.10
CA SER A 67 -3.89 -7.26 4.85
C SER A 67 -5.42 -7.32 4.82
N THR A 68 -6.02 -8.48 4.55
CA THR A 68 -7.47 -8.59 4.44
C THR A 68 -8.08 -9.53 5.45
N THR A 69 -9.30 -9.20 5.86
CA THR A 69 -10.08 -9.95 6.82
C THR A 69 -10.61 -11.28 6.25
N GLY A 70 -10.54 -11.47 4.93
CA GLY A 70 -11.26 -12.50 4.22
C GLY A 70 -10.70 -12.68 2.83
N LYS A 71 -11.43 -13.44 2.02
CA LYS A 71 -11.07 -13.82 0.66
C LYS A 71 -10.82 -12.55 -0.16
N ALA A 72 -9.59 -12.37 -0.62
CA ALA A 72 -9.19 -11.22 -1.40
C ALA A 72 -8.89 -11.71 -2.81
N ILE A 73 -9.18 -10.90 -3.82
CA ILE A 73 -8.95 -11.31 -5.22
C ILE A 73 -8.20 -10.24 -6.01
N GLU A 74 -8.06 -9.01 -5.50
CA GLU A 74 -7.29 -7.97 -6.15
C GLU A 74 -6.62 -7.16 -5.04
N PHE A 75 -5.34 -6.78 -5.20
CA PHE A 75 -4.62 -5.79 -4.41
C PHE A 75 -4.08 -4.79 -5.42
N ALA A 76 -4.76 -3.66 -5.57
CA ALA A 76 -4.14 -2.52 -6.22
C ALA A 76 -3.41 -1.68 -5.19
N VAL A 77 -2.37 -0.97 -5.64
CA VAL A 77 -1.64 0.03 -4.90
C VAL A 77 -1.32 1.14 -5.91
N SER A 78 -1.72 2.39 -5.65
CA SER A 78 -1.19 3.54 -6.36
C SER A 78 -1.01 4.73 -5.42
N GLY A 79 -0.35 5.80 -5.88
CA GLY A 79 -0.19 7.04 -5.10
C GLY A 79 1.20 7.63 -5.33
N GLY A 80 2.22 7.06 -4.72
CA GLY A 80 3.58 7.60 -4.74
C GLY A 80 3.63 8.88 -3.91
N VAL A 81 4.55 9.78 -4.25
CA VAL A 81 4.79 11.02 -3.53
C VAL A 81 5.51 12.04 -4.43
N VAL A 82 5.36 13.32 -4.09
CA VAL A 82 6.23 14.44 -4.42
C VAL A 82 6.21 15.32 -3.17
N ASP A 83 7.08 16.33 -3.08
CA ASP A 83 6.93 17.37 -2.09
C ASP A 83 6.45 18.65 -2.78
N GLY A 84 5.60 19.40 -2.09
CA GLY A 84 5.00 20.61 -2.61
C GLY A 84 5.83 21.85 -2.29
N GLU A 85 6.68 21.80 -1.27
CA GLU A 85 7.37 22.97 -0.77
C GLU A 85 8.38 23.44 -1.82
N ASP A 86 8.64 24.74 -1.83
CA ASP A 86 9.48 25.41 -2.84
C ASP A 86 10.59 26.22 -2.15
N GLY A 87 10.76 26.03 -0.84
CA GLY A 87 11.72 26.71 0.04
C GLY A 87 12.41 25.74 1.00
N VAL A 88 12.39 24.45 0.70
CA VAL A 88 13.01 23.38 1.49
C VAL A 88 13.77 22.48 0.50
N VAL A 89 14.98 22.08 0.85
CA VAL A 89 15.80 21.12 0.12
C VAL A 89 16.38 20.15 1.15
N ASN A 90 16.59 18.89 0.79
CA ASN A 90 16.81 17.80 1.73
C ASN A 90 17.71 16.75 1.09
N GLU A 91 17.82 15.58 1.74
CA GLU A 91 18.23 14.34 1.10
C GLU A 91 17.02 13.60 0.52
N PRO A 92 17.25 12.60 -0.35
CA PRO A 92 16.19 11.83 -0.98
C PRO A 92 15.59 10.76 -0.05
N MET A 93 14.52 10.08 -0.49
CA MET A 93 13.90 8.98 0.27
C MET A 93 13.81 7.71 -0.57
N GLN A 94 13.61 6.57 0.08
CA GLN A 94 13.50 5.25 -0.54
C GLN A 94 12.45 4.45 0.22
N TRP A 95 11.68 3.60 -0.47
CA TRP A 95 10.67 2.73 0.15
C TRP A 95 10.98 1.29 -0.23
N VAL A 96 10.50 0.34 0.56
CA VAL A 96 10.67 -1.09 0.28
C VAL A 96 9.31 -1.75 0.49
N VAL A 97 8.74 -2.32 -0.56
CA VAL A 97 7.35 -2.71 -0.63
C VAL A 97 7.31 -4.18 -1.06
N THR A 98 6.67 -5.05 -0.28
CA THR A 98 6.68 -6.49 -0.51
C THR A 98 5.22 -6.91 -0.66
N VAL A 99 5.00 -8.04 -1.33
CA VAL A 99 3.68 -8.60 -1.56
C VAL A 99 3.70 -10.08 -1.20
N TYR A 100 2.71 -10.48 -0.41
CA TYR A 100 2.40 -11.86 -0.08
C TYR A 100 1.04 -12.23 -0.68
N LYS A 101 0.69 -13.51 -0.71
CA LYS A 101 -0.55 -14.06 -1.22
C LYS A 101 -1.17 -14.91 -0.12
N ASN A 102 -2.02 -15.89 -0.48
CA ASN A 102 -2.44 -16.97 0.40
C ASN A 102 -1.28 -17.92 0.76
N GLY A 103 -0.33 -17.42 1.55
CA GLY A 103 0.67 -18.22 2.24
C GLY A 103 2.00 -18.30 1.48
N LYS A 104 2.43 -17.21 0.85
CA LYS A 104 3.77 -17.06 0.29
C LYS A 104 4.07 -15.59 -0.01
N GLU A 105 5.33 -15.19 0.01
CA GLU A 105 5.83 -13.99 -0.69
C GLU A 105 5.63 -14.27 -2.18
N ILE A 106 5.18 -13.28 -2.94
CA ILE A 106 5.10 -13.34 -4.40
C ILE A 106 5.86 -12.20 -5.06
N GLU A 107 6.01 -11.02 -4.43
CA GLU A 107 6.65 -9.86 -5.04
C GLU A 107 7.51 -9.15 -3.99
N LYS A 108 8.59 -8.52 -4.46
CA LYS A 108 9.62 -7.88 -3.65
C LYS A 108 10.20 -6.79 -4.54
N LYS A 109 9.93 -5.51 -4.23
CA LYS A 109 10.64 -4.43 -4.93
C LYS A 109 10.82 -3.21 -4.04
N SER A 110 11.85 -2.42 -4.32
CA SER A 110 12.21 -1.21 -3.62
C SER A 110 12.16 -0.03 -4.59
N LEU A 111 12.01 1.18 -4.05
CA LEU A 111 11.62 2.37 -4.79
C LEU A 111 12.60 3.47 -4.47
N VAL A 112 12.86 4.35 -5.43
CA VAL A 112 13.90 5.36 -5.33
C VAL A 112 13.32 6.72 -5.69
N PHE A 113 13.03 7.52 -4.67
CA PHE A 113 12.71 8.92 -4.82
C PHE A 113 14.01 9.72 -4.66
N ARG A 114 13.86 11.02 -4.80
CA ARG A 114 14.91 12.01 -4.94
C ARG A 114 14.56 13.16 -4.00
N ASP A 115 15.20 14.32 -4.18
CA ASP A 115 14.78 15.59 -3.61
C ASP A 115 13.27 15.77 -3.85
N GLY A 116 12.56 16.42 -2.92
CA GLY A 116 11.12 16.53 -2.96
C GLY A 116 10.59 17.11 -4.26
N LYS A 117 11.33 18.05 -4.87
CA LYS A 117 10.83 18.85 -5.98
C LYS A 117 11.07 18.29 -7.38
N GLU A 118 11.32 17.00 -7.43
CA GLU A 118 11.93 16.24 -8.51
C GLU A 118 11.63 14.73 -8.41
N ILE A 119 10.56 14.25 -9.04
CA ILE A 119 10.22 12.82 -9.00
C ILE A 119 9.66 12.35 -10.35
N SER A 120 9.71 11.04 -10.57
CA SER A 120 9.31 10.38 -11.80
C SER A 120 9.52 8.85 -11.69
N THR A 121 8.58 8.12 -11.09
CA THR A 121 8.82 6.70 -10.79
C THR A 121 7.62 5.80 -11.04
N ASP A 122 7.91 4.54 -11.35
CA ASP A 122 6.98 3.41 -11.21
C ASP A 122 6.95 3.07 -9.71
N ASP A 123 6.62 4.05 -8.88
CA ASP A 123 6.52 3.92 -7.43
C ASP A 123 5.36 3.00 -7.06
N LEU A 124 4.15 3.54 -7.01
CA LEU A 124 2.97 2.82 -6.59
C LEU A 124 2.14 2.65 -7.85
N ASN A 125 2.31 1.49 -8.46
CA ASN A 125 1.56 1.09 -9.63
C ASN A 125 1.51 -0.44 -9.67
N LEU A 126 0.96 -1.06 -8.62
CA LEU A 126 0.78 -2.51 -8.52
C LEU A 126 -0.71 -2.81 -8.66
N TYR A 127 -1.05 -3.94 -9.29
CA TYR A 127 -2.44 -4.31 -9.56
C TYR A 127 -2.57 -5.83 -9.64
N TYR A 128 -2.46 -6.49 -8.48
CA TYR A 128 -2.74 -7.92 -8.35
C TYR A 128 -4.22 -8.12 -8.64
N ASN A 129 -4.56 -9.12 -9.47
CA ASN A 129 -5.93 -9.53 -9.78
C ASN A 129 -5.97 -11.00 -10.12
N GLY A 1 -30.90 -17.57 9.04
CA GLY A 1 -30.39 -18.62 8.16
C GLY A 1 -28.90 -18.66 8.39
N ASP A 2 -28.25 -17.58 7.96
CA ASP A 2 -26.91 -17.18 8.34
C ASP A 2 -25.99 -18.13 7.59
N ASP A 3 -26.01 -17.93 6.28
CA ASP A 3 -26.10 -18.88 5.21
C ASP A 3 -25.44 -18.24 4.00
N ASP A 4 -24.86 -19.08 3.16
CA ASP A 4 -24.16 -18.79 1.91
C ASP A 4 -23.87 -20.13 1.23
N GLU A 5 -23.53 -20.12 -0.07
CA GLU A 5 -23.21 -21.30 -0.87
C GLU A 5 -22.28 -20.82 -1.99
N PRO A 6 -20.96 -20.72 -1.74
CA PRO A 6 -20.00 -20.34 -2.76
C PRO A 6 -19.67 -21.55 -3.67
N GLY A 7 -19.12 -21.27 -4.85
CA GLY A 7 -18.88 -22.27 -5.89
C GLY A 7 -17.76 -21.83 -6.83
N GLY A 8 -16.77 -21.10 -6.31
CA GLY A 8 -15.72 -20.45 -7.07
C GLY A 8 -14.38 -20.54 -6.35
N LYS A 9 -13.35 -19.91 -6.89
CA LYS A 9 -12.00 -19.87 -6.35
C LYS A 9 -11.43 -18.49 -6.69
N GLY A 10 -10.33 -18.15 -6.05
CA GLY A 10 -9.55 -16.93 -6.20
C GLY A 10 -8.35 -17.07 -5.28
N ALA A 11 -8.00 -16.02 -4.54
CA ALA A 11 -6.81 -15.98 -3.67
C ALA A 11 -7.12 -15.13 -2.44
N MET A 12 -6.23 -15.04 -1.45
CA MET A 12 -6.17 -13.89 -0.54
C MET A 12 -5.33 -12.77 -1.18
N TYR A 13 -5.07 -11.69 -0.46
CA TYR A 13 -3.87 -10.85 -0.67
C TYR A 13 -3.47 -10.15 0.64
N GLU A 14 -2.18 -9.90 0.83
CA GLU A 14 -1.57 -9.11 1.91
C GLU A 14 -0.40 -8.33 1.33
N VAL A 15 -0.16 -7.10 1.83
CA VAL A 15 0.94 -6.21 1.50
C VAL A 15 1.47 -5.53 2.77
N THR A 16 2.74 -5.15 2.74
CA THR A 16 3.38 -4.26 3.72
C THR A 16 3.79 -2.96 3.03
N ILE A 17 3.88 -1.88 3.79
CA ILE A 17 4.72 -0.74 3.42
C ILE A 17 5.92 -0.82 4.36
N GLU A 18 7.07 -0.38 3.88
CA GLU A 18 8.28 -0.12 4.64
C GLU A 18 8.83 1.16 4.02
N GLN A 19 8.88 2.23 4.81
CA GLN A 19 9.38 3.54 4.45
C GLN A 19 10.74 3.71 5.10
N SER A 20 11.75 4.09 4.33
CA SER A 20 13.12 4.22 4.82
C SER A 20 13.77 5.48 4.26
N GLY A 21 14.98 5.81 4.73
CA GLY A 21 15.69 7.02 4.39
C GLY A 21 15.19 8.17 5.24
N ASP A 22 14.08 8.79 4.86
CA ASP A 22 13.43 9.85 5.64
C ASP A 22 12.04 10.20 5.11
N PHE A 23 10.97 9.77 5.79
CA PHE A 23 9.58 10.02 5.36
C PHE A 23 8.97 11.24 6.08
N ARG A 24 9.79 12.19 6.57
CA ARG A 24 9.34 13.32 7.40
C ARG A 24 8.48 14.38 6.69
N SER A 25 8.87 14.86 5.50
CA SER A 25 8.15 15.90 4.77
C SER A 25 7.88 15.43 3.35
N PHE A 26 6.99 14.44 3.20
CA PHE A 26 6.66 13.83 1.92
C PHE A 26 5.18 13.52 1.91
N ILE A 27 4.38 14.12 1.02
CA ILE A 27 2.96 13.82 0.90
C ILE A 27 2.85 12.59 -0.02
N LYS A 28 3.10 11.41 0.55
CA LYS A 28 2.82 10.11 -0.04
C LYS A 28 1.34 9.81 0.13
N SER A 29 0.74 9.13 -0.84
CA SER A 29 -0.62 8.58 -0.74
C SER A 29 -0.59 7.16 -1.31
N VAL A 30 -1.69 6.41 -1.24
CA VAL A 30 -1.83 5.08 -1.84
C VAL A 30 -3.27 4.99 -2.38
N VAL A 31 -3.55 4.07 -3.31
CA VAL A 31 -4.89 3.55 -3.60
C VAL A 31 -4.85 2.06 -3.22
N VAL A 32 -5.98 1.48 -2.83
CA VAL A 32 -6.17 0.04 -2.80
C VAL A 32 -7.57 -0.32 -3.30
N VAL A 33 -7.66 -1.39 -4.10
CA VAL A 33 -8.91 -2.05 -4.52
C VAL A 33 -8.74 -3.54 -4.17
N ALA A 34 -9.84 -4.20 -3.76
CA ALA A 34 -9.85 -5.59 -3.33
C ALA A 34 -11.17 -6.23 -3.77
N ASN A 35 -11.16 -6.90 -4.91
CA ASN A 35 -12.32 -7.55 -5.52
C ASN A 35 -12.85 -8.66 -4.60
N GLY A 36 -13.91 -8.42 -3.83
CA GLY A 36 -14.74 -9.50 -3.27
C GLY A 36 -14.72 -9.69 -1.76
N THR A 37 -13.99 -8.89 -0.98
CA THR A 37 -14.03 -8.96 0.49
C THR A 37 -13.57 -7.62 1.07
N GLN A 38 -13.54 -7.46 2.40
CA GLN A 38 -13.02 -6.27 3.05
C GLN A 38 -11.53 -6.43 3.37
N LEU A 39 -10.85 -5.31 3.60
CA LEU A 39 -9.45 -5.29 4.01
C LEU A 39 -9.37 -5.45 5.53
N LYS A 40 -8.15 -5.62 6.04
CA LYS A 40 -7.83 -5.59 7.46
C LYS A 40 -6.57 -4.75 7.66
N ASP A 41 -6.62 -3.79 8.57
CA ASP A 41 -5.48 -2.97 8.99
C ASP A 41 -4.77 -3.65 10.15
N GLY A 42 -3.51 -4.03 9.95
CA GLY A 42 -2.64 -4.60 10.96
C GLY A 42 -2.11 -3.57 11.98
N ALA A 43 -2.65 -2.35 12.04
CA ALA A 43 -2.38 -1.41 13.11
C ALA A 43 -3.08 -1.90 14.38
N THR A 44 -4.34 -2.27 14.25
CA THR A 44 -5.26 -2.51 15.36
C THR A 44 -6.25 -3.66 15.05
N GLY A 45 -6.31 -4.12 13.80
CA GLY A 45 -7.16 -5.21 13.33
C GLY A 45 -8.48 -4.70 12.73
N GLU A 46 -8.59 -3.41 12.46
CA GLU A 46 -9.81 -2.76 11.99
C GLU A 46 -10.09 -3.27 10.59
N SER A 47 -11.35 -3.56 10.28
CA SER A 47 -11.76 -3.85 8.91
C SER A 47 -11.71 -2.55 8.11
N LEU A 48 -11.39 -2.61 6.82
CA LEU A 48 -11.48 -1.45 5.92
C LEU A 48 -12.24 -1.84 4.67
N ALA A 49 -12.78 -0.84 4.00
CA ALA A 49 -13.66 -0.93 2.85
C ALA A 49 -12.97 -0.30 1.65
N SER A 50 -12.46 -1.13 0.76
CA SER A 50 -11.97 -0.66 -0.53
C SER A 50 -13.16 -0.31 -1.45
N PRO A 51 -12.91 0.42 -2.57
CA PRO A 51 -11.64 1.05 -2.89
C PRO A 51 -11.43 2.27 -1.99
N VAL A 52 -10.21 2.51 -1.50
CA VAL A 52 -9.89 3.61 -0.60
C VAL A 52 -8.50 4.19 -0.90
N ILE A 53 -8.28 5.43 -0.45
CA ILE A 53 -7.06 6.20 -0.62
C ILE A 53 -6.51 6.48 0.79
N LEU A 54 -5.25 6.13 1.02
CA LEU A 54 -4.48 6.56 2.18
C LEU A 54 -3.90 7.94 1.88
N SER A 55 -3.83 8.77 2.92
CA SER A 55 -3.25 10.09 2.95
C SER A 55 -2.00 10.10 3.83
N ASP A 56 -1.29 11.23 3.89
CA ASP A 56 -0.02 11.39 4.59
C ASP A 56 -0.11 11.09 6.09
N GLU A 57 -1.22 11.41 6.76
CA GLU A 57 -1.39 11.15 8.19
C GLU A 57 -1.55 9.66 8.51
N GLU A 58 -2.08 8.89 7.56
CA GLU A 58 -2.17 7.44 7.66
C GLU A 58 -0.75 6.89 7.53
N LEU A 59 -0.07 7.31 6.46
CA LEU A 59 1.26 6.86 6.04
C LEU A 59 2.36 7.54 6.89
N ALA A 60 2.04 7.97 8.11
CA ALA A 60 2.98 8.54 9.05
C ALA A 60 3.83 7.47 9.74
N VAL A 61 3.46 6.19 9.59
CA VAL A 61 4.15 5.06 10.22
C VAL A 61 5.35 4.63 9.35
N GLU A 62 6.41 4.12 9.98
CA GLU A 62 7.56 3.55 9.27
C GLU A 62 7.17 2.33 8.42
N LYS A 63 6.18 1.55 8.87
CA LYS A 63 5.85 0.22 8.36
C LYS A 63 4.39 0.01 8.66
N VAL A 64 3.66 -0.61 7.75
CA VAL A 64 2.24 -0.87 7.92
C VAL A 64 2.03 -2.26 7.33
N THR A 65 0.94 -2.92 7.73
CA THR A 65 0.63 -4.29 7.35
C THR A 65 -0.85 -4.30 6.97
N LEU A 66 -1.20 -4.65 5.73
CA LEU A 66 -2.56 -4.55 5.23
C LEU A 66 -2.91 -5.79 4.45
N SER A 67 -4.13 -6.29 4.66
CA SER A 67 -4.54 -7.60 4.18
C SER A 67 -6.02 -7.59 3.83
N THR A 68 -6.59 -8.77 3.62
CA THR A 68 -7.98 -9.03 3.34
C THR A 68 -8.55 -9.89 4.47
N THR A 69 -9.83 -9.72 4.80
CA THR A 69 -10.45 -10.58 5.81
C THR A 69 -10.71 -11.97 5.24
N GLY A 70 -10.78 -12.14 3.92
CA GLY A 70 -11.07 -13.39 3.25
C GLY A 70 -10.53 -13.40 1.83
N LYS A 71 -11.10 -14.23 0.97
CA LYS A 71 -10.71 -14.37 -0.42
C LYS A 71 -11.05 -13.10 -1.17
N ALA A 72 -10.14 -12.64 -2.03
CA ALA A 72 -10.32 -11.56 -2.97
C ALA A 72 -9.69 -11.93 -4.32
N ILE A 73 -9.88 -11.06 -5.32
CA ILE A 73 -9.45 -11.31 -6.69
C ILE A 73 -8.79 -10.04 -7.26
N GLU A 74 -8.31 -9.07 -6.47
CA GLU A 74 -7.46 -7.97 -6.96
C GLU A 74 -6.59 -7.44 -5.81
N PHE A 75 -5.48 -6.78 -6.12
CA PHE A 75 -4.75 -5.88 -5.22
C PHE A 75 -4.08 -4.81 -6.08
N ALA A 76 -4.82 -3.75 -6.41
CA ALA A 76 -4.28 -2.56 -7.06
C ALA A 76 -3.58 -1.70 -6.02
N VAL A 77 -2.41 -1.17 -6.37
CA VAL A 77 -1.51 -0.41 -5.51
C VAL A 77 -0.80 0.60 -6.41
N SER A 78 -1.18 1.88 -6.33
CA SER A 78 -0.57 2.98 -7.08
C SER A 78 -0.47 4.25 -6.21
N GLY A 79 0.20 5.31 -6.71
CA GLY A 79 0.15 6.65 -6.12
C GLY A 79 1.35 7.49 -6.56
N GLY A 80 2.46 7.44 -5.81
CA GLY A 80 3.72 8.11 -6.13
C GLY A 80 3.79 9.42 -5.34
N VAL A 81 4.92 9.69 -4.70
CA VAL A 81 5.11 10.88 -3.87
C VAL A 81 5.80 11.95 -4.73
N VAL A 82 5.86 13.18 -4.24
CA VAL A 82 6.56 14.28 -4.88
C VAL A 82 7.54 14.86 -3.85
N ASP A 83 8.26 15.90 -4.18
CA ASP A 83 9.14 16.62 -3.27
C ASP A 83 8.46 17.98 -3.12
N GLY A 84 7.82 18.20 -1.97
CA GLY A 84 6.87 19.30 -1.75
C GLY A 84 7.54 20.52 -1.11
N GLU A 85 8.86 20.52 -0.99
CA GLU A 85 9.66 21.61 -0.47
C GLU A 85 10.67 22.01 -1.57
N ASP A 86 11.47 23.05 -1.33
CA ASP A 86 12.54 23.52 -2.21
C ASP A 86 13.38 24.50 -1.39
N GLY A 87 14.69 24.27 -1.30
CA GLY A 87 15.62 25.12 -0.57
C GLY A 87 15.45 25.00 0.94
N VAL A 88 15.04 23.82 1.42
CA VAL A 88 14.85 23.51 2.84
C VAL A 88 16.02 22.66 3.35
N VAL A 89 15.87 22.02 4.51
CA VAL A 89 16.67 20.89 4.92
C VAL A 89 15.72 19.75 5.26
N ASN A 90 15.73 18.71 4.43
CA ASN A 90 15.16 17.39 4.68
C ASN A 90 16.11 16.35 4.09
N GLU A 91 15.80 15.06 4.18
CA GLU A 91 16.54 13.98 3.52
C GLU A 91 15.60 13.23 2.57
N PRO A 92 16.13 12.48 1.59
CA PRO A 92 15.33 11.69 0.68
C PRO A 92 14.99 10.31 1.26
N MET A 93 14.23 9.50 0.52
CA MET A 93 13.65 8.28 1.06
C MET A 93 13.53 7.19 0.00
N GLN A 94 13.18 5.99 0.45
CA GLN A 94 12.96 4.80 -0.34
C GLN A 94 11.75 4.08 0.25
N TRP A 95 11.14 3.23 -0.57
CA TRP A 95 10.00 2.40 -0.21
C TRP A 95 10.33 0.97 -0.59
N VAL A 96 9.92 0.02 0.25
CA VAL A 96 9.83 -1.40 -0.06
C VAL A 96 8.39 -1.74 0.26
N VAL A 97 7.52 -1.95 -0.73
CA VAL A 97 6.35 -2.77 -0.47
C VAL A 97 6.81 -4.22 -0.66
N THR A 98 6.11 -5.17 -0.05
CA THR A 98 6.29 -6.59 -0.32
C THR A 98 4.87 -7.15 -0.36
N VAL A 99 4.54 -7.97 -1.36
CA VAL A 99 3.20 -8.52 -1.49
C VAL A 99 3.27 -10.02 -1.25
N TYR A 100 2.27 -10.56 -0.56
CA TYR A 100 2.15 -11.93 -0.12
C TYR A 100 0.83 -12.50 -0.65
N LYS A 101 0.88 -13.75 -1.10
CA LYS A 101 -0.26 -14.53 -1.54
C LYS A 101 -0.63 -15.49 -0.41
N ASN A 102 -1.60 -16.38 -0.66
CA ASN A 102 -2.18 -17.35 0.27
C ASN A 102 -1.12 -18.42 0.58
N GLY A 103 -0.04 -18.04 1.26
CA GLY A 103 1.11 -18.88 1.50
C GLY A 103 2.32 -18.09 1.97
N LYS A 104 2.91 -17.27 1.09
CA LYS A 104 4.14 -16.52 1.35
C LYS A 104 4.26 -15.31 0.44
N GLU A 105 5.39 -14.59 0.55
CA GLU A 105 5.82 -13.53 -0.34
C GLU A 105 5.73 -14.00 -1.80
N ILE A 106 5.27 -13.12 -2.66
CA ILE A 106 5.28 -13.32 -4.11
C ILE A 106 5.90 -12.14 -4.85
N GLU A 107 5.93 -10.93 -4.28
CA GLU A 107 6.42 -9.74 -4.98
C GLU A 107 7.54 -9.08 -4.17
N LYS A 108 8.66 -8.84 -4.84
CA LYS A 108 9.83 -8.13 -4.32
C LYS A 108 10.15 -7.01 -5.31
N LYS A 109 9.60 -5.83 -5.09
CA LYS A 109 10.00 -4.59 -5.78
C LYS A 109 10.21 -3.53 -4.70
N SER A 110 10.91 -2.44 -5.05
CA SER A 110 11.23 -1.33 -4.17
C SER A 110 11.35 -0.09 -5.05
N LEU A 111 11.07 1.08 -4.49
CA LEU A 111 11.13 2.37 -5.14
C LEU A 111 12.11 3.28 -4.41
N VAL A 112 12.55 4.33 -5.08
CA VAL A 112 13.52 5.28 -4.57
C VAL A 112 13.06 6.66 -4.94
N PHE A 113 13.07 7.59 -3.98
CA PHE A 113 12.56 8.92 -4.14
C PHE A 113 13.71 9.86 -3.87
N ARG A 114 14.22 10.45 -4.95
CA ARG A 114 15.45 11.21 -4.98
C ARG A 114 15.30 12.31 -5.99
N ASP A 115 15.11 13.51 -5.48
CA ASP A 115 14.89 14.75 -6.21
C ASP A 115 14.99 15.89 -5.19
N GLY A 116 14.57 17.09 -5.55
CA GLY A 116 14.42 18.18 -4.61
C GLY A 116 13.42 19.23 -5.11
N LYS A 117 12.62 18.93 -6.12
CA LYS A 117 11.78 19.89 -6.83
C LYS A 117 10.44 19.22 -7.17
N GLU A 118 9.52 20.01 -7.72
CA GLU A 118 8.25 19.49 -8.21
C GLU A 118 8.54 18.47 -9.33
N ILE A 119 7.88 17.32 -9.27
CA ILE A 119 7.93 16.24 -10.24
C ILE A 119 6.58 15.51 -10.18
N SER A 120 6.39 14.53 -11.05
CA SER A 120 5.33 13.54 -10.99
C SER A 120 5.78 12.33 -11.79
N THR A 121 6.45 11.38 -11.14
CA THR A 121 6.51 10.00 -11.59
C THR A 121 5.14 9.35 -11.41
N ASP A 122 4.97 8.21 -12.08
CA ASP A 122 3.94 7.25 -11.76
C ASP A 122 4.67 5.98 -11.33
N ASP A 123 5.44 6.14 -10.26
CA ASP A 123 6.34 5.10 -9.77
C ASP A 123 5.65 3.85 -9.19
N LEU A 124 4.35 3.96 -8.87
CA LEU A 124 3.60 2.87 -8.28
C LEU A 124 2.41 2.55 -9.17
N ASN A 125 2.42 1.34 -9.72
CA ASN A 125 1.67 0.96 -10.90
C ASN A 125 1.40 -0.55 -10.90
N LEU A 126 0.84 -1.07 -9.80
CA LEU A 126 0.70 -2.50 -9.57
C LEU A 126 -0.80 -2.82 -9.47
N TYR A 127 -1.24 -3.94 -10.04
CA TYR A 127 -2.65 -4.28 -10.24
C TYR A 127 -2.81 -5.79 -10.24
N TYR A 128 -2.59 -6.41 -9.08
CA TYR A 128 -2.80 -7.85 -8.92
C TYR A 128 -4.27 -8.21 -9.09
N ASN A 129 -4.53 -9.49 -9.39
CA ASN A 129 -5.82 -10.11 -9.68
C ASN A 129 -5.60 -11.60 -9.58
N GLY A 1 -24.69 -20.49 13.72
CA GLY A 1 -23.80 -21.56 13.29
C GLY A 1 -24.46 -22.18 12.09
N ASP A 2 -23.77 -22.11 10.95
CA ASP A 2 -24.31 -22.16 9.61
C ASP A 2 -23.06 -22.16 8.71
N ASP A 3 -22.96 -23.11 7.77
CA ASP A 3 -21.68 -23.53 7.21
C ASP A 3 -21.65 -23.72 5.69
N ASP A 4 -22.78 -23.74 4.97
CA ASP A 4 -22.74 -23.69 3.51
C ASP A 4 -22.67 -22.23 3.04
N GLU A 5 -21.50 -21.79 2.56
CA GLU A 5 -21.41 -20.57 1.75
C GLU A 5 -20.16 -20.67 0.86
N PRO A 6 -20.26 -21.36 -0.30
CA PRO A 6 -19.17 -21.47 -1.24
C PRO A 6 -19.04 -20.20 -2.07
N GLY A 7 -17.81 -19.80 -2.37
CA GLY A 7 -17.51 -18.62 -3.15
C GLY A 7 -16.96 -18.99 -4.51
N GLY A 8 -15.83 -19.69 -4.57
CA GLY A 8 -15.11 -19.89 -5.82
C GLY A 8 -13.61 -19.93 -5.58
N LYS A 9 -12.85 -19.48 -6.56
CA LYS A 9 -11.40 -19.54 -6.60
C LYS A 9 -10.86 -18.16 -6.93
N GLY A 10 -9.68 -17.93 -6.42
CA GLY A 10 -8.77 -16.82 -6.64
C GLY A 10 -7.57 -17.00 -5.72
N ALA A 11 -7.26 -15.99 -4.93
CA ALA A 11 -6.17 -15.95 -3.96
C ALA A 11 -6.56 -14.97 -2.82
N MET A 12 -5.65 -14.73 -1.88
CA MET A 12 -5.61 -13.52 -1.06
C MET A 12 -4.50 -12.65 -1.61
N TYR A 13 -4.44 -11.38 -1.20
CA TYR A 13 -3.33 -10.47 -1.45
C TYR A 13 -2.99 -9.77 -0.12
N GLU A 14 -1.74 -9.34 0.02
CA GLU A 14 -1.19 -8.68 1.20
C GLU A 14 -0.12 -7.71 0.65
N VAL A 15 0.08 -6.54 1.25
CA VAL A 15 1.08 -5.52 0.90
C VAL A 15 1.61 -4.97 2.22
N THR A 16 2.92 -4.84 2.35
CA THR A 16 3.54 -4.26 3.54
C THR A 16 3.78 -2.77 3.28
N ILE A 17 4.18 -2.01 4.31
CA ILE A 17 4.83 -0.73 4.14
C ILE A 17 6.05 -0.75 5.06
N GLU A 18 7.13 -0.09 4.67
CA GLU A 18 8.19 0.31 5.57
C GLU A 18 8.56 1.74 5.19
N GLN A 19 8.38 2.68 6.11
CA GLN A 19 8.80 4.06 5.94
C GLN A 19 10.01 4.30 6.83
N SER A 20 11.09 4.85 6.27
CA SER A 20 12.21 5.30 7.07
C SER A 20 12.92 6.47 6.43
N GLY A 21 13.81 7.09 7.19
CA GLY A 21 14.43 8.35 6.87
C GLY A 21 13.44 9.46 7.16
N ASP A 22 12.99 10.17 6.14
CA ASP A 22 12.12 11.33 6.29
C ASP A 22 10.77 11.07 5.65
N PHE A 23 9.84 10.53 6.44
CA PHE A 23 8.51 10.19 5.97
C PHE A 23 7.46 11.23 6.41
N ARG A 24 7.88 12.46 6.73
CA ARG A 24 7.08 13.48 7.38
C ARG A 24 7.20 14.84 6.69
N SER A 25 7.65 14.85 5.44
CA SER A 25 7.96 16.05 4.67
C SER A 25 7.41 16.04 3.24
N PHE A 26 6.74 14.95 2.83
CA PHE A 26 6.32 14.72 1.45
C PHE A 26 4.80 14.61 1.42
N ILE A 27 4.21 14.28 0.27
CA ILE A 27 2.77 14.15 0.11
C ILE A 27 2.54 12.81 -0.57
N LYS A 28 2.56 11.72 0.21
CA LYS A 28 2.31 10.38 -0.32
C LYS A 28 0.81 10.14 -0.46
N SER A 29 0.44 9.14 -1.25
CA SER A 29 -0.95 8.67 -1.32
C SER A 29 -0.93 7.15 -1.53
N VAL A 30 -2.03 6.46 -1.20
CA VAL A 30 -2.19 5.02 -1.39
C VAL A 30 -3.65 4.78 -1.80
N VAL A 31 -3.90 4.48 -3.08
CA VAL A 31 -5.14 3.80 -3.47
C VAL A 31 -5.11 2.37 -2.92
N VAL A 32 -6.29 1.83 -2.60
CA VAL A 32 -6.49 0.43 -2.24
C VAL A 32 -7.81 -0.03 -2.84
N VAL A 33 -7.88 -1.27 -3.32
CA VAL A 33 -9.11 -1.92 -3.76
C VAL A 33 -9.08 -3.36 -3.22
N ALA A 34 -10.25 -3.93 -2.94
CA ALA A 34 -10.37 -5.34 -2.58
C ALA A 34 -11.63 -5.91 -3.22
N ASN A 35 -11.48 -6.52 -4.40
CA ASN A 35 -12.61 -7.16 -5.07
C ASN A 35 -12.99 -8.42 -4.30
N GLY A 36 -14.10 -8.37 -3.56
CA GLY A 36 -14.77 -9.54 -3.01
C GLY A 36 -14.56 -9.75 -1.51
N THR A 37 -13.93 -8.79 -0.82
CA THR A 37 -13.56 -8.90 0.58
C THR A 37 -13.29 -7.50 1.14
N GLN A 38 -12.98 -7.37 2.43
CA GLN A 38 -12.51 -6.13 3.05
C GLN A 38 -11.00 -6.18 3.19
N LEU A 39 -10.41 -5.05 3.55
CA LEU A 39 -9.04 -4.97 4.03
C LEU A 39 -9.03 -5.26 5.53
N LYS A 40 -7.83 -5.44 6.07
CA LYS A 40 -7.56 -5.55 7.49
C LYS A 40 -6.37 -4.67 7.82
N ASP A 41 -6.57 -3.70 8.70
CA ASP A 41 -5.51 -2.81 9.18
C ASP A 41 -4.55 -3.61 10.07
N GLY A 42 -3.25 -3.54 9.85
CA GLY A 42 -2.27 -4.16 10.72
C GLY A 42 -1.90 -3.31 11.93
N ALA A 43 -2.35 -2.05 11.99
CA ALA A 43 -2.18 -1.21 13.16
C ALA A 43 -2.93 -1.84 14.33
N THR A 44 -4.17 -2.26 14.10
CA THR A 44 -5.15 -2.50 15.14
C THR A 44 -5.98 -3.76 14.88
N GLY A 45 -5.96 -4.30 13.66
CA GLY A 45 -6.80 -5.42 13.26
C GLY A 45 -8.24 -4.92 13.10
N GLU A 46 -8.47 -4.02 12.15
CA GLU A 46 -9.79 -3.42 11.88
C GLU A 46 -10.14 -3.67 10.43
N SER A 47 -11.40 -3.99 10.12
CA SER A 47 -11.83 -4.28 8.76
C SER A 47 -12.05 -2.97 8.01
N LEU A 48 -11.22 -2.68 7.02
CA LEU A 48 -11.27 -1.41 6.31
C LEU A 48 -12.07 -1.58 5.03
N ALA A 49 -13.05 -0.70 4.87
CA ALA A 49 -14.08 -0.77 3.85
C ALA A 49 -13.52 -0.24 2.53
N SER A 50 -12.77 -1.09 1.84
CA SER A 50 -12.28 -0.81 0.50
C SER A 50 -13.45 -0.67 -0.49
N PRO A 51 -13.22 -0.08 -1.69
CA PRO A 51 -12.00 0.60 -2.09
C PRO A 51 -11.84 1.92 -1.32
N VAL A 52 -10.61 2.25 -0.92
CA VAL A 52 -10.31 3.36 -0.03
C VAL A 52 -8.97 3.97 -0.41
N ILE A 53 -8.82 5.29 -0.20
CA ILE A 53 -7.66 6.05 -0.62
C ILE A 53 -7.06 6.77 0.58
N LEU A 54 -6.00 6.21 1.18
CA LEU A 54 -5.29 6.87 2.27
C LEU A 54 -4.49 8.04 1.71
N SER A 55 -4.61 9.20 2.33
CA SER A 55 -3.82 10.39 2.06
C SER A 55 -2.54 10.36 2.91
N ASP A 56 -1.73 11.41 2.82
CA ASP A 56 -0.41 11.47 3.43
C ASP A 56 -0.47 11.35 4.95
N GLU A 57 -1.41 12.04 5.59
CA GLU A 57 -1.50 12.10 7.05
C GLU A 57 -1.89 10.73 7.60
N GLU A 58 -2.79 10.04 6.90
CA GLU A 58 -3.28 8.75 7.33
C GLU A 58 -2.10 7.75 7.35
N LEU A 59 -1.13 7.92 6.44
CA LEU A 59 0.08 7.13 6.35
C LEU A 59 1.16 7.45 7.41
N ALA A 60 0.83 8.07 8.54
CA ALA A 60 1.78 8.46 9.58
C ALA A 60 2.37 7.29 10.41
N VAL A 61 2.32 6.05 9.93
CA VAL A 61 2.88 4.90 10.63
C VAL A 61 4.28 4.56 10.13
N GLU A 62 5.09 3.93 10.97
CA GLU A 62 6.42 3.48 10.55
C GLU A 62 6.35 2.22 9.67
N LYS A 63 5.48 1.27 10.03
CA LYS A 63 5.50 -0.09 9.47
C LYS A 63 4.17 -0.75 9.82
N VAL A 64 3.30 -0.92 8.83
CA VAL A 64 1.99 -1.56 9.02
C VAL A 64 1.65 -2.49 7.85
N THR A 65 1.48 -3.76 8.16
CA THR A 65 1.06 -4.86 7.28
C THR A 65 -0.41 -4.65 6.89
N LEU A 66 -0.75 -4.62 5.60
CA LEU A 66 -2.13 -4.64 5.12
C LEU A 66 -2.37 -5.95 4.39
N SER A 67 -3.54 -6.54 4.57
CA SER A 67 -4.00 -7.76 3.90
C SER A 67 -5.52 -7.69 3.79
N THR A 68 -6.11 -8.70 3.17
CA THR A 68 -7.55 -8.83 3.07
C THR A 68 -8.11 -9.57 4.28
N THR A 69 -9.43 -9.50 4.48
CA THR A 69 -10.13 -10.39 5.39
C THR A 69 -10.40 -11.76 4.74
N GLY A 70 -10.24 -11.91 3.42
CA GLY A 70 -10.73 -13.07 2.69
C GLY A 70 -10.15 -13.17 1.27
N LYS A 71 -10.70 -14.10 0.48
CA LYS A 71 -10.34 -14.32 -0.92
C LYS A 71 -10.68 -13.07 -1.73
N ALA A 72 -9.75 -12.58 -2.56
CA ALA A 72 -9.89 -11.36 -3.32
C ALA A 72 -9.47 -11.54 -4.77
N ILE A 73 -9.91 -10.63 -5.64
CA ILE A 73 -9.59 -10.66 -7.06
C ILE A 73 -9.03 -9.29 -7.52
N GLU A 74 -8.64 -8.39 -6.60
CA GLU A 74 -7.92 -7.16 -6.96
C GLU A 74 -6.98 -6.75 -5.84
N PHE A 75 -5.96 -5.95 -6.18
CA PHE A 75 -5.13 -5.19 -5.23
C PHE A 75 -4.41 -4.09 -6.03
N ALA A 76 -4.92 -2.86 -5.98
CA ALA A 76 -4.33 -1.68 -6.63
C ALA A 76 -3.38 -0.95 -5.67
N VAL A 77 -2.25 -0.41 -6.14
CA VAL A 77 -1.33 0.40 -5.36
C VAL A 77 -0.73 1.47 -6.27
N SER A 78 -1.12 2.73 -6.11
CA SER A 78 -0.46 3.87 -6.76
C SER A 78 -0.39 5.04 -5.79
N GLY A 79 0.40 6.07 -6.11
CA GLY A 79 0.38 7.35 -5.42
C GLY A 79 1.69 8.08 -5.62
N GLY A 80 2.77 7.53 -5.08
CA GLY A 80 4.10 8.12 -5.16
C GLY A 80 4.24 9.38 -4.29
N VAL A 81 5.44 9.94 -4.25
CA VAL A 81 5.74 11.28 -3.74
C VAL A 81 6.56 12.00 -4.81
N VAL A 82 6.57 13.32 -4.75
CA VAL A 82 7.48 14.15 -5.55
C VAL A 82 8.43 14.86 -4.60
N ASP A 83 9.59 15.33 -5.08
CA ASP A 83 10.59 16.02 -4.27
C ASP A 83 10.48 17.55 -4.42
N GLY A 84 9.43 18.02 -5.09
CA GLY A 84 9.33 19.33 -5.72
C GLY A 84 9.11 20.51 -4.78
N GLU A 85 9.46 20.40 -3.50
CA GLU A 85 9.52 21.52 -2.58
C GLU A 85 10.43 22.58 -3.17
N ASP A 86 10.13 23.85 -2.91
CA ASP A 86 10.93 24.94 -3.41
C ASP A 86 10.88 26.10 -2.42
N GLY A 87 11.80 26.08 -1.45
CA GLY A 87 11.81 26.98 -0.30
C GLY A 87 12.16 26.27 1.01
N VAL A 88 12.29 24.95 1.01
CA VAL A 88 12.70 24.11 2.13
C VAL A 88 13.55 22.96 1.57
N VAL A 89 14.26 22.23 2.42
CA VAL A 89 14.98 20.99 2.07
C VAL A 89 14.32 19.87 2.87
N ASN A 90 14.48 18.62 2.46
CA ASN A 90 13.99 17.47 3.21
C ASN A 90 15.15 16.49 3.32
N GLU A 91 15.08 15.53 4.25
CA GLU A 91 15.96 14.37 4.21
C GLU A 91 15.42 13.32 3.23
N PRO A 92 16.23 12.32 2.85
CA PRO A 92 15.79 11.24 1.99
C PRO A 92 14.92 10.22 2.73
N MET A 93 14.26 9.35 1.97
CA MET A 93 13.44 8.30 2.51
C MET A 93 13.41 7.08 1.59
N GLN A 94 12.78 6.01 2.07
CA GLN A 94 12.51 4.79 1.32
C GLN A 94 11.09 4.37 1.57
N TRP A 95 10.55 3.60 0.62
CA TRP A 95 9.19 3.10 0.60
C TRP A 95 9.25 1.67 0.07
N VAL A 96 9.40 0.72 0.98
CA VAL A 96 9.22 -0.68 0.65
C VAL A 96 7.73 -0.93 0.70
N VAL A 97 7.19 -1.67 -0.27
CA VAL A 97 5.78 -2.03 -0.38
C VAL A 97 5.68 -3.45 -0.96
N THR A 98 6.34 -4.42 -0.33
CA THR A 98 6.34 -5.79 -0.85
C THR A 98 4.92 -6.33 -0.76
N VAL A 99 4.48 -7.07 -1.77
CA VAL A 99 3.22 -7.76 -1.72
C VAL A 99 3.47 -9.25 -1.48
N TYR A 100 2.45 -9.86 -0.90
CA TYR A 100 2.27 -11.28 -0.76
C TYR A 100 0.89 -11.64 -1.30
N LYS A 101 0.62 -12.92 -1.39
CA LYS A 101 -0.53 -13.62 -1.90
C LYS A 101 -1.07 -14.45 -0.73
N ASN A 102 -1.91 -15.46 -0.96
CA ASN A 102 -2.23 -16.47 0.06
C ASN A 102 -0.96 -17.32 0.34
N GLY A 103 0.04 -16.76 1.03
CA GLY A 103 1.29 -17.40 1.40
C GLY A 103 2.33 -17.54 0.28
N LYS A 104 2.35 -16.65 -0.71
CA LYS A 104 3.47 -16.51 -1.66
C LYS A 104 3.78 -15.02 -1.83
N GLU A 105 4.77 -14.68 -2.63
CA GLU A 105 5.12 -13.34 -3.10
C GLU A 105 5.04 -13.38 -4.63
N ILE A 106 4.53 -12.31 -5.25
CA ILE A 106 4.47 -12.12 -6.69
C ILE A 106 5.30 -10.93 -7.15
N GLU A 107 5.49 -9.90 -6.30
CA GLU A 107 6.18 -8.67 -6.71
C GLU A 107 6.91 -8.08 -5.48
N LYS A 108 8.09 -7.49 -5.69
CA LYS A 108 8.96 -7.01 -4.61
C LYS A 108 9.55 -5.64 -4.95
N LYS A 109 8.71 -4.76 -5.49
CA LYS A 109 9.13 -3.39 -5.80
C LYS A 109 9.38 -2.63 -4.50
N SER A 110 10.40 -1.77 -4.49
CA SER A 110 10.68 -0.78 -3.45
C SER A 110 11.12 0.51 -4.15
N LEU A 111 11.03 1.65 -3.45
CA LEU A 111 11.34 2.98 -3.96
C LEU A 111 12.37 3.62 -3.03
N VAL A 112 13.29 4.41 -3.59
CA VAL A 112 14.42 5.02 -2.88
C VAL A 112 14.49 6.48 -3.33
N PHE A 113 14.51 7.42 -2.39
CA PHE A 113 14.67 8.84 -2.66
C PHE A 113 15.98 9.32 -2.00
N ARG A 114 16.45 10.53 -2.36
CA ARG A 114 17.79 11.01 -2.02
C ARG A 114 17.84 12.46 -1.55
N ASP A 115 16.70 13.16 -1.53
CA ASP A 115 16.62 14.62 -1.67
C ASP A 115 17.17 15.05 -3.04
N GLY A 116 16.45 15.94 -3.73
CA GLY A 116 16.88 16.58 -4.96
C GLY A 116 16.93 15.61 -6.15
N LYS A 117 15.79 15.00 -6.51
CA LYS A 117 15.75 13.93 -7.53
C LYS A 117 14.69 14.17 -8.59
N GLU A 118 15.05 13.88 -9.84
CA GLU A 118 14.20 13.97 -11.02
C GLU A 118 13.28 12.74 -11.07
N ILE A 119 11.98 12.94 -10.88
CA ILE A 119 10.92 11.94 -10.94
C ILE A 119 9.76 12.45 -11.82
N SER A 120 8.81 11.57 -12.15
CA SER A 120 7.54 11.95 -12.75
C SER A 120 6.44 10.99 -12.27
N THR A 121 5.21 11.19 -12.74
CA THR A 121 3.95 10.68 -12.20
C THR A 121 3.71 9.16 -12.43
N ASP A 122 4.74 8.33 -12.35
CA ASP A 122 4.66 6.86 -12.43
C ASP A 122 5.53 6.23 -11.32
N ASP A 123 5.84 6.98 -10.26
CA ASP A 123 6.66 6.54 -9.12
C ASP A 123 6.15 5.25 -8.49
N LEU A 124 4.82 5.12 -8.38
CA LEU A 124 4.16 3.90 -7.95
C LEU A 124 2.89 3.79 -8.77
N ASN A 125 2.84 2.78 -9.63
CA ASN A 125 1.75 2.55 -10.56
C ASN A 125 1.57 1.04 -10.68
N LEU A 126 1.09 0.39 -9.63
CA LEU A 126 0.91 -1.05 -9.49
C LEU A 126 -0.59 -1.33 -9.51
N TYR A 127 -1.02 -2.39 -10.17
CA TYR A 127 -2.40 -2.87 -10.07
C TYR A 127 -2.41 -4.36 -10.37
N TYR A 128 -3.14 -5.13 -9.55
CA TYR A 128 -3.42 -6.54 -9.79
C TYR A 128 -4.92 -6.74 -9.91
N ASN A 129 -5.31 -7.72 -10.72
CA ASN A 129 -6.56 -8.45 -10.57
C ASN A 129 -6.20 -9.90 -10.51
N GLY A 1 -15.30 -25.48 9.14
CA GLY A 1 -15.64 -26.46 8.11
C GLY A 1 -14.99 -26.03 6.82
N ASP A 2 -15.69 -25.18 6.07
CA ASP A 2 -15.38 -24.70 4.72
C ASP A 2 -15.53 -25.90 3.80
N ASP A 3 -16.79 -26.21 3.58
CA ASP A 3 -17.33 -27.56 3.53
C ASP A 3 -17.49 -27.92 2.06
N ASP A 4 -16.34 -27.94 1.39
CA ASP A 4 -16.12 -27.58 -0.01
C ASP A 4 -16.56 -26.12 -0.28
N GLU A 5 -16.44 -25.66 -1.51
CA GLU A 5 -16.56 -24.26 -1.90
C GLU A 5 -16.66 -24.16 -3.44
N PRO A 6 -17.74 -24.67 -4.05
CA PRO A 6 -17.88 -24.77 -5.50
C PRO A 6 -18.21 -23.43 -6.15
N GLY A 7 -18.27 -23.42 -7.49
CA GLY A 7 -18.71 -22.28 -8.29
C GLY A 7 -17.50 -21.61 -8.93
N GLY A 8 -16.66 -20.99 -8.12
CA GLY A 8 -15.38 -20.42 -8.51
C GLY A 8 -14.69 -19.88 -7.27
N LYS A 9 -13.40 -19.54 -7.38
CA LYS A 9 -12.55 -19.17 -6.26
C LYS A 9 -11.71 -17.97 -6.66
N GLY A 10 -11.33 -17.22 -5.63
CA GLY A 10 -10.40 -16.11 -5.65
C GLY A 10 -9.34 -16.35 -4.59
N ALA A 11 -8.97 -15.31 -3.85
CA ALA A 11 -7.83 -15.33 -2.92
C ALA A 11 -8.06 -14.38 -1.73
N MET A 12 -7.08 -14.26 -0.82
CA MET A 12 -6.96 -13.14 0.11
C MET A 12 -5.80 -12.29 -0.36
N TYR A 13 -5.81 -11.01 0.02
CA TYR A 13 -4.73 -10.07 -0.28
C TYR A 13 -4.36 -9.26 0.97
N GLU A 14 -3.07 -9.09 1.18
CA GLU A 14 -2.42 -8.24 2.17
C GLU A 14 -1.30 -7.47 1.46
N VAL A 15 -1.21 -6.17 1.70
CA VAL A 15 -0.10 -5.29 1.33
C VAL A 15 0.61 -4.87 2.61
N THR A 16 1.88 -4.52 2.46
CA THR A 16 2.71 -3.94 3.49
C THR A 16 3.52 -2.89 2.77
N ILE A 17 3.77 -1.79 3.47
CA ILE A 17 4.50 -0.66 2.97
C ILE A 17 5.50 -0.31 4.04
N GLU A 18 6.74 -0.76 3.93
CA GLU A 18 7.82 -0.14 4.69
C GLU A 18 8.20 1.12 3.94
N GLN A 19 8.54 2.17 4.69
CA GLN A 19 9.06 3.41 4.20
C GLN A 19 10.42 3.57 4.85
N SER A 20 11.44 3.90 4.07
CA SER A 20 12.79 4.05 4.57
C SER A 20 13.23 5.51 4.47
N GLY A 21 14.31 5.86 5.15
CA GLY A 21 14.92 7.18 5.05
C GLY A 21 13.97 8.27 5.53
N ASP A 22 14.06 9.46 4.93
CA ASP A 22 13.22 10.60 5.27
C ASP A 22 11.85 10.46 4.62
N PHE A 23 11.00 9.62 5.19
CA PHE A 23 9.61 9.47 4.73
C PHE A 23 8.69 10.52 5.35
N ARG A 24 9.19 11.33 6.28
CA ARG A 24 8.41 12.40 6.92
C ARG A 24 8.14 13.48 5.88
N SER A 25 9.21 14.03 5.31
CA SER A 25 9.26 15.34 4.69
C SER A 25 8.65 15.36 3.27
N PHE A 26 7.60 14.58 3.02
CA PHE A 26 7.20 14.14 1.69
C PHE A 26 5.70 13.82 1.65
N ILE A 27 4.94 14.61 0.88
CA ILE A 27 3.48 14.50 0.65
C ILE A 27 3.10 13.24 -0.15
N LYS A 28 3.14 12.12 0.55
CA LYS A 28 2.86 10.75 0.09
C LYS A 28 1.36 10.49 -0.03
N SER A 29 0.95 9.47 -0.80
CA SER A 29 -0.45 9.09 -0.96
C SER A 29 -0.55 7.62 -1.37
N VAL A 30 -1.67 6.97 -1.04
CA VAL A 30 -2.00 5.60 -1.43
C VAL A 30 -3.39 5.60 -2.05
N VAL A 31 -3.56 4.82 -3.11
CA VAL A 31 -4.81 4.38 -3.70
C VAL A 31 -4.94 2.90 -3.31
N VAL A 32 -6.06 2.45 -2.75
CA VAL A 32 -6.28 1.04 -2.41
C VAL A 32 -7.66 0.58 -2.90
N VAL A 33 -7.79 -0.69 -3.30
CA VAL A 33 -9.02 -1.31 -3.79
C VAL A 33 -9.03 -2.73 -3.21
N ALA A 34 -10.22 -3.30 -2.98
CA ALA A 34 -10.41 -4.69 -2.63
C ALA A 34 -11.76 -5.11 -3.24
N ASN A 35 -11.74 -5.81 -4.38
CA ASN A 35 -12.97 -6.27 -5.02
C ASN A 35 -13.60 -7.36 -4.16
N GLY A 36 -14.81 -7.14 -3.65
CA GLY A 36 -15.68 -8.20 -3.18
C GLY A 36 -15.82 -8.27 -1.66
N THR A 37 -14.94 -7.60 -0.92
CA THR A 37 -14.89 -7.61 0.53
C THR A 37 -14.37 -6.25 1.04
N GLN A 38 -14.29 -6.08 2.36
CA GLN A 38 -13.70 -4.91 2.99
C GLN A 38 -12.22 -5.14 3.22
N LEU A 39 -11.47 -4.04 3.29
CA LEU A 39 -10.09 -4.01 3.74
C LEU A 39 -10.07 -4.10 5.27
N LYS A 40 -8.89 -4.35 5.83
CA LYS A 40 -8.65 -4.48 7.27
C LYS A 40 -7.36 -3.74 7.58
N ASP A 41 -7.38 -2.83 8.56
CA ASP A 41 -6.18 -2.10 8.96
C ASP A 41 -5.38 -2.93 9.95
N GLY A 42 -4.13 -3.24 9.60
CA GLY A 42 -3.26 -3.99 10.47
C GLY A 42 -2.82 -3.24 11.74
N ALA A 43 -3.14 -1.94 11.86
CA ALA A 43 -2.82 -1.12 13.02
C ALA A 43 -3.83 -1.35 14.15
N THR A 44 -5.06 -1.76 13.85
CA THR A 44 -6.17 -1.79 14.79
C THR A 44 -6.92 -3.11 14.68
N GLY A 45 -7.19 -3.60 13.47
CA GLY A 45 -8.17 -4.64 13.21
C GLY A 45 -9.53 -4.03 12.85
N GLU A 46 -9.59 -2.73 12.55
CA GLU A 46 -10.77 -2.11 11.97
C GLU A 46 -10.97 -2.64 10.54
N SER A 47 -12.19 -2.56 10.05
CA SER A 47 -12.60 -2.96 8.72
C SER A 47 -13.02 -1.72 7.93
N LEU A 48 -12.54 -1.58 6.69
CA LEU A 48 -12.52 -0.32 5.97
C LEU A 48 -13.10 -0.53 4.57
N ALA A 49 -13.92 0.42 4.13
CA ALA A 49 -14.78 0.31 2.96
C ALA A 49 -14.01 0.69 1.69
N SER A 50 -12.97 -0.06 1.35
CA SER A 50 -12.25 0.11 0.09
C SER A 50 -13.22 0.06 -1.11
N PRO A 51 -12.94 0.74 -2.23
CA PRO A 51 -11.74 1.54 -2.51
C PRO A 51 -11.71 2.89 -1.77
N VAL A 52 -10.54 3.28 -1.27
CA VAL A 52 -10.29 4.49 -0.47
C VAL A 52 -8.90 5.03 -0.84
N ILE A 53 -8.62 6.28 -0.46
CA ILE A 53 -7.33 6.94 -0.57
C ILE A 53 -6.84 7.20 0.86
N LEU A 54 -5.55 7.00 1.11
CA LEU A 54 -4.93 7.26 2.41
C LEU A 54 -3.93 8.38 2.18
N SER A 55 -4.09 9.41 2.98
CA SER A 55 -3.39 10.67 2.88
C SER A 55 -2.00 10.55 3.50
N ASP A 56 -1.24 11.64 3.35
CA ASP A 56 0.09 11.82 3.90
C ASP A 56 0.16 11.54 5.40
N GLU A 57 -0.88 11.95 6.14
CA GLU A 57 -0.91 11.83 7.58
C GLU A 57 -1.03 10.37 8.01
N GLU A 58 -1.83 9.58 7.30
CA GLU A 58 -2.04 8.17 7.61
C GLU A 58 -0.71 7.44 7.42
N LEU A 59 0.02 7.81 6.37
CA LEU A 59 1.28 7.22 5.92
C LEU A 59 2.51 7.82 6.62
N ALA A 60 2.41 8.60 7.69
CA ALA A 60 3.56 9.31 8.28
C ALA A 60 4.58 8.42 9.03
N VAL A 61 4.64 7.10 8.81
CA VAL A 61 5.22 6.12 9.72
C VAL A 61 6.30 5.26 9.04
N GLU A 62 7.06 4.47 9.81
CA GLU A 62 8.05 3.56 9.24
C GLU A 62 7.41 2.44 8.42
N LYS A 63 6.19 2.00 8.76
CA LYS A 63 5.51 0.94 8.00
C LYS A 63 4.01 1.06 8.16
N VAL A 64 3.24 0.63 7.16
CA VAL A 64 1.84 0.26 7.37
C VAL A 64 1.65 -1.17 6.84
N THR A 65 0.64 -1.88 7.33
CA THR A 65 0.28 -3.24 6.97
C THR A 65 -1.24 -3.26 6.81
N LEU A 66 -1.80 -3.71 5.69
CA LEU A 66 -3.25 -3.86 5.55
C LEU A 66 -3.58 -5.12 4.79
N SER A 67 -4.71 -5.72 5.16
CA SER A 67 -5.18 -6.97 4.59
C SER A 67 -6.66 -6.83 4.24
N THR A 68 -7.29 -7.96 3.97
CA THR A 68 -8.69 -8.08 3.61
C THR A 68 -9.42 -8.81 4.72
N THR A 69 -10.68 -8.43 4.91
CA THR A 69 -11.56 -9.11 5.85
C THR A 69 -12.10 -10.44 5.32
N GLY A 70 -11.94 -10.68 4.02
CA GLY A 70 -12.51 -11.82 3.34
C GLY A 70 -11.78 -12.06 2.03
N LYS A 71 -12.36 -12.91 1.19
CA LYS A 71 -11.84 -13.19 -0.13
C LYS A 71 -11.97 -11.93 -0.97
N ALA A 72 -10.91 -11.56 -1.68
CA ALA A 72 -10.95 -10.46 -2.63
C ALA A 72 -10.54 -10.97 -4.00
N ILE A 73 -11.02 -10.30 -5.04
CA ILE A 73 -10.77 -10.66 -6.43
C ILE A 73 -9.90 -9.57 -7.08
N GLU A 74 -9.54 -8.50 -6.38
CA GLU A 74 -8.62 -7.47 -6.86
C GLU A 74 -7.88 -6.90 -5.67
N PHE A 75 -6.72 -6.32 -5.96
CA PHE A 75 -6.02 -5.35 -5.13
C PHE A 75 -5.40 -4.35 -6.10
N ALA A 76 -5.11 -3.15 -5.63
CA ALA A 76 -4.24 -2.24 -6.33
C ALA A 76 -3.37 -1.55 -5.29
N VAL A 77 -2.13 -1.30 -5.68
CA VAL A 77 -1.15 -0.58 -4.91
C VAL A 77 -0.64 0.46 -5.89
N SER A 78 -1.29 1.60 -5.88
CA SER A 78 -0.99 2.79 -6.66
C SER A 78 -0.86 3.93 -5.64
N GLY A 79 -0.19 5.01 -6.03
CA GLY A 79 0.28 6.02 -5.11
C GLY A 79 1.68 6.42 -5.52
N GLY A 80 2.47 6.88 -4.56
CA GLY A 80 3.74 7.54 -4.80
C GLY A 80 3.81 8.75 -3.88
N VAL A 81 4.74 9.64 -4.16
CA VAL A 81 4.94 10.87 -3.44
C VAL A 81 5.42 11.94 -4.41
N VAL A 82 5.32 13.20 -3.98
CA VAL A 82 5.95 14.33 -4.64
C VAL A 82 6.62 15.14 -3.53
N ASP A 83 7.65 15.92 -3.85
CA ASP A 83 8.26 16.81 -2.89
C ASP A 83 7.47 18.13 -2.89
N GLY A 84 7.02 18.58 -1.72
CA GLY A 84 6.37 19.86 -1.49
C GLY A 84 7.35 20.94 -1.01
N GLU A 85 8.63 20.61 -0.92
CA GLU A 85 9.70 21.46 -0.40
C GLU A 85 10.77 21.64 -1.49
N ASP A 86 11.75 22.51 -1.22
CA ASP A 86 12.99 22.70 -1.98
C ASP A 86 13.78 23.76 -1.23
N GLY A 87 14.77 23.35 -0.45
CA GLY A 87 15.61 24.20 0.37
C GLY A 87 16.00 23.52 1.67
N VAL A 88 15.11 22.75 2.30
CA VAL A 88 15.41 21.99 3.50
C VAL A 88 16.11 20.68 3.12
N VAL A 89 17.42 20.75 2.89
CA VAL A 89 18.25 19.64 2.46
C VAL A 89 18.21 18.53 3.51
N ASN A 90 17.34 17.54 3.30
CA ASN A 90 17.04 16.45 4.23
C ASN A 90 17.65 15.15 3.69
N GLU A 91 17.16 13.96 4.06
CA GLU A 91 17.69 12.70 3.54
C GLU A 91 16.85 12.18 2.37
N PRO A 92 17.38 11.22 1.60
CA PRO A 92 16.57 10.44 0.68
C PRO A 92 15.67 9.43 1.40
N MET A 93 14.81 8.72 0.65
CA MET A 93 13.77 7.84 1.15
C MET A 93 13.48 6.80 0.08
N GLN A 94 12.54 5.90 0.33
CA GLN A 94 12.01 4.94 -0.64
C GLN A 94 10.79 4.30 0.00
N TRP A 95 9.99 3.62 -0.83
CA TRP A 95 9.00 2.65 -0.39
C TRP A 95 9.55 1.26 -0.67
N VAL A 96 9.24 0.35 0.22
CA VAL A 96 9.59 -1.05 0.17
C VAL A 96 8.22 -1.71 0.39
N VAL A 97 7.41 -1.77 -0.68
CA VAL A 97 6.12 -2.41 -0.61
C VAL A 97 6.33 -3.90 -0.83
N THR A 98 5.53 -4.69 -0.14
CA THR A 98 5.51 -6.12 -0.26
C THR A 98 4.05 -6.49 -0.36
N VAL A 99 3.75 -7.50 -1.17
CA VAL A 99 2.38 -7.93 -1.39
C VAL A 99 2.34 -9.43 -1.14
N TYR A 100 1.39 -9.87 -0.33
CA TYR A 100 1.13 -11.25 0.01
C TYR A 100 -0.24 -11.66 -0.49
N LYS A 101 -0.37 -12.88 -0.98
CA LYS A 101 -1.64 -13.56 -1.18
C LYS A 101 -2.09 -14.18 0.16
N ASN A 102 -3.03 -15.12 0.13
CA ASN A 102 -3.43 -16.02 1.21
C ASN A 102 -2.22 -16.86 1.66
N GLY A 103 -1.28 -16.25 2.39
CA GLY A 103 -0.14 -16.92 3.01
C GLY A 103 0.99 -17.27 2.05
N LYS A 104 1.34 -16.39 1.11
CA LYS A 104 2.55 -16.44 0.28
C LYS A 104 2.91 -15.02 -0.12
N GLU A 105 4.18 -14.68 -0.29
CA GLU A 105 4.58 -13.42 -0.90
C GLU A 105 4.39 -13.54 -2.41
N ILE A 106 4.03 -12.46 -3.10
CA ILE A 106 3.87 -12.40 -4.56
C ILE A 106 4.57 -11.18 -5.17
N GLU A 107 4.83 -10.12 -4.40
CA GLU A 107 5.56 -8.93 -4.87
C GLU A 107 6.54 -8.50 -3.80
N LYS A 108 7.70 -7.96 -4.19
CA LYS A 108 8.73 -7.46 -3.29
C LYS A 108 9.38 -6.20 -3.87
N LYS A 109 8.65 -5.45 -4.69
CA LYS A 109 9.24 -4.35 -5.44
C LYS A 109 9.37 -3.12 -4.55
N SER A 110 10.54 -2.53 -4.57
CA SER A 110 10.89 -1.33 -3.85
C SER A 110 10.99 -0.17 -4.85
N LEU A 111 11.05 1.06 -4.35
CA LEU A 111 11.03 2.30 -5.13
C LEU A 111 12.23 3.15 -4.68
N VAL A 112 12.39 4.35 -5.23
CA VAL A 112 13.44 5.28 -4.82
C VAL A 112 12.94 6.71 -5.07
N PHE A 113 13.34 7.68 -4.23
CA PHE A 113 13.28 9.12 -4.47
C PHE A 113 14.32 9.80 -3.58
N ARG A 114 14.54 11.11 -3.76
CA ARG A 114 15.32 11.95 -2.85
C ARG A 114 14.64 13.32 -2.67
N ASP A 115 15.22 14.10 -1.76
CA ASP A 115 15.02 15.52 -1.49
C ASP A 115 15.23 16.39 -2.74
N GLY A 116 14.44 17.46 -2.83
CA GLY A 116 14.63 18.60 -3.71
C GLY A 116 14.93 18.20 -5.14
N LYS A 117 14.12 17.32 -5.75
CA LYS A 117 14.44 16.72 -7.04
C LYS A 117 13.21 16.52 -7.89
N GLU A 118 13.45 16.25 -9.17
CA GLU A 118 12.52 15.62 -10.10
C GLU A 118 11.86 14.41 -9.45
N ILE A 119 10.59 14.20 -9.76
CA ILE A 119 9.77 13.03 -9.46
C ILE A 119 8.89 12.85 -10.69
N SER A 120 8.21 11.71 -10.81
CA SER A 120 7.17 11.51 -11.79
C SER A 120 5.99 10.88 -11.09
N THR A 121 4.79 11.16 -11.57
CA THR A 121 3.56 10.49 -11.22
C THR A 121 3.53 9.12 -11.93
N ASP A 122 4.53 8.29 -11.64
CA ASP A 122 4.73 6.97 -12.23
C ASP A 122 5.28 5.93 -11.26
N ASP A 123 5.54 6.32 -10.01
CA ASP A 123 6.38 5.57 -9.08
C ASP A 123 5.79 4.21 -8.74
N LEU A 124 4.47 4.14 -8.59
CA LEU A 124 3.79 2.96 -8.04
C LEU A 124 2.69 2.53 -9.01
N ASN A 125 2.87 1.38 -9.64
CA ASN A 125 2.00 0.87 -10.71
C ASN A 125 1.76 -0.63 -10.52
N LEU A 126 1.35 -1.03 -9.32
CA LEU A 126 1.07 -2.43 -9.00
C LEU A 126 -0.44 -2.64 -9.01
N TYR A 127 -0.89 -3.82 -9.45
CA TYR A 127 -2.29 -4.23 -9.51
C TYR A 127 -2.33 -5.75 -9.51
N TYR A 128 -3.38 -6.35 -8.95
CA TYR A 128 -3.60 -7.79 -8.93
C TYR A 128 -5.10 -8.07 -9.06
N ASN A 129 -5.43 -9.24 -9.61
CA ASN A 129 -6.76 -9.83 -9.57
C ASN A 129 -6.63 -11.31 -9.27
N GLY A 1 -24.12 -19.98 15.91
CA GLY A 1 -23.16 -21.08 16.02
C GLY A 1 -22.99 -21.67 14.64
N ASP A 2 -22.02 -21.16 13.91
CA ASP A 2 -21.90 -21.12 12.46
C ASP A 2 -20.63 -20.30 12.22
N ASP A 3 -19.86 -20.64 11.18
CA ASP A 3 -18.68 -19.88 10.78
C ASP A 3 -18.40 -19.99 9.28
N ASP A 4 -19.37 -20.47 8.49
CA ASP A 4 -19.22 -20.68 7.06
C ASP A 4 -19.13 -19.33 6.32
N GLU A 5 -18.57 -19.32 5.11
CA GLU A 5 -18.32 -18.12 4.33
C GLU A 5 -18.09 -18.47 2.83
N PRO A 6 -19.06 -19.08 2.13
CA PRO A 6 -18.86 -19.60 0.78
C PRO A 6 -18.87 -18.46 -0.26
N GLY A 7 -18.08 -18.61 -1.32
CA GLY A 7 -17.99 -17.62 -2.39
C GLY A 7 -17.36 -18.23 -3.63
N GLY A 8 -16.04 -18.31 -3.68
CA GLY A 8 -15.34 -18.79 -4.86
C GLY A 8 -13.85 -18.91 -4.67
N LYS A 9 -13.10 -18.78 -5.77
CA LYS A 9 -11.68 -19.08 -5.82
C LYS A 9 -10.95 -17.96 -6.56
N GLY A 10 -10.10 -17.28 -5.80
CA GLY A 10 -9.12 -16.32 -6.28
C GLY A 10 -7.96 -16.38 -5.28
N ALA A 11 -7.50 -15.24 -4.78
CA ALA A 11 -6.29 -15.18 -3.96
C ALA A 11 -6.49 -14.21 -2.81
N MET A 12 -5.91 -14.52 -1.67
CA MET A 12 -5.53 -13.50 -0.70
C MET A 12 -4.51 -12.60 -1.37
N TYR A 13 -4.52 -11.31 -1.03
CA TYR A 13 -3.43 -10.40 -1.31
C TYR A 13 -3.19 -9.57 -0.04
N GLU A 14 -1.94 -9.19 0.17
CA GLU A 14 -1.46 -8.43 1.32
C GLU A 14 -0.37 -7.49 0.80
N VAL A 15 -0.65 -6.19 0.78
CA VAL A 15 0.36 -5.18 0.51
C VAL A 15 0.98 -4.80 1.86
N THR A 16 2.28 -4.55 1.84
CA THR A 16 3.01 -3.96 2.95
C THR A 16 3.72 -2.72 2.41
N ILE A 17 4.02 -1.78 3.31
CA ILE A 17 4.88 -0.65 3.06
C ILE A 17 5.76 -0.50 4.29
N GLU A 18 7.02 -0.12 4.10
CA GLU A 18 7.99 0.23 5.15
C GLU A 18 8.56 1.57 4.71
N GLN A 19 8.01 2.64 5.28
CA GLN A 19 8.44 4.01 5.09
C GLN A 19 9.59 4.25 6.07
N SER A 20 10.73 4.70 5.57
CA SER A 20 11.85 5.03 6.42
C SER A 20 12.69 6.11 5.75
N GLY A 21 13.60 6.69 6.52
CA GLY A 21 14.18 7.99 6.25
C GLY A 21 13.11 9.08 6.41
N ASP A 22 13.30 10.24 5.79
CA ASP A 22 12.48 11.44 6.03
C ASP A 22 11.10 11.38 5.34
N PHE A 23 10.34 10.31 5.56
CA PHE A 23 9.06 10.07 4.89
C PHE A 23 7.95 11.09 5.23
N ARG A 24 8.18 12.00 6.19
CA ARG A 24 7.16 12.93 6.67
C ARG A 24 6.66 13.79 5.51
N SER A 25 7.57 14.55 4.91
CA SER A 25 7.30 15.63 3.96
C SER A 25 6.98 15.13 2.54
N PHE A 26 6.43 13.92 2.40
CA PHE A 26 6.23 13.26 1.13
C PHE A 26 4.76 12.92 0.98
N ILE A 27 4.09 13.40 -0.08
CA ILE A 27 2.65 13.15 -0.24
C ILE A 27 2.43 11.66 -0.56
N LYS A 28 2.08 10.87 0.45
CA LYS A 28 1.81 9.45 0.29
C LYS A 28 0.45 9.25 -0.37
N SER A 29 0.37 8.42 -1.41
CA SER A 29 -0.88 7.96 -1.99
C SER A 29 -0.77 6.46 -2.29
N VAL A 30 -1.78 5.67 -1.93
CA VAL A 30 -1.96 4.29 -2.39
C VAL A 30 -3.43 4.08 -2.75
N VAL A 31 -3.74 3.87 -4.03
CA VAL A 31 -4.99 3.21 -4.43
C VAL A 31 -4.89 1.74 -4.02
N VAL A 32 -5.94 1.20 -3.38
CA VAL A 32 -6.08 -0.20 -2.98
C VAL A 32 -7.46 -0.67 -3.40
N VAL A 33 -7.57 -1.94 -3.83
CA VAL A 33 -8.76 -2.52 -4.44
C VAL A 33 -8.90 -3.95 -3.91
N ALA A 34 -10.12 -4.52 -3.97
CA ALA A 34 -10.37 -5.93 -3.72
C ALA A 34 -11.63 -6.33 -4.48
N ASN A 35 -11.71 -7.62 -4.80
CA ASN A 35 -12.83 -8.23 -5.49
C ASN A 35 -13.45 -9.29 -4.60
N GLY A 36 -14.56 -8.95 -3.98
CA GLY A 36 -15.42 -9.82 -3.22
C GLY A 36 -15.26 -9.41 -1.78
N THR A 37 -14.17 -9.90 -1.20
CA THR A 37 -13.82 -9.75 0.20
C THR A 37 -13.43 -8.31 0.50
N GLN A 38 -13.19 -8.03 1.78
CA GLN A 38 -12.89 -6.70 2.28
C GLN A 38 -11.44 -6.60 2.74
N LEU A 39 -11.04 -5.39 3.07
CA LEU A 39 -9.70 -5.04 3.55
C LEU A 39 -9.74 -4.93 5.06
N LYS A 40 -8.57 -4.93 5.67
CA LYS A 40 -8.40 -4.73 7.10
C LYS A 40 -7.20 -3.85 7.36
N ASP A 41 -7.41 -2.75 8.07
CA ASP A 41 -6.31 -1.87 8.44
C ASP A 41 -5.48 -2.51 9.54
N GLY A 42 -4.17 -2.63 9.34
CA GLY A 42 -3.26 -3.20 10.33
C GLY A 42 -2.96 -2.28 11.52
N ALA A 43 -3.63 -1.13 11.67
CA ALA A 43 -3.56 -0.30 12.86
C ALA A 43 -4.37 -0.94 13.98
N THR A 44 -5.68 -1.09 13.76
CA THR A 44 -6.66 -1.49 14.78
C THR A 44 -7.56 -2.63 14.29
N GLY A 45 -7.25 -3.19 13.13
CA GLY A 45 -8.08 -4.22 12.52
C GLY A 45 -9.44 -3.64 12.15
N GLU A 46 -9.48 -2.36 11.78
CA GLU A 46 -10.70 -1.71 11.31
C GLU A 46 -11.04 -2.39 9.98
N SER A 47 -12.27 -2.87 9.85
CA SER A 47 -12.69 -3.72 8.74
C SER A 47 -13.22 -2.81 7.64
N LEU A 48 -12.44 -2.62 6.59
CA LEU A 48 -12.60 -1.59 5.58
C LEU A 48 -13.46 -2.10 4.42
N ALA A 49 -13.61 -1.31 3.36
CA ALA A 49 -14.38 -1.64 2.17
C ALA A 49 -13.61 -1.08 0.97
N SER A 50 -13.02 -1.94 0.16
CA SER A 50 -12.38 -1.52 -1.08
C SER A 50 -13.42 -1.35 -2.20
N PRO A 51 -13.06 -0.68 -3.32
CA PRO A 51 -11.82 0.08 -3.50
C PRO A 51 -11.79 1.34 -2.61
N VAL A 52 -10.62 1.66 -2.08
CA VAL A 52 -10.35 2.78 -1.18
C VAL A 52 -8.97 3.39 -1.44
N ILE A 53 -8.72 4.59 -0.93
CA ILE A 53 -7.49 5.35 -1.07
C ILE A 53 -6.93 5.57 0.32
N LEU A 54 -5.72 5.04 0.53
CA LEU A 54 -4.86 5.49 1.59
C LEU A 54 -4.30 6.85 1.20
N SER A 55 -4.83 7.89 1.82
CA SER A 55 -4.28 9.24 1.78
C SER A 55 -3.06 9.35 2.71
N ASP A 56 -2.46 10.54 2.75
CA ASP A 56 -1.41 10.92 3.71
C ASP A 56 -1.80 10.62 5.15
N GLU A 57 -3.08 10.75 5.50
CA GLU A 57 -3.62 10.51 6.83
C GLU A 57 -3.51 9.05 7.25
N GLU A 58 -3.63 8.14 6.29
CA GLU A 58 -3.65 6.71 6.53
C GLU A 58 -2.21 6.25 6.55
N LEU A 59 -1.42 6.67 5.55
CA LEU A 59 0.02 6.46 5.42
C LEU A 59 0.82 7.40 6.36
N ALA A 60 0.21 7.92 7.42
CA ALA A 60 0.85 8.75 8.43
C ALA A 60 1.77 7.95 9.37
N VAL A 61 1.80 6.63 9.23
CA VAL A 61 2.55 5.66 10.04
C VAL A 61 3.72 5.07 9.24
N GLU A 62 4.69 4.51 9.94
CA GLU A 62 5.92 3.95 9.37
C GLU A 62 5.65 2.70 8.52
N LYS A 63 4.67 1.88 8.90
CA LYS A 63 4.49 0.53 8.38
C LYS A 63 3.00 0.30 8.27
N VAL A 64 2.49 -0.09 7.10
CA VAL A 64 1.06 -0.16 6.89
C VAL A 64 0.73 -1.48 6.17
N THR A 65 0.48 -2.54 6.94
CA THR A 65 0.06 -3.83 6.41
C THR A 65 -1.45 -3.81 6.11
N LEU A 66 -1.82 -3.93 4.85
CA LEU A 66 -3.22 -4.03 4.43
C LEU A 66 -3.39 -5.40 3.78
N SER A 67 -4.44 -6.12 4.19
CA SER A 67 -4.68 -7.48 3.73
C SER A 67 -6.18 -7.73 3.65
N THR A 68 -6.52 -8.85 3.02
CA THR A 68 -7.86 -9.24 2.65
C THR A 68 -8.47 -10.17 3.69
N THR A 69 -9.76 -10.00 4.01
CA THR A 69 -10.36 -10.77 5.06
C THR A 69 -10.50 -12.27 4.73
N GLY A 70 -10.65 -12.64 3.45
CA GLY A 70 -10.92 -14.01 3.02
C GLY A 70 -10.03 -14.46 1.87
N LYS A 71 -10.47 -14.15 0.66
CA LYS A 71 -9.78 -14.09 -0.62
C LYS A 71 -10.47 -13.05 -1.47
N ALA A 72 -9.70 -12.27 -2.18
CA ALA A 72 -10.17 -11.39 -3.22
C ALA A 72 -9.88 -12.08 -4.52
N ILE A 73 -10.05 -11.32 -5.60
CA ILE A 73 -9.62 -11.77 -6.91
C ILE A 73 -8.48 -10.87 -7.44
N GLU A 74 -8.33 -9.65 -6.92
CA GLU A 74 -7.61 -8.55 -7.57
C GLU A 74 -6.98 -7.64 -6.50
N PHE A 75 -6.04 -6.77 -6.86
CA PHE A 75 -5.31 -5.86 -5.97
C PHE A 75 -4.61 -4.77 -6.78
N ALA A 76 -4.85 -3.48 -6.52
CA ALA A 76 -4.01 -2.41 -7.09
C ALA A 76 -3.15 -1.81 -5.99
N VAL A 77 -2.03 -1.21 -6.39
CA VAL A 77 -1.09 -0.46 -5.56
C VAL A 77 -0.48 0.58 -6.50
N SER A 78 -1.04 1.79 -6.55
CA SER A 78 -0.53 2.89 -7.39
C SER A 78 -0.55 4.20 -6.60
N GLY A 79 0.24 5.18 -7.05
CA GLY A 79 0.30 6.53 -6.50
C GLY A 79 1.73 7.02 -6.69
N GLY A 80 2.53 6.89 -5.63
CA GLY A 80 3.89 7.40 -5.59
C GLY A 80 4.08 8.21 -4.31
N VAL A 81 5.19 8.93 -4.24
CA VAL A 81 5.41 10.05 -3.33
C VAL A 81 6.15 11.13 -4.13
N VAL A 82 6.10 12.37 -3.63
CA VAL A 82 6.87 13.50 -4.14
C VAL A 82 7.27 14.32 -2.91
N ASP A 83 8.51 14.82 -2.91
CA ASP A 83 9.06 15.65 -1.84
C ASP A 83 8.29 16.98 -1.75
N GLY A 84 8.16 17.52 -0.54
CA GLY A 84 7.49 18.79 -0.28
C GLY A 84 8.41 19.98 -0.49
N GLU A 85 9.70 19.73 -0.72
CA GLU A 85 10.73 20.75 -0.75
C GLU A 85 11.85 20.41 -1.73
N ASP A 86 12.51 21.46 -2.22
CA ASP A 86 13.84 21.43 -2.81
C ASP A 86 14.47 22.77 -2.43
N GLY A 87 15.35 22.78 -1.42
CA GLY A 87 16.01 23.99 -0.92
C GLY A 87 16.27 24.04 0.60
N VAL A 88 15.99 22.97 1.35
CA VAL A 88 16.31 22.83 2.76
C VAL A 88 17.29 21.66 2.95
N VAL A 89 17.70 21.37 4.19
CA VAL A 89 18.55 20.23 4.54
C VAL A 89 17.69 19.23 5.33
N ASN A 90 17.22 18.22 4.61
CA ASN A 90 16.43 17.09 5.12
C ASN A 90 17.29 15.84 4.97
N GLU A 91 16.72 14.65 5.06
CA GLU A 91 17.40 13.39 4.78
C GLU A 91 16.64 12.64 3.68
N PRO A 92 17.24 11.63 3.04
CA PRO A 92 16.56 10.83 2.03
C PRO A 92 15.59 9.84 2.67
N MET A 93 14.83 9.10 1.85
CA MET A 93 13.82 8.18 2.32
C MET A 93 13.74 7.00 1.38
N GLN A 94 13.04 5.94 1.77
CA GLN A 94 12.74 4.81 0.92
C GLN A 94 11.34 4.31 1.22
N TRP A 95 10.82 3.57 0.23
CA TRP A 95 9.59 2.82 0.27
C TRP A 95 10.01 1.42 -0.16
N VAL A 96 9.95 0.45 0.74
CA VAL A 96 9.90 -0.95 0.36
C VAL A 96 8.41 -1.26 0.29
N VAL A 97 7.96 -1.91 -0.77
CA VAL A 97 6.59 -2.39 -0.91
C VAL A 97 6.67 -3.84 -1.39
N THR A 98 5.60 -4.60 -1.24
CA THR A 98 5.54 -5.99 -1.64
C THR A 98 4.05 -6.33 -1.80
N VAL A 99 3.71 -7.33 -2.60
CA VAL A 99 2.35 -7.87 -2.69
C VAL A 99 2.43 -9.36 -2.42
N TYR A 100 2.28 -9.73 -1.15
CA TYR A 100 2.14 -11.12 -0.75
C TYR A 100 0.76 -11.62 -1.17
N LYS A 101 0.61 -12.94 -1.19
CA LYS A 101 -0.49 -13.71 -1.76
C LYS A 101 -1.04 -14.69 -0.72
N ASN A 102 -1.66 -15.80 -1.13
CA ASN A 102 -2.11 -16.93 -0.28
C ASN A 102 -0.92 -17.61 0.44
N GLY A 103 -0.18 -16.90 1.27
CA GLY A 103 1.08 -17.38 1.81
C GLY A 103 2.10 -17.65 0.71
N LYS A 104 2.54 -16.59 0.01
CA LYS A 104 3.85 -16.47 -0.62
C LYS A 104 4.06 -15.01 -0.98
N GLU A 105 5.30 -14.65 -1.28
CA GLU A 105 5.70 -13.47 -2.05
C GLU A 105 5.44 -13.79 -3.53
N ILE A 106 5.09 -12.80 -4.36
CA ILE A 106 5.08 -12.87 -5.83
C ILE A 106 5.72 -11.62 -6.48
N GLU A 107 6.00 -10.56 -5.73
CA GLU A 107 6.32 -9.22 -6.20
C GLU A 107 7.35 -8.59 -5.25
N LYS A 108 8.11 -7.56 -5.66
CA LYS A 108 9.20 -6.98 -4.88
C LYS A 108 9.51 -5.51 -5.20
N LYS A 109 8.53 -4.75 -5.70
CA LYS A 109 8.69 -3.32 -6.01
C LYS A 109 9.34 -2.56 -4.85
N SER A 110 10.39 -1.80 -5.12
CA SER A 110 11.14 -1.08 -4.13
C SER A 110 11.67 0.21 -4.74
N LEU A 111 11.65 1.31 -3.97
CA LEU A 111 12.02 2.61 -4.47
C LEU A 111 12.95 3.29 -3.47
N VAL A 112 13.22 4.53 -3.79
CA VAL A 112 14.09 5.48 -3.13
C VAL A 112 13.70 6.89 -3.55
N PHE A 113 13.75 7.83 -2.61
CA PHE A 113 13.57 9.26 -2.83
C PHE A 113 14.62 9.96 -1.95
N ARG A 114 14.77 11.27 -2.11
CA ARG A 114 15.96 11.98 -1.61
C ARG A 114 15.57 13.23 -0.86
N ASP A 115 16.49 13.75 -0.07
CA ASP A 115 16.44 15.10 0.45
C ASP A 115 16.45 16.08 -0.70
N GLY A 116 15.37 16.86 -0.87
CA GLY A 116 15.39 18.08 -1.64
C GLY A 116 15.29 17.76 -3.10
N LYS A 117 14.26 17.02 -3.50
CA LYS A 117 13.99 16.75 -4.90
C LYS A 117 12.49 16.69 -5.15
N GLU A 118 11.92 17.78 -5.66
CA GLU A 118 10.64 17.69 -6.34
C GLU A 118 10.80 16.78 -7.58
N ILE A 119 9.76 16.02 -7.92
CA ILE A 119 9.65 15.14 -9.08
C ILE A 119 8.18 15.07 -9.48
N SER A 120 7.83 14.28 -10.50
CA SER A 120 6.51 13.70 -10.72
C SER A 120 6.72 12.51 -11.67
N THR A 121 6.40 11.29 -11.24
CA THR A 121 6.69 10.06 -11.97
C THR A 121 5.60 9.01 -11.68
N ASP A 122 5.38 8.10 -12.63
CA ASP A 122 4.47 6.95 -12.52
C ASP A 122 5.08 5.85 -11.63
N ASP A 123 5.90 6.21 -10.64
CA ASP A 123 6.78 5.31 -9.89
C ASP A 123 6.01 4.20 -9.15
N LEU A 124 4.70 4.35 -8.97
CA LEU A 124 3.81 3.34 -8.42
C LEU A 124 2.57 3.29 -9.30
N ASN A 125 2.41 2.18 -9.99
CA ASN A 125 1.40 1.92 -11.00
C ASN A 125 1.20 0.39 -11.09
N LEU A 126 0.92 -0.27 -9.97
CA LEU A 126 0.88 -1.73 -9.87
C LEU A 126 -0.58 -2.18 -9.77
N TYR A 127 -0.89 -3.32 -10.39
CA TYR A 127 -2.26 -3.74 -10.62
C TYR A 127 -2.28 -5.26 -10.86
N TYR A 128 -3.25 -5.92 -10.25
CA TYR A 128 -3.54 -7.34 -10.31
C TYR A 128 -5.06 -7.46 -10.44
N ASN A 129 -5.50 -8.20 -11.44
CA ASN A 129 -6.77 -8.92 -11.55
C ASN A 129 -6.50 -10.04 -12.55
N GLY A 1 -34.92 -12.99 5.46
CA GLY A 1 -34.60 -14.36 5.88
C GLY A 1 -33.73 -14.93 4.79
N ASP A 2 -32.47 -15.21 5.11
CA ASP A 2 -31.37 -15.16 4.17
C ASP A 2 -30.40 -16.19 4.68
N ASP A 3 -30.09 -17.14 3.82
CA ASP A 3 -29.24 -18.31 4.03
C ASP A 3 -28.53 -18.51 2.69
N ASP A 4 -27.23 -18.21 2.64
CA ASP A 4 -26.40 -18.29 1.44
C ASP A 4 -24.96 -18.55 1.86
N GLU A 5 -24.20 -19.30 1.05
CA GLU A 5 -22.84 -19.73 1.34
C GLU A 5 -22.08 -19.96 0.02
N PRO A 6 -21.91 -18.93 -0.83
CA PRO A 6 -21.33 -19.10 -2.16
C PRO A 6 -19.89 -19.62 -2.10
N GLY A 7 -19.44 -20.29 -3.16
CA GLY A 7 -18.21 -21.05 -3.20
C GLY A 7 -17.69 -21.04 -4.63
N GLY A 8 -16.58 -20.37 -4.85
CA GLY A 8 -15.84 -20.32 -6.11
C GLY A 8 -14.34 -20.31 -5.83
N LYS A 9 -13.57 -19.39 -6.43
CA LYS A 9 -12.13 -19.35 -6.33
C LYS A 9 -11.66 -17.91 -6.46
N GLY A 10 -10.44 -17.66 -5.98
CA GLY A 10 -9.65 -16.46 -6.10
C GLY A 10 -8.48 -16.56 -5.11
N ALA A 11 -8.03 -15.43 -4.60
CA ALA A 11 -6.74 -15.30 -3.93
C ALA A 11 -6.87 -14.74 -2.52
N MET A 12 -5.78 -14.88 -1.76
CA MET A 12 -5.32 -13.93 -0.78
C MET A 12 -3.97 -13.42 -1.24
N TYR A 13 -3.54 -12.39 -0.54
CA TYR A 13 -2.34 -11.59 -0.66
C TYR A 13 -2.33 -10.64 0.55
N GLU A 14 -1.17 -10.09 0.88
CA GLU A 14 -0.95 -9.17 1.99
C GLU A 14 0.28 -8.31 1.60
N VAL A 15 0.08 -7.02 1.36
CA VAL A 15 1.14 -6.07 1.07
C VAL A 15 1.81 -5.64 2.39
N THR A 16 3.05 -5.14 2.33
CA THR A 16 3.63 -4.34 3.40
C THR A 16 4.34 -3.17 2.75
N ILE A 17 4.59 -2.12 3.53
CA ILE A 17 5.38 -0.96 3.19
C ILE A 17 6.37 -0.76 4.32
N GLU A 18 7.57 -0.33 4.00
CA GLU A 18 8.61 0.10 4.89
C GLU A 18 9.13 1.44 4.37
N GLN A 19 9.38 2.36 5.29
CA GLN A 19 9.94 3.67 5.03
C GLN A 19 11.40 3.65 5.46
N SER A 20 12.24 4.37 4.73
CA SER A 20 13.69 4.42 4.94
C SER A 20 14.21 5.76 4.39
N GLY A 21 15.48 6.07 4.67
CA GLY A 21 16.07 7.40 4.51
C GLY A 21 15.25 8.45 5.28
N ASP A 22 15.19 9.68 4.78
CA ASP A 22 14.37 10.75 5.34
C ASP A 22 12.93 10.65 4.85
N PHE A 23 12.04 10.01 5.59
CA PHE A 23 10.67 9.80 5.13
C PHE A 23 9.70 10.86 5.65
N ARG A 24 10.19 11.92 6.29
CA ARG A 24 9.39 12.73 7.21
C ARG A 24 8.75 13.96 6.59
N SER A 25 9.05 14.26 5.33
CA SER A 25 8.74 15.56 4.75
C SER A 25 7.95 15.41 3.45
N PHE A 26 7.23 14.29 3.24
CA PHE A 26 6.72 13.88 1.94
C PHE A 26 5.27 13.38 2.07
N ILE A 27 4.31 14.04 1.41
CA ILE A 27 2.90 13.64 1.42
C ILE A 27 2.80 12.30 0.69
N LYS A 28 2.56 11.24 1.46
CA LYS A 28 2.42 9.88 0.97
C LYS A 28 1.01 9.69 0.40
N SER A 29 0.86 8.81 -0.59
CA SER A 29 -0.46 8.38 -1.07
C SER A 29 -0.32 6.96 -1.62
N VAL A 30 -1.28 6.07 -1.34
CA VAL A 30 -1.37 4.75 -1.98
C VAL A 30 -2.84 4.49 -2.34
N VAL A 31 -3.08 3.90 -3.52
CA VAL A 31 -4.33 3.37 -4.02
C VAL A 31 -4.27 1.83 -3.98
N VAL A 32 -5.32 1.21 -3.44
CA VAL A 32 -5.50 -0.23 -3.33
C VAL A 32 -6.86 -0.61 -3.94
N VAL A 33 -7.08 -1.90 -4.19
CA VAL A 33 -8.43 -2.45 -4.31
C VAL A 33 -8.46 -3.81 -3.61
N ALA A 34 -9.66 -4.34 -3.34
CA ALA A 34 -9.88 -5.72 -3.03
C ALA A 34 -11.17 -6.11 -3.74
N ASN A 35 -11.06 -6.77 -4.89
CA ASN A 35 -12.22 -7.20 -5.66
C ASN A 35 -12.96 -8.27 -4.84
N GLY A 36 -14.11 -7.93 -4.26
CA GLY A 36 -15.04 -8.90 -3.71
C GLY A 36 -14.92 -9.17 -2.21
N THR A 37 -14.10 -8.41 -1.46
CA THR A 37 -14.14 -8.42 0.00
C THR A 37 -13.58 -7.09 0.53
N GLN A 38 -13.44 -6.97 1.85
CA GLN A 38 -12.95 -5.79 2.53
C GLN A 38 -11.44 -5.84 2.73
N LEU A 39 -10.87 -4.67 3.04
CA LEU A 39 -9.48 -4.51 3.42
C LEU A 39 -9.38 -4.64 4.94
N LYS A 40 -8.17 -4.86 5.44
CA LYS A 40 -7.85 -4.90 6.86
C LYS A 40 -6.72 -3.91 7.08
N ASP A 41 -7.00 -2.88 7.90
CA ASP A 41 -6.04 -1.85 8.27
C ASP A 41 -5.07 -2.42 9.30
N GLY A 42 -3.78 -2.55 8.98
CA GLY A 42 -2.82 -3.23 9.84
C GLY A 42 -2.45 -2.43 11.09
N ALA A 43 -3.02 -1.24 11.32
CA ALA A 43 -2.88 -0.54 12.58
C ALA A 43 -3.61 -1.27 13.71
N THR A 44 -4.80 -1.79 13.44
CA THR A 44 -5.72 -2.32 14.46
C THR A 44 -6.39 -3.62 14.04
N GLY A 45 -6.42 -3.93 12.75
CA GLY A 45 -7.18 -5.03 12.19
C GLY A 45 -8.62 -4.61 11.87
N GLU A 46 -8.89 -3.32 11.73
CA GLU A 46 -10.19 -2.79 11.36
C GLU A 46 -10.47 -3.11 9.90
N SER A 47 -11.63 -3.69 9.64
CA SER A 47 -12.20 -3.90 8.34
C SER A 47 -12.54 -2.56 7.69
N LEU A 48 -12.17 -2.35 6.42
CA LEU A 48 -12.49 -1.15 5.65
C LEU A 48 -13.12 -1.51 4.31
N ALA A 49 -13.94 -0.60 3.80
CA ALA A 49 -14.61 -0.72 2.52
C ALA A 49 -13.65 -0.34 1.38
N SER A 50 -12.96 -1.33 0.85
CA SER A 50 -12.10 -1.18 -0.32
C SER A 50 -12.90 -0.68 -1.55
N PRO A 51 -12.26 0.01 -2.53
CA PRO A 51 -10.90 0.53 -2.52
C PRO A 51 -10.76 1.73 -1.58
N VAL A 52 -9.76 1.67 -0.71
CA VAL A 52 -9.36 2.78 0.16
C VAL A 52 -8.21 3.49 -0.52
N ILE A 53 -8.03 4.76 -0.18
CA ILE A 53 -6.84 5.53 -0.49
C ILE A 53 -6.20 5.84 0.86
N LEU A 54 -4.97 5.39 1.04
CA LEU A 54 -4.15 5.73 2.19
C LEU A 54 -3.59 7.14 2.01
N SER A 55 -3.13 7.69 3.12
CA SER A 55 -2.75 9.08 3.33
C SER A 55 -1.35 9.12 3.97
N ASP A 56 -1.00 10.16 4.71
CA ASP A 56 0.28 10.35 5.38
C ASP A 56 0.21 9.88 6.84
N GLU A 57 -0.96 9.98 7.47
CA GLU A 57 -1.21 9.61 8.87
C GLU A 57 -1.06 8.11 9.06
N GLU A 58 -1.55 7.32 8.10
CA GLU A 58 -1.53 5.89 8.17
C GLU A 58 -0.11 5.33 8.21
N LEU A 59 0.85 6.05 7.61
CA LEU A 59 2.26 5.72 7.49
C LEU A 59 3.07 6.27 8.68
N ALA A 60 2.46 6.43 9.86
CA ALA A 60 3.06 7.09 11.02
C ALA A 60 3.96 6.16 11.86
N VAL A 61 4.42 5.01 11.36
CA VAL A 61 5.50 4.23 11.97
C VAL A 61 6.60 4.03 10.92
N GLU A 62 7.51 3.08 11.14
CA GLU A 62 8.47 2.63 10.13
C GLU A 62 7.86 1.72 9.06
N LYS A 63 6.82 0.93 9.37
CA LYS A 63 6.40 -0.22 8.56
C LYS A 63 4.92 -0.53 8.73
N VAL A 64 4.15 -0.72 7.65
CA VAL A 64 2.73 -1.09 7.74
C VAL A 64 2.52 -2.43 7.00
N THR A 65 1.38 -3.06 7.22
CA THR A 65 0.92 -4.32 6.64
C THR A 65 -0.55 -4.10 6.23
N LEU A 66 -0.97 -4.37 4.99
CA LEU A 66 -2.40 -4.29 4.60
C LEU A 66 -2.77 -5.59 3.90
N SER A 67 -3.91 -6.16 4.26
CA SER A 67 -4.38 -7.44 3.73
C SER A 67 -5.86 -7.33 3.40
N THR A 68 -6.44 -8.37 2.83
CA THR A 68 -7.89 -8.50 2.75
C THR A 68 -8.43 -9.22 3.97
N THR A 69 -9.68 -8.97 4.34
CA THR A 69 -10.32 -9.73 5.41
C THR A 69 -10.75 -11.13 4.95
N GLY A 70 -10.76 -11.40 3.64
CA GLY A 70 -11.19 -12.65 3.07
C GLY A 70 -10.55 -12.87 1.70
N LYS A 71 -11.05 -13.87 0.98
CA LYS A 71 -10.71 -14.09 -0.41
C LYS A 71 -11.10 -12.86 -1.22
N ALA A 72 -10.26 -12.44 -2.15
CA ALA A 72 -10.60 -11.45 -3.15
C ALA A 72 -10.11 -11.94 -4.50
N ILE A 73 -10.37 -11.17 -5.56
CA ILE A 73 -10.01 -11.54 -6.93
C ILE A 73 -8.98 -10.56 -7.50
N GLU A 74 -8.69 -9.42 -6.86
CA GLU A 74 -7.61 -8.51 -7.25
C GLU A 74 -7.10 -7.74 -6.03
N PHE A 75 -5.85 -7.29 -6.11
CA PHE A 75 -5.22 -6.36 -5.17
C PHE A 75 -4.33 -5.38 -5.93
N ALA A 76 -4.70 -4.11 -6.07
CA ALA A 76 -3.86 -3.11 -6.72
C ALA A 76 -2.90 -2.48 -5.70
N VAL A 77 -1.74 -1.98 -6.13
CA VAL A 77 -0.81 -1.24 -5.28
C VAL A 77 -0.12 -0.18 -6.15
N SER A 78 -0.62 1.06 -6.15
CA SER A 78 0.00 2.19 -6.84
C SER A 78 0.10 3.38 -5.89
N GLY A 79 0.98 4.35 -6.16
CA GLY A 79 1.15 5.53 -5.31
C GLY A 79 2.60 5.98 -5.18
N GLY A 80 2.85 7.04 -4.40
CA GLY A 80 4.14 7.72 -4.36
C GLY A 80 4.12 8.86 -3.35
N VAL A 81 5.07 9.78 -3.49
CA VAL A 81 5.31 10.91 -2.61
C VAL A 81 5.62 12.18 -3.43
N VAL A 82 4.80 13.22 -3.29
CA VAL A 82 5.15 14.58 -3.72
C VAL A 82 6.14 15.22 -2.77
N ASP A 83 6.65 16.37 -3.20
CA ASP A 83 7.25 17.36 -2.33
C ASP A 83 6.98 18.75 -2.89
N GLY A 84 6.12 19.52 -2.22
CA GLY A 84 5.88 20.90 -2.58
C GLY A 84 6.93 21.87 -2.03
N GLU A 85 7.97 21.40 -1.34
CA GLU A 85 9.08 22.24 -0.94
C GLU A 85 10.14 22.24 -2.03
N ASP A 86 10.74 23.41 -2.27
CA ASP A 86 11.83 23.60 -3.22
C ASP A 86 12.83 24.65 -2.73
N GLY A 87 12.60 25.19 -1.53
CA GLY A 87 13.38 26.25 -0.89
C GLY A 87 13.80 25.88 0.54
N VAL A 88 13.96 24.58 0.82
CA VAL A 88 14.52 24.06 2.06
C VAL A 88 15.33 22.82 1.70
N VAL A 89 16.56 22.72 2.20
CA VAL A 89 17.38 21.55 2.01
C VAL A 89 16.79 20.39 2.84
N ASN A 90 16.91 19.16 2.32
CA ASN A 90 16.44 17.94 2.98
C ASN A 90 17.42 16.80 2.65
N GLU A 91 17.04 15.55 2.91
CA GLU A 91 17.72 14.34 2.47
C GLU A 91 16.75 13.45 1.70
N PRO A 92 17.25 12.45 0.94
CA PRO A 92 16.40 11.54 0.18
C PRO A 92 15.87 10.39 1.04
N MET A 93 15.01 9.56 0.44
CA MET A 93 14.28 8.53 1.14
C MET A 93 14.27 7.24 0.32
N GLN A 94 13.75 6.16 0.90
CA GLN A 94 13.47 4.91 0.21
C GLN A 94 12.13 4.37 0.69
N TRP A 95 11.44 3.69 -0.23
CA TRP A 95 10.23 2.93 0.04
C TRP A 95 10.59 1.50 -0.31
N VAL A 96 10.24 0.57 0.57
CA VAL A 96 10.56 -0.84 0.43
C VAL A 96 9.21 -1.54 0.61
N VAL A 97 8.67 -2.15 -0.45
CA VAL A 97 7.26 -2.49 -0.50
C VAL A 97 7.19 -3.93 -1.01
N THR A 98 6.61 -4.83 -0.24
CA THR A 98 6.60 -6.27 -0.52
C THR A 98 5.18 -6.67 -0.90
N VAL A 99 4.99 -7.81 -1.58
CA VAL A 99 3.70 -8.50 -1.66
C VAL A 99 3.95 -9.93 -1.20
N TYR A 100 3.10 -10.37 -0.28
CA TYR A 100 2.90 -11.75 0.07
C TYR A 100 1.67 -12.18 -0.70
N LYS A 101 1.69 -13.35 -1.33
CA LYS A 101 0.55 -13.94 -1.99
C LYS A 101 -0.15 -14.83 -0.96
N ASN A 102 -1.16 -15.58 -1.38
CA ASN A 102 -1.80 -16.68 -0.67
C ASN A 102 -0.76 -17.76 -0.33
N GLY A 103 0.10 -17.50 0.63
CA GLY A 103 1.14 -18.38 1.14
C GLY A 103 2.26 -17.61 1.83
N LYS A 104 3.08 -16.91 1.03
CA LYS A 104 4.31 -16.26 1.48
C LYS A 104 4.67 -15.09 0.55
N GLU A 105 5.80 -14.45 0.81
CA GLU A 105 6.41 -13.41 -0.03
C GLU A 105 6.48 -13.89 -1.47
N ILE A 106 6.28 -12.99 -2.43
CA ILE A 106 6.55 -13.22 -3.84
C ILE A 106 7.32 -12.05 -4.47
N GLU A 107 7.19 -10.83 -3.96
CA GLU A 107 7.58 -9.63 -4.72
C GLU A 107 8.08 -8.53 -3.80
N LYS A 108 8.97 -7.68 -4.33
CA LYS A 108 9.91 -6.83 -3.58
C LYS A 108 10.24 -5.57 -4.38
N LYS A 109 9.28 -4.66 -4.56
CA LYS A 109 9.49 -3.38 -5.24
C LYS A 109 9.98 -2.36 -4.24
N SER A 110 11.17 -1.83 -4.47
CA SER A 110 11.80 -0.83 -3.67
C SER A 110 12.26 0.35 -4.54
N LEU A 111 12.08 1.57 -4.05
CA LEU A 111 12.39 2.84 -4.70
C LEU A 111 13.17 3.72 -3.75
N VAL A 112 13.47 4.92 -4.22
CA VAL A 112 14.51 5.80 -3.67
C VAL A 112 14.23 7.29 -3.97
N PHE A 113 12.98 7.72 -3.78
CA PHE A 113 12.54 9.06 -4.15
C PHE A 113 13.09 10.14 -3.22
N ARG A 114 12.92 11.40 -3.60
CA ARG A 114 13.59 12.56 -2.98
C ARG A 114 12.70 13.81 -3.01
N ASP A 115 13.21 14.84 -2.37
CA ASP A 115 12.78 16.23 -2.29
C ASP A 115 12.75 16.99 -3.63
N GLY A 116 11.99 18.09 -3.66
CA GLY A 116 12.13 19.20 -4.58
C GLY A 116 10.90 19.53 -5.42
N LYS A 117 10.18 18.55 -5.97
CA LYS A 117 9.01 18.76 -6.77
C LYS A 117 7.97 17.71 -6.46
N GLU A 118 6.86 17.83 -7.16
CA GLU A 118 5.68 17.00 -7.03
C GLU A 118 5.58 16.10 -8.24
N ILE A 119 5.25 14.83 -8.00
CA ILE A 119 5.02 13.81 -9.00
C ILE A 119 3.94 12.88 -8.45
N SER A 120 3.43 12.02 -9.33
CA SER A 120 2.46 10.99 -8.99
C SER A 120 2.26 9.93 -10.08
N THR A 121 3.19 9.82 -11.03
CA THR A 121 2.93 9.14 -12.30
C THR A 121 4.08 8.30 -12.88
N ASP A 122 5.27 8.26 -12.24
CA ASP A 122 6.29 7.24 -12.51
C ASP A 122 6.96 6.86 -11.20
N ASP A 123 6.15 6.30 -10.32
CA ASP A 123 6.46 5.84 -8.97
C ASP A 123 6.12 4.35 -8.90
N LEU A 124 4.86 3.99 -8.67
CA LEU A 124 4.43 2.65 -8.32
C LEU A 124 3.16 2.39 -9.11
N ASN A 125 3.15 1.34 -9.93
CA ASN A 125 1.94 0.84 -10.58
C ASN A 125 1.97 -0.69 -10.60
N LEU A 126 1.62 -1.31 -9.48
CA LEU A 126 1.52 -2.75 -9.36
C LEU A 126 0.04 -3.14 -9.26
N TYR A 127 -0.28 -4.34 -9.72
CA TYR A 127 -1.62 -4.89 -9.75
C TYR A 127 -1.50 -6.40 -9.68
N TYR A 128 -2.19 -7.00 -8.72
CA TYR A 128 -2.22 -8.43 -8.46
C TYR A 128 -3.62 -8.98 -8.65
N ASN A 129 -3.66 -10.30 -8.80
CA ASN A 129 -4.81 -11.17 -8.72
C ASN A 129 -4.27 -12.55 -8.33
N GLY A 1 -23.52 -21.71 7.58
CA GLY A 1 -24.56 -22.74 7.56
C GLY A 1 -25.43 -22.46 6.36
N ASP A 2 -25.01 -22.93 5.19
CA ASP A 2 -25.37 -22.48 3.87
C ASP A 2 -25.11 -23.71 3.01
N ASP A 3 -25.94 -23.89 1.99
CA ASP A 3 -25.90 -24.97 1.00
C ASP A 3 -25.45 -24.44 -0.38
N ASP A 4 -24.87 -23.23 -0.40
CA ASP A 4 -24.24 -22.58 -1.55
C ASP A 4 -22.91 -21.95 -1.08
N GLU A 5 -22.01 -21.66 -2.03
CA GLU A 5 -20.82 -20.85 -1.87
C GLU A 5 -20.55 -20.27 -3.27
N PRO A 6 -21.18 -19.14 -3.62
CA PRO A 6 -21.09 -18.57 -4.96
C PRO A 6 -19.79 -17.78 -5.12
N GLY A 7 -19.65 -17.07 -6.24
CA GLY A 7 -18.56 -16.13 -6.45
C GLY A 7 -17.32 -16.79 -7.06
N GLY A 8 -17.29 -18.12 -7.14
CA GLY A 8 -16.21 -18.89 -7.73
C GLY A 8 -15.16 -19.15 -6.66
N LYS A 9 -13.91 -18.79 -6.95
CA LYS A 9 -12.79 -18.81 -6.05
C LYS A 9 -11.89 -17.67 -6.51
N GLY A 10 -10.98 -17.21 -5.66
CA GLY A 10 -9.77 -16.56 -6.13
C GLY A 10 -8.64 -16.81 -5.16
N ALA A 11 -8.12 -15.71 -4.62
CA ALA A 11 -6.83 -15.67 -3.94
C ALA A 11 -7.03 -14.98 -2.58
N MET A 12 -5.95 -14.52 -1.97
CA MET A 12 -5.89 -13.54 -0.90
C MET A 12 -4.73 -12.62 -1.26
N TYR A 13 -4.69 -11.43 -0.67
CA TYR A 13 -3.57 -10.52 -0.81
C TYR A 13 -3.25 -9.94 0.55
N GLU A 14 -1.98 -9.64 0.77
CA GLU A 14 -1.39 -9.00 1.92
C GLU A 14 -0.29 -8.13 1.34
N VAL A 15 -0.15 -6.91 1.85
CA VAL A 15 0.98 -6.04 1.57
C VAL A 15 1.58 -5.58 2.90
N THR A 16 2.84 -5.18 2.86
CA THR A 16 3.46 -4.42 3.93
C THR A 16 4.04 -3.15 3.33
N ILE A 17 4.18 -2.10 4.13
CA ILE A 17 5.13 -1.05 3.88
C ILE A 17 6.10 -0.93 5.05
N GLU A 18 7.26 -0.37 4.76
CA GLU A 18 8.23 0.11 5.73
C GLU A 18 8.79 1.42 5.16
N GLN A 19 8.84 2.45 6.00
CA GLN A 19 9.05 3.84 5.65
C GLN A 19 10.35 4.29 6.31
N SER A 20 11.42 4.51 5.55
CA SER A 20 12.67 5.02 6.11
C SER A 20 13.35 6.07 5.23
N GLY A 21 14.49 6.59 5.68
CA GLY A 21 14.93 7.93 5.32
C GLY A 21 13.87 8.94 5.75
N ASP A 22 13.85 10.13 5.14
CA ASP A 22 13.06 11.25 5.62
C ASP A 22 11.61 11.23 5.08
N PHE A 23 10.57 10.91 5.89
CA PHE A 23 9.22 10.72 5.36
C PHE A 23 8.18 11.76 5.81
N ARG A 24 8.55 12.68 6.71
CA ARG A 24 7.62 13.61 7.36
C ARG A 24 7.56 14.95 6.62
N SER A 25 7.70 14.92 5.30
CA SER A 25 7.97 16.08 4.46
C SER A 25 7.24 16.01 3.11
N PHE A 26 6.35 15.04 2.86
CA PHE A 26 5.96 14.65 1.50
C PHE A 26 4.48 14.34 1.42
N ILE A 27 3.88 14.53 0.24
CA ILE A 27 2.50 14.17 0.00
C ILE A 27 2.50 12.70 -0.38
N LYS A 28 2.27 11.80 0.59
CA LYS A 28 2.09 10.38 0.33
C LYS A 28 0.59 10.07 0.20
N SER A 29 0.25 9.10 -0.63
CA SER A 29 -1.12 8.69 -0.98
C SER A 29 -1.16 7.17 -1.11
N VAL A 30 -2.32 6.54 -0.97
CA VAL A 30 -2.54 5.14 -1.35
C VAL A 30 -3.95 4.99 -1.93
N VAL A 31 -4.20 3.95 -2.70
CA VAL A 31 -5.50 3.39 -3.02
C VAL A 31 -5.43 1.90 -2.71
N VAL A 32 -6.49 1.34 -2.16
CA VAL A 32 -6.59 -0.05 -1.75
C VAL A 32 -7.97 -0.53 -2.19
N VAL A 33 -8.05 -1.68 -2.86
CA VAL A 33 -9.29 -2.33 -3.30
C VAL A 33 -9.10 -3.83 -3.08
N ALA A 34 -10.11 -4.55 -2.58
CA ALA A 34 -10.00 -5.98 -2.22
C ALA A 34 -11.27 -6.76 -2.60
N ASN A 35 -11.28 -7.29 -3.82
CA ASN A 35 -12.41 -7.98 -4.43
C ASN A 35 -12.89 -9.18 -3.61
N GLY A 36 -14.02 -9.03 -2.91
CA GLY A 36 -14.77 -10.15 -2.37
C GLY A 36 -14.74 -10.22 -0.84
N THR A 37 -14.06 -9.31 -0.15
CA THR A 37 -13.79 -9.39 1.28
C THR A 37 -13.57 -8.00 1.87
N GLN A 38 -13.08 -7.93 3.11
CA GLN A 38 -12.76 -6.71 3.83
C GLN A 38 -11.27 -6.66 4.12
N LEU A 39 -10.77 -5.46 4.39
CA LEU A 39 -9.38 -5.21 4.76
C LEU A 39 -9.23 -5.39 6.26
N LYS A 40 -7.99 -5.51 6.70
CA LYS A 40 -7.58 -5.55 8.08
C LYS A 40 -6.41 -4.60 8.20
N ASP A 41 -6.51 -3.62 9.09
CA ASP A 41 -5.36 -2.83 9.49
C ASP A 41 -4.57 -3.63 10.51
N GLY A 42 -3.33 -4.01 10.21
CA GLY A 42 -2.50 -4.80 11.10
C GLY A 42 -2.19 -4.12 12.43
N ALA A 43 -2.36 -2.79 12.56
CA ALA A 43 -2.06 -2.06 13.78
C ALA A 43 -2.91 -2.57 14.94
N THR A 44 -4.18 -2.88 14.64
CA THR A 44 -5.18 -3.18 15.64
C THR A 44 -6.11 -4.33 15.26
N GLY A 45 -6.07 -4.80 14.02
CA GLY A 45 -7.03 -5.77 13.54
C GLY A 45 -8.38 -5.10 13.32
N GLU A 46 -8.40 -3.80 13.00
CA GLU A 46 -9.61 -3.13 12.58
C GLU A 46 -9.97 -3.69 11.22
N SER A 47 -11.09 -4.37 11.13
CA SER A 47 -11.62 -4.88 9.89
C SER A 47 -12.35 -3.72 9.22
N LEU A 48 -11.72 -3.15 8.20
CA LEU A 48 -12.21 -1.97 7.50
C LEU A 48 -13.06 -2.42 6.32
N ALA A 49 -13.50 -1.48 5.47
CA ALA A 49 -14.36 -1.74 4.33
C ALA A 49 -13.76 -1.08 3.10
N SER A 50 -12.96 -1.82 2.32
CA SER A 50 -12.37 -1.30 1.11
C SER A 50 -13.48 -0.93 0.09
N PRO A 51 -13.21 -0.11 -0.94
CA PRO A 51 -11.94 0.53 -1.23
C PRO A 51 -11.70 1.79 -0.38
N VAL A 52 -10.45 2.02 0.03
CA VAL A 52 -10.06 3.04 1.03
C VAL A 52 -8.73 3.67 0.59
N ILE A 53 -8.52 4.94 0.94
CA ILE A 53 -7.59 5.88 0.30
C ILE A 53 -6.87 6.63 1.43
N LEU A 54 -5.67 6.19 1.79
CA LEU A 54 -4.90 6.72 2.93
C LEU A 54 -4.17 7.97 2.50
N SER A 55 -4.13 8.96 3.38
CA SER A 55 -3.53 10.26 3.14
C SER A 55 -2.24 10.42 3.96
N ASP A 56 -1.74 11.65 4.05
CA ASP A 56 -0.50 12.03 4.71
C ASP A 56 -0.56 11.78 6.20
N GLU A 57 -1.65 12.22 6.82
CA GLU A 57 -1.89 12.15 8.26
C GLU A 57 -1.91 10.70 8.73
N GLU A 58 -2.28 9.77 7.86
CA GLU A 58 -2.56 8.39 8.22
C GLU A 58 -1.30 7.52 8.02
N LEU A 59 -0.29 8.07 7.34
CA LEU A 59 1.01 7.48 7.08
C LEU A 59 2.08 7.94 8.08
N ALA A 60 1.68 8.49 9.21
CA ALA A 60 2.56 9.02 10.27
C ALA A 60 3.23 7.92 11.12
N VAL A 61 3.65 6.85 10.48
CA VAL A 61 4.13 5.62 11.08
C VAL A 61 5.39 5.16 10.33
N GLU A 62 6.17 4.28 10.94
CA GLU A 62 7.35 3.72 10.30
C GLU A 62 7.04 2.49 9.43
N LYS A 63 5.88 1.89 9.61
CA LYS A 63 5.51 0.57 9.10
C LYS A 63 4.00 0.52 8.99
N VAL A 64 3.49 -0.28 8.06
CA VAL A 64 2.10 -0.68 8.03
C VAL A 64 2.10 -2.13 7.53
N THR A 65 1.24 -2.97 8.10
CA THR A 65 0.92 -4.31 7.63
C THR A 65 -0.56 -4.28 7.29
N LEU A 66 -0.93 -4.84 6.14
CA LEU A 66 -2.30 -4.84 5.64
C LEU A 66 -2.58 -6.19 5.03
N SER A 67 -3.82 -6.65 5.15
CA SER A 67 -4.23 -7.92 4.61
C SER A 67 -5.76 -7.98 4.50
N THR A 68 -6.29 -9.00 3.82
CA THR A 68 -7.72 -9.20 3.75
C THR A 68 -8.19 -10.20 4.81
N THR A 69 -9.47 -10.14 5.20
CA THR A 69 -10.03 -11.08 6.15
C THR A 69 -10.47 -12.40 5.48
N GLY A 70 -10.35 -12.50 4.15
CA GLY A 70 -10.78 -13.64 3.35
C GLY A 70 -10.37 -13.43 1.90
N LYS A 71 -11.06 -14.09 0.96
CA LYS A 71 -10.61 -14.16 -0.42
C LYS A 71 -10.53 -12.77 -1.02
N ALA A 72 -9.48 -12.50 -1.76
CA ALA A 72 -9.29 -11.26 -2.47
C ALA A 72 -8.95 -11.60 -3.90
N ILE A 73 -9.48 -10.82 -4.84
CA ILE A 73 -9.17 -10.93 -6.26
C ILE A 73 -8.88 -9.55 -6.86
N GLU A 74 -8.53 -8.55 -6.06
CA GLU A 74 -7.99 -7.24 -6.46
C GLU A 74 -6.94 -6.90 -5.42
N PHE A 75 -5.87 -6.19 -5.79
CA PHE A 75 -5.08 -5.40 -4.86
C PHE A 75 -4.38 -4.28 -5.64
N ALA A 76 -5.08 -3.16 -5.81
CA ALA A 76 -4.51 -1.99 -6.45
C ALA A 76 -3.57 -1.27 -5.48
N VAL A 77 -2.48 -0.66 -5.99
CA VAL A 77 -1.65 0.30 -5.27
C VAL A 77 -1.19 1.35 -6.29
N SER A 78 -1.73 2.56 -6.18
CA SER A 78 -1.06 3.79 -6.59
C SER A 78 -0.69 4.56 -5.32
N GLY A 79 0.04 5.65 -5.48
CA GLY A 79 0.67 6.42 -4.42
C GLY A 79 1.93 7.06 -5.00
N GLY A 80 2.81 7.57 -4.14
CA GLY A 80 4.11 8.12 -4.51
C GLY A 80 4.48 9.28 -3.60
N VAL A 81 5.74 9.73 -3.61
CA VAL A 81 6.20 10.91 -2.88
C VAL A 81 7.22 11.62 -3.76
N VAL A 82 6.91 12.83 -4.20
CA VAL A 82 7.79 13.62 -5.05
C VAL A 82 8.75 14.42 -4.16
N ASP A 83 9.66 15.17 -4.76
CA ASP A 83 10.45 16.19 -4.09
C ASP A 83 10.98 17.11 -5.16
N GLY A 84 10.24 18.17 -5.49
CA GLY A 84 10.52 19.07 -6.61
C GLY A 84 10.70 20.50 -6.14
N GLU A 85 11.15 20.67 -4.90
CA GLU A 85 11.03 21.88 -4.13
C GLU A 85 12.41 22.48 -3.90
N ASP A 86 12.47 23.78 -3.62
CA ASP A 86 13.71 24.55 -3.52
C ASP A 86 13.91 25.17 -2.13
N GLY A 87 12.96 24.95 -1.22
CA GLY A 87 13.00 25.43 0.15
C GLY A 87 13.19 24.26 1.12
N VAL A 88 12.47 23.16 0.92
CA VAL A 88 12.49 22.03 1.84
C VAL A 88 13.59 21.05 1.43
N VAL A 89 14.85 21.47 1.63
CA VAL A 89 16.00 20.57 1.61
C VAL A 89 15.82 19.53 2.72
N ASN A 90 16.23 18.28 2.48
CA ASN A 90 16.30 17.25 3.51
C ASN A 90 17.32 16.20 3.09
N GLU A 91 17.35 15.04 3.75
CA GLU A 91 17.95 13.83 3.19
C GLU A 91 16.90 13.07 2.35
N PRO A 92 17.31 12.12 1.48
CA PRO A 92 16.39 11.32 0.69
C PRO A 92 15.70 10.21 1.51
N MET A 93 14.77 9.48 0.89
CA MET A 93 13.92 8.49 1.54
C MET A 93 13.72 7.26 0.67
N GLN A 94 13.25 6.17 1.27
CA GLN A 94 12.95 4.91 0.62
C GLN A 94 11.67 4.33 1.21
N TRP A 95 11.02 3.48 0.42
CA TRP A 95 9.82 2.74 0.78
C TRP A 95 10.15 1.29 0.47
N VAL A 96 10.02 0.39 1.43
CA VAL A 96 9.95 -1.02 1.12
C VAL A 96 8.47 -1.33 1.06
N VAL A 97 8.01 -1.81 -0.08
CA VAL A 97 6.68 -2.34 -0.28
C VAL A 97 6.90 -3.71 -0.90
N THR A 98 6.12 -4.69 -0.43
CA THR A 98 6.18 -6.06 -0.87
C THR A 98 4.76 -6.63 -0.75
N VAL A 99 4.35 -7.47 -1.69
CA VAL A 99 3.02 -8.08 -1.71
C VAL A 99 3.19 -9.59 -1.59
N TYR A 100 2.22 -10.19 -0.91
CA TYR A 100 2.13 -11.60 -0.57
C TYR A 100 0.73 -12.04 -1.01
N LYS A 101 0.63 -13.16 -1.74
CA LYS A 101 -0.66 -13.71 -2.17
C LYS A 101 -1.21 -14.58 -1.03
N ASN A 102 -2.18 -15.46 -1.30
CA ASN A 102 -2.61 -16.52 -0.40
C ASN A 102 -1.45 -17.51 -0.21
N GLY A 103 -0.46 -17.16 0.60
CA GLY A 103 0.58 -18.06 1.09
C GLY A 103 1.91 -17.37 1.42
N LYS A 104 2.53 -16.64 0.48
CA LYS A 104 3.76 -15.87 0.67
C LYS A 104 3.91 -14.80 -0.41
N GLU A 105 5.04 -14.10 -0.35
CA GLU A 105 5.55 -13.07 -1.24
C GLU A 105 5.40 -13.46 -2.71
N ILE A 106 4.99 -12.51 -3.55
CA ILE A 106 4.88 -12.64 -5.01
C ILE A 106 5.37 -11.38 -5.75
N GLU A 107 5.80 -10.36 -5.03
CA GLU A 107 6.24 -9.07 -5.56
C GLU A 107 7.64 -8.79 -4.98
N LYS A 108 8.33 -7.75 -5.47
CA LYS A 108 9.62 -7.27 -4.98
C LYS A 108 9.89 -5.82 -5.40
N LYS A 109 8.87 -5.04 -5.74
CA LYS A 109 8.98 -3.68 -6.28
C LYS A 109 9.38 -2.70 -5.18
N SER A 110 10.68 -2.55 -4.99
CA SER A 110 11.27 -1.54 -4.14
C SER A 110 11.16 -0.16 -4.79
N LEU A 111 11.31 0.92 -4.00
CA LEU A 111 11.21 2.31 -4.45
C LEU A 111 12.29 3.12 -3.73
N VAL A 112 12.96 4.02 -4.45
CA VAL A 112 14.12 4.75 -3.95
C VAL A 112 14.10 6.19 -4.47
N PHE A 113 13.31 7.01 -3.78
CA PHE A 113 13.13 8.43 -4.06
C PHE A 113 14.37 9.21 -3.63
N ARG A 114 14.48 10.48 -4.05
CA ARG A 114 15.64 11.33 -3.80
C ARG A 114 15.21 12.73 -3.46
N ASP A 115 16.12 13.49 -2.86
CA ASP A 115 15.98 14.92 -2.70
C ASP A 115 16.25 15.60 -4.04
N GLY A 116 15.60 16.75 -4.27
CA GLY A 116 16.08 17.79 -5.16
C GLY A 116 15.74 17.60 -6.63
N LYS A 117 14.57 17.05 -7.01
CA LYS A 117 14.30 16.70 -8.41
C LYS A 117 12.82 16.62 -8.78
N GLU A 118 12.34 17.47 -9.69
CA GLU A 118 11.00 17.35 -10.29
C GLU A 118 10.82 15.95 -10.90
N ILE A 119 9.84 15.19 -10.42
CA ILE A 119 9.43 13.90 -10.93
C ILE A 119 7.90 13.74 -10.82
N SER A 120 7.35 12.76 -11.55
CA SER A 120 5.91 12.44 -11.49
C SER A 120 5.48 11.10 -12.08
N THR A 121 6.43 10.23 -12.42
CA THR A 121 6.18 9.17 -13.41
C THR A 121 6.93 7.86 -13.19
N ASP A 122 7.59 7.65 -12.05
CA ASP A 122 8.07 6.33 -11.69
C ASP A 122 7.86 6.14 -10.20
N ASP A 123 6.60 6.00 -9.79
CA ASP A 123 6.24 5.68 -8.41
C ASP A 123 5.41 4.41 -8.34
N LEU A 124 4.09 4.46 -8.50
CA LEU A 124 3.20 3.36 -8.17
C LEU A 124 2.08 3.24 -9.18
N ASN A 125 2.26 2.28 -10.08
CA ASN A 125 1.37 1.91 -11.16
C ASN A 125 1.16 0.40 -11.10
N LEU A 126 0.79 -0.12 -9.91
CA LEU A 126 0.49 -1.53 -9.69
C LEU A 126 -1.02 -1.70 -9.51
N TYR A 127 -1.55 -2.77 -10.10
CA TYR A 127 -2.97 -3.06 -10.05
C TYR A 127 -3.13 -4.57 -10.15
N TYR A 128 -3.17 -5.25 -9.00
CA TYR A 128 -3.37 -6.69 -8.97
C TYR A 128 -4.86 -6.99 -9.04
N ASN A 129 -5.18 -8.18 -9.55
CA ASN A 129 -6.51 -8.73 -9.68
C ASN A 129 -6.31 -10.24 -9.68
N GLY A 1 -24.73 -14.79 10.95
CA GLY A 1 -24.97 -15.89 10.01
C GLY A 1 -23.86 -16.93 10.12
N ASP A 2 -24.04 -18.13 9.55
CA ASP A 2 -22.96 -19.10 9.39
C ASP A 2 -23.32 -19.98 8.18
N ASP A 3 -22.69 -19.73 7.03
CA ASP A 3 -23.29 -19.85 5.69
C ASP A 3 -22.24 -19.32 4.70
N ASP A 4 -21.89 -20.08 3.64
CA ASP A 4 -20.76 -19.81 2.75
C ASP A 4 -20.99 -20.53 1.43
N GLU A 5 -21.00 -19.82 0.29
CA GLU A 5 -21.37 -20.37 -1.02
C GLU A 5 -20.68 -19.56 -2.13
N PRO A 6 -19.43 -19.90 -2.47
CA PRO A 6 -18.69 -19.19 -3.52
C PRO A 6 -18.97 -19.77 -4.91
N GLY A 7 -19.05 -18.89 -5.92
CA GLY A 7 -19.11 -19.26 -7.31
C GLY A 7 -17.81 -18.87 -8.01
N GLY A 8 -16.74 -19.64 -7.78
CA GLY A 8 -15.44 -19.45 -8.40
C GLY A 8 -14.32 -19.89 -7.49
N LYS A 9 -13.08 -19.54 -7.86
CA LYS A 9 -11.93 -19.47 -6.98
C LYS A 9 -11.38 -18.05 -7.11
N GLY A 10 -10.50 -17.70 -6.20
CA GLY A 10 -9.61 -16.55 -6.21
C GLY A 10 -8.53 -16.77 -5.15
N ALA A 11 -8.05 -15.69 -4.55
CA ALA A 11 -6.86 -15.70 -3.70
C ALA A 11 -7.10 -14.85 -2.44
N MET A 12 -6.12 -14.78 -1.56
CA MET A 12 -5.97 -13.68 -0.63
C MET A 12 -4.78 -12.86 -1.11
N TYR A 13 -4.61 -11.65 -0.61
CA TYR A 13 -3.51 -10.77 -0.92
C TYR A 13 -3.18 -9.94 0.32
N GLU A 14 -1.90 -9.73 0.60
CA GLU A 14 -1.40 -9.00 1.76
C GLU A 14 -0.19 -8.21 1.29
N VAL A 15 -0.22 -6.89 1.42
CA VAL A 15 0.89 -6.00 1.08
C VAL A 15 1.55 -5.53 2.37
N THR A 16 2.76 -5.04 2.21
CA THR A 16 3.59 -4.52 3.26
C THR A 16 4.15 -3.19 2.76
N ILE A 17 4.38 -2.27 3.70
CA ILE A 17 5.01 -0.99 3.47
C ILE A 17 5.95 -0.75 4.66
N GLU A 18 7.18 -0.34 4.36
CA GLU A 18 8.24 -0.01 5.30
C GLU A 18 8.84 1.31 4.84
N GLN A 19 8.86 2.33 5.70
CA GLN A 19 9.29 3.68 5.37
C GLN A 19 10.69 3.91 5.95
N SER A 20 11.61 4.54 5.20
CA SER A 20 12.90 5.01 5.71
C SER A 20 13.20 6.42 5.22
N GLY A 21 14.27 7.05 5.72
CA GLY A 21 14.74 8.33 5.21
C GLY A 21 13.93 9.49 5.75
N ASP A 22 13.82 10.56 4.98
CA ASP A 22 12.75 11.52 5.16
C ASP A 22 11.46 10.87 4.66
N PHE A 23 10.67 10.32 5.58
CA PHE A 23 9.33 9.85 5.29
C PHE A 23 8.29 10.70 6.03
N ARG A 24 8.65 11.93 6.39
CA ARG A 24 7.79 12.85 7.10
C ARG A 24 7.21 13.91 6.18
N SER A 25 7.92 14.26 5.12
CA SER A 25 7.82 15.58 4.51
C SER A 25 7.25 15.54 3.09
N PHE A 26 6.52 14.48 2.74
CA PHE A 26 6.05 14.23 1.38
C PHE A 26 4.56 13.98 1.42
N ILE A 27 3.87 14.44 0.38
CA ILE A 27 2.47 14.11 0.19
C ILE A 27 2.42 12.67 -0.33
N LYS A 28 2.37 11.74 0.62
CA LYS A 28 2.37 10.31 0.36
C LYS A 28 0.92 9.83 0.20
N SER A 29 0.71 8.83 -0.64
CA SER A 29 -0.59 8.30 -1.02
C SER A 29 -0.50 6.78 -1.06
N VAL A 30 -1.60 6.09 -0.75
CA VAL A 30 -1.78 4.70 -1.12
C VAL A 30 -3.21 4.55 -1.63
N VAL A 31 -3.36 4.39 -2.95
CA VAL A 31 -4.54 3.86 -3.57
C VAL A 31 -4.63 2.39 -3.13
N VAL A 32 -5.70 2.04 -2.41
CA VAL A 32 -6.01 0.68 -1.99
C VAL A 32 -7.31 0.30 -2.65
N VAL A 33 -7.32 -0.81 -3.40
CA VAL A 33 -8.55 -1.50 -3.78
C VAL A 33 -8.35 -2.99 -3.44
N ALA A 34 -9.47 -3.71 -3.26
CA ALA A 34 -9.56 -5.16 -3.23
C ALA A 34 -10.90 -5.56 -3.83
N ASN A 35 -10.88 -6.34 -4.90
CA ASN A 35 -12.09 -6.86 -5.54
C ASN A 35 -12.66 -7.98 -4.68
N GLY A 36 -13.80 -7.79 -4.01
CA GLY A 36 -14.59 -8.92 -3.52
C GLY A 36 -14.41 -9.30 -2.05
N THR A 37 -13.73 -8.49 -1.24
CA THR A 37 -13.76 -8.57 0.22
C THR A 37 -13.37 -7.20 0.79
N GLN A 38 -13.22 -7.05 2.11
CA GLN A 38 -12.62 -5.89 2.72
C GLN A 38 -11.23 -6.11 3.26
N LEU A 39 -10.59 -4.98 3.51
CA LEU A 39 -9.22 -4.84 4.00
C LEU A 39 -9.20 -4.94 5.53
N LYS A 40 -8.00 -5.06 6.10
CA LYS A 40 -7.77 -5.14 7.54
C LYS A 40 -6.48 -4.40 7.87
N ASP A 41 -6.57 -3.42 8.76
CA ASP A 41 -5.46 -2.58 9.18
C ASP A 41 -4.47 -3.37 10.04
N GLY A 42 -3.18 -3.31 9.77
CA GLY A 42 -2.15 -3.91 10.61
C GLY A 42 -1.97 -3.23 11.97
N ALA A 43 -2.44 -1.98 12.13
CA ALA A 43 -2.43 -1.28 13.41
C ALA A 43 -3.25 -2.09 14.43
N THR A 44 -4.53 -2.29 14.12
CA THR A 44 -5.54 -2.58 15.14
C THR A 44 -6.56 -3.61 14.65
N GLY A 45 -6.43 -4.09 13.42
CA GLY A 45 -7.26 -5.14 12.89
C GLY A 45 -8.62 -4.62 12.41
N GLU A 46 -8.75 -3.30 12.30
CA GLU A 46 -9.96 -2.62 11.90
C GLU A 46 -10.25 -3.02 10.46
N SER A 47 -11.48 -3.43 10.20
CA SER A 47 -11.96 -3.76 8.86
C SER A 47 -12.04 -2.45 8.07
N LEU A 48 -11.38 -2.39 6.92
CA LEU A 48 -11.27 -1.17 6.12
C LEU A 48 -12.04 -1.36 4.83
N ALA A 49 -12.90 -0.41 4.53
CA ALA A 49 -13.88 -0.49 3.46
C ALA A 49 -13.31 0.19 2.22
N SER A 50 -12.60 -0.57 1.41
CA SER A 50 -12.06 -0.25 0.11
C SER A 50 -13.14 0.34 -0.83
N PRO A 51 -12.75 1.11 -1.86
CA PRO A 51 -11.40 1.60 -2.08
C PRO A 51 -11.09 2.72 -1.06
N VAL A 52 -9.82 2.93 -0.73
CA VAL A 52 -9.36 3.94 0.23
C VAL A 52 -8.12 4.58 -0.36
N ILE A 53 -7.95 5.88 -0.12
CA ILE A 53 -6.82 6.66 -0.60
C ILE A 53 -6.14 7.22 0.66
N LEU A 54 -5.32 6.40 1.31
CA LEU A 54 -4.65 6.80 2.55
C LEU A 54 -3.72 7.96 2.24
N SER A 55 -3.75 8.95 3.12
CA SER A 55 -3.05 10.21 3.00
C SER A 55 -1.92 10.28 4.02
N ASP A 56 -1.16 11.36 3.94
CA ASP A 56 0.04 11.67 4.71
C ASP A 56 -0.12 11.42 6.21
N GLU A 57 -1.20 11.91 6.83
CA GLU A 57 -1.39 11.72 8.26
C GLU A 57 -1.67 10.26 8.59
N GLU A 58 -2.48 9.59 7.77
CA GLU A 58 -2.87 8.20 7.97
C GLU A 58 -1.68 7.26 7.76
N LEU A 59 -0.57 7.79 7.24
CA LEU A 59 0.65 7.08 6.86
C LEU A 59 1.86 7.63 7.62
N ALA A 60 1.66 8.48 8.63
CA ALA A 60 2.69 8.96 9.56
C ALA A 60 3.14 7.86 10.54
N VAL A 61 2.78 6.60 10.31
CA VAL A 61 3.36 5.41 10.94
C VAL A 61 4.82 5.21 10.50
N GLU A 62 5.42 4.04 10.80
CA GLU A 62 6.72 3.57 10.27
C GLU A 62 6.53 2.38 9.31
N LYS A 63 5.58 1.48 9.59
CA LYS A 63 5.25 0.27 8.83
C LYS A 63 3.75 0.06 8.99
N VAL A 64 3.02 -0.42 7.96
CA VAL A 64 1.70 -0.99 8.20
C VAL A 64 1.38 -2.13 7.23
N THR A 65 1.48 -3.38 7.69
CA THR A 65 1.04 -4.52 6.89
C THR A 65 -0.49 -4.47 6.70
N LEU A 66 -0.98 -4.69 5.48
CA LEU A 66 -2.39 -4.59 5.12
C LEU A 66 -2.77 -5.81 4.32
N SER A 67 -4.01 -6.25 4.48
CA SER A 67 -4.39 -7.61 4.11
C SER A 67 -5.90 -7.68 4.00
N THR A 68 -6.40 -8.69 3.30
CA THR A 68 -7.82 -8.91 3.15
C THR A 68 -8.41 -9.74 4.29
N THR A 69 -9.70 -9.52 4.58
CA THR A 69 -10.48 -10.23 5.59
C THR A 69 -11.03 -11.56 5.05
N GLY A 70 -11.13 -11.70 3.73
CA GLY A 70 -11.70 -12.84 3.04
C GLY A 70 -10.95 -13.06 1.74
N LYS A 71 -11.53 -13.83 0.82
CA LYS A 71 -10.94 -14.02 -0.50
C LYS A 71 -11.23 -12.79 -1.35
N ALA A 72 -10.28 -12.36 -2.17
CA ALA A 72 -10.49 -11.33 -3.16
C ALA A 72 -9.90 -11.78 -4.50
N ILE A 73 -10.11 -10.94 -5.52
CA ILE A 73 -9.89 -11.27 -6.93
C ILE A 73 -8.87 -10.30 -7.54
N GLU A 74 -8.56 -9.17 -6.87
CA GLU A 74 -7.60 -8.16 -7.34
C GLU A 74 -6.99 -7.47 -6.13
N PHE A 75 -5.85 -6.80 -6.31
CA PHE A 75 -5.22 -5.97 -5.29
C PHE A 75 -4.35 -4.90 -5.96
N ALA A 76 -4.94 -3.77 -6.34
CA ALA A 76 -4.20 -2.69 -6.98
C ALA A 76 -3.47 -1.85 -5.94
N VAL A 77 -2.33 -1.27 -6.34
CA VAL A 77 -1.56 -0.30 -5.58
C VAL A 77 -0.98 0.73 -6.55
N SER A 78 -1.29 2.00 -6.30
CA SER A 78 -0.53 3.14 -6.78
C SER A 78 -0.40 4.14 -5.63
N GLY A 79 0.42 5.17 -5.78
CA GLY A 79 0.53 6.25 -4.82
C GLY A 79 1.46 7.32 -5.35
N GLY A 80 2.49 7.68 -4.57
CA GLY A 80 3.54 8.58 -5.01
C GLY A 80 3.98 9.53 -3.89
N VAL A 81 5.04 10.31 -4.12
CA VAL A 81 5.52 11.35 -3.23
C VAL A 81 6.10 12.50 -4.05
N VAL A 82 5.66 13.72 -3.76
CA VAL A 82 6.40 14.94 -4.07
C VAL A 82 6.62 15.70 -2.78
N ASP A 83 7.62 16.58 -2.82
CA ASP A 83 7.86 17.57 -1.82
C ASP A 83 6.77 18.65 -1.84
N GLY A 84 6.49 19.25 -0.67
CA GLY A 84 5.52 20.30 -0.48
C GLY A 84 6.16 21.62 -0.04
N GLU A 85 7.40 21.90 -0.41
CA GLU A 85 8.08 23.18 -0.22
C GLU A 85 8.66 23.63 -1.56
N ASP A 86 9.58 24.60 -1.55
CA ASP A 86 10.39 24.99 -2.69
C ASP A 86 11.76 25.34 -2.11
N GLY A 87 12.77 24.53 -2.40
CA GLY A 87 14.15 24.81 -1.99
C GLY A 87 14.50 24.31 -0.60
N VAL A 88 13.70 23.38 -0.06
CA VAL A 88 14.05 22.67 1.15
C VAL A 88 15.37 21.91 0.96
N VAL A 89 16.04 21.63 2.07
CA VAL A 89 17.24 20.80 2.13
C VAL A 89 16.94 19.71 3.14
N ASN A 90 16.36 18.61 2.66
CA ASN A 90 16.10 17.38 3.41
C ASN A 90 16.94 16.25 2.81
N GLU A 91 16.54 14.99 2.94
CA GLU A 91 17.22 13.84 2.35
C GLU A 91 16.24 12.96 1.57
N PRO A 92 16.76 12.05 0.72
CA PRO A 92 15.91 11.12 0.00
C PRO A 92 15.35 10.02 0.92
N MET A 93 14.49 9.18 0.37
CA MET A 93 13.90 8.05 1.07
C MET A 93 13.86 6.82 0.16
N GLN A 94 13.56 5.68 0.77
CA GLN A 94 13.25 4.44 0.07
C GLN A 94 12.04 3.82 0.76
N TRP A 95 11.34 2.98 0.02
CA TRP A 95 10.30 2.10 0.50
C TRP A 95 10.71 0.70 0.11
N VAL A 96 10.61 -0.24 1.03
CA VAL A 96 10.36 -1.62 0.66
C VAL A 96 8.84 -1.75 0.65
N VAL A 97 8.31 -2.40 -0.38
CA VAL A 97 6.92 -2.77 -0.51
C VAL A 97 6.91 -4.18 -1.09
N THR A 98 6.17 -5.10 -0.50
CA THR A 98 6.16 -6.49 -0.96
C THR A 98 4.72 -6.96 -0.98
N VAL A 99 4.37 -7.84 -1.91
CA VAL A 99 3.03 -8.39 -2.01
C VAL A 99 3.11 -9.90 -1.78
N TYR A 100 2.23 -10.36 -0.92
CA TYR A 100 1.96 -11.73 -0.55
C TYR A 100 0.53 -12.07 -0.97
N LYS A 101 0.21 -13.35 -0.94
CA LYS A 101 -0.99 -14.01 -1.44
C LYS A 101 -1.67 -14.69 -0.24
N ASN A 102 -2.45 -15.74 -0.44
CA ASN A 102 -2.82 -16.66 0.63
C ASN A 102 -1.55 -17.42 1.04
N GLY A 103 -0.77 -16.82 1.92
CA GLY A 103 0.28 -17.48 2.68
C GLY A 103 1.62 -17.62 1.94
N LYS A 104 1.88 -16.89 0.84
CA LYS A 104 3.19 -16.88 0.20
C LYS A 104 3.46 -15.56 -0.52
N GLU A 105 4.70 -15.33 -0.92
CA GLU A 105 5.17 -14.08 -1.53
C GLU A 105 5.01 -14.17 -3.05
N ILE A 106 4.61 -13.09 -3.72
CA ILE A 106 4.40 -13.08 -5.17
C ILE A 106 5.12 -11.93 -5.89
N GLU A 107 5.49 -10.87 -5.18
CA GLU A 107 6.22 -9.73 -5.77
C GLU A 107 7.40 -9.41 -4.86
N LYS A 108 8.39 -8.70 -5.39
CA LYS A 108 9.57 -8.23 -4.68
C LYS A 108 10.08 -7.05 -5.50
N LYS A 109 9.58 -5.85 -5.24
CA LYS A 109 10.10 -4.61 -5.80
C LYS A 109 10.34 -3.62 -4.68
N SER A 110 11.11 -2.57 -4.94
CA SER A 110 11.43 -1.55 -3.97
C SER A 110 11.36 -0.20 -4.70
N LEU A 111 11.29 0.90 -3.95
CA LEU A 111 11.16 2.24 -4.50
C LEU A 111 12.25 3.11 -3.93
N VAL A 112 12.55 4.18 -4.66
CA VAL A 112 13.64 5.09 -4.40
C VAL A 112 13.14 6.46 -4.86
N PHE A 113 12.98 7.41 -3.94
CA PHE A 113 12.55 8.77 -4.26
C PHE A 113 13.59 9.74 -3.71
N ARG A 114 13.47 11.02 -4.05
CA ARG A 114 14.33 12.07 -3.50
C ARG A 114 13.52 13.29 -3.13
N ASP A 115 14.12 14.08 -2.26
CA ASP A 115 13.64 15.36 -1.74
C ASP A 115 13.55 16.41 -2.84
N GLY A 116 12.72 17.43 -2.64
CA GLY A 116 12.50 18.54 -3.55
C GLY A 116 11.78 18.13 -4.84
N LYS A 117 12.46 17.43 -5.75
CA LYS A 117 12.16 17.56 -7.18
C LYS A 117 12.59 16.44 -8.13
N GLU A 118 12.67 15.19 -7.68
CA GLU A 118 13.17 14.09 -8.51
C GLU A 118 12.46 12.77 -8.27
N ILE A 119 11.32 12.56 -8.95
CA ILE A 119 10.50 11.34 -8.97
C ILE A 119 9.89 11.15 -10.38
N SER A 120 9.02 10.15 -10.57
CA SER A 120 8.20 10.02 -11.77
C SER A 120 6.93 9.25 -11.45
N THR A 121 5.84 9.58 -12.15
CA THR A 121 4.46 9.10 -12.03
C THR A 121 4.25 7.65 -12.47
N ASP A 122 5.26 6.79 -12.31
CA ASP A 122 5.11 5.35 -12.25
C ASP A 122 5.81 4.90 -10.98
N ASP A 123 5.39 5.48 -9.86
CA ASP A 123 5.95 5.24 -8.54
C ASP A 123 5.61 3.79 -8.19
N LEU A 124 4.30 3.46 -8.22
CA LEU A 124 3.80 2.11 -8.04
C LEU A 124 2.81 1.80 -9.15
N ASN A 125 2.84 0.55 -9.60
CA ASN A 125 2.37 0.09 -10.90
C ASN A 125 1.93 -1.37 -10.86
N LEU A 126 1.53 -1.80 -9.67
CA LEU A 126 1.07 -3.15 -9.35
C LEU A 126 -0.45 -3.14 -9.39
N TYR A 127 -1.05 -4.02 -10.19
CA TYR A 127 -2.48 -4.00 -10.48
C TYR A 127 -3.00 -5.44 -10.51
N TYR A 128 -2.60 -6.21 -9.49
CA TYR A 128 -2.78 -7.64 -9.47
C TYR A 128 -4.24 -8.01 -9.67
N ASN A 129 -4.47 -9.05 -10.48
CA ASN A 129 -5.75 -9.73 -10.63
C ASN A 129 -5.46 -11.22 -10.57
N GLY A 1 -12.60 -17.64 14.63
CA GLY A 1 -14.00 -17.86 15.02
C GLY A 1 -14.65 -16.51 15.14
N ASP A 2 -15.43 -16.13 14.12
CA ASP A 2 -15.76 -14.74 13.82
C ASP A 2 -17.14 -14.75 13.18
N ASP A 3 -17.22 -15.36 12.01
CA ASP A 3 -18.25 -15.29 11.01
C ASP A 3 -17.88 -16.37 10.00
N ASP A 4 -18.86 -16.87 9.28
CA ASP A 4 -18.70 -18.02 8.38
C ASP A 4 -19.50 -17.77 7.11
N GLU A 5 -18.81 -17.32 6.06
CA GLU A 5 -19.39 -17.02 4.75
C GLU A 5 -18.33 -17.19 3.64
N PRO A 6 -17.71 -18.39 3.51
CA PRO A 6 -16.70 -18.62 2.50
C PRO A 6 -17.27 -18.58 1.09
N GLY A 7 -16.89 -17.55 0.36
CA GLY A 7 -17.70 -17.10 -0.75
C GLY A 7 -17.51 -17.93 -2.01
N GLY A 8 -16.27 -18.32 -2.32
CA GLY A 8 -15.92 -19.05 -3.54
C GLY A 8 -14.41 -19.17 -3.62
N LYS A 9 -13.87 -19.44 -4.81
CA LYS A 9 -12.45 -19.60 -5.06
C LYS A 9 -11.94 -18.37 -5.80
N GLY A 10 -10.86 -17.82 -5.28
CA GLY A 10 -9.96 -16.87 -5.92
C GLY A 10 -8.64 -16.93 -5.17
N ALA A 11 -8.15 -15.78 -4.70
CA ALA A 11 -6.89 -15.67 -3.97
C ALA A 11 -7.05 -14.78 -2.73
N MET A 12 -6.12 -14.90 -1.77
CA MET A 12 -5.87 -13.85 -0.79
C MET A 12 -4.77 -12.96 -1.34
N TYR A 13 -4.79 -11.72 -0.88
CA TYR A 13 -4.01 -10.62 -1.37
C TYR A 13 -3.63 -9.79 -0.15
N GLU A 14 -2.34 -9.72 0.17
CA GLU A 14 -1.73 -8.87 1.17
C GLU A 14 -0.59 -8.10 0.50
N VAL A 15 -0.39 -6.86 0.90
CA VAL A 15 0.65 -5.95 0.45
C VAL A 15 1.21 -5.19 1.66
N THR A 16 2.53 -5.10 1.79
CA THR A 16 3.17 -4.29 2.81
C THR A 16 3.55 -2.94 2.24
N ILE A 17 3.83 -2.01 3.14
CA ILE A 17 4.44 -0.76 2.82
C ILE A 17 5.42 -0.44 3.94
N GLU A 18 6.73 -0.46 3.66
CA GLU A 18 7.77 -0.26 4.65
C GLU A 18 8.49 1.04 4.35
N GLN A 19 8.75 1.83 5.39
CA GLN A 19 9.06 3.23 5.28
C GLN A 19 10.42 3.47 5.94
N SER A 20 11.42 3.89 5.15
CA SER A 20 12.76 4.20 5.65
C SER A 20 13.21 5.63 5.37
N GLY A 21 14.44 5.92 5.80
CA GLY A 21 15.16 7.17 5.61
C GLY A 21 14.51 8.27 6.41
N ASP A 22 13.70 9.10 5.75
CA ASP A 22 12.99 10.22 6.31
C ASP A 22 11.60 10.20 5.70
N PHE A 23 10.56 9.95 6.51
CA PHE A 23 9.22 9.71 5.98
C PHE A 23 8.18 10.74 6.44
N ARG A 24 8.63 11.85 7.05
CA ARG A 24 7.77 12.83 7.76
C ARG A 24 7.51 14.10 6.96
N SER A 25 8.07 14.22 5.76
CA SER A 25 7.70 15.18 4.74
C SER A 25 7.86 14.42 3.44
N PHE A 26 6.74 13.87 2.96
CA PHE A 26 6.55 13.17 1.69
C PHE A 26 5.06 12.81 1.62
N ILE A 27 4.32 13.45 0.71
CA ILE A 27 2.88 13.27 0.45
C ILE A 27 2.56 11.89 -0.12
N LYS A 28 2.34 10.89 0.74
CA LYS A 28 1.98 9.55 0.25
C LYS A 28 0.60 9.57 -0.39
N SER A 29 0.38 8.78 -1.44
CA SER A 29 -0.90 8.53 -2.05
C SER A 29 -0.85 7.11 -2.60
N VAL A 30 -1.86 6.28 -2.30
CA VAL A 30 -1.98 4.94 -2.84
C VAL A 30 -3.46 4.68 -3.15
N VAL A 31 -3.80 3.62 -3.93
CA VAL A 31 -5.03 3.49 -4.69
C VAL A 31 -5.55 2.02 -4.63
N VAL A 32 -5.72 1.39 -3.47
CA VAL A 32 -6.01 -0.06 -3.42
C VAL A 32 -7.37 -0.36 -4.04
N VAL A 33 -7.39 -1.42 -4.86
CA VAL A 33 -8.58 -2.01 -5.43
C VAL A 33 -8.65 -3.44 -4.90
N ALA A 34 -9.86 -3.99 -4.71
CA ALA A 34 -10.07 -5.39 -4.39
C ALA A 34 -11.38 -5.84 -5.03
N ASN A 35 -11.34 -7.01 -5.68
CA ASN A 35 -12.46 -7.61 -6.40
C ASN A 35 -13.06 -8.73 -5.55
N GLY A 36 -13.97 -8.39 -4.66
CA GLY A 36 -14.87 -9.36 -4.06
C GLY A 36 -15.07 -9.05 -2.58
N THR A 37 -14.08 -9.44 -1.78
CA THR A 37 -14.05 -9.21 -0.35
C THR A 37 -13.70 -7.75 -0.05
N GLN A 38 -13.64 -7.40 1.23
CA GLN A 38 -13.21 -6.09 1.71
C GLN A 38 -11.74 -6.14 2.14
N LEU A 39 -11.19 -4.94 2.36
CA LEU A 39 -9.82 -4.72 2.84
C LEU A 39 -9.81 -4.80 4.37
N LYS A 40 -8.63 -4.86 4.98
CA LYS A 40 -8.41 -4.79 6.44
C LYS A 40 -7.23 -3.89 6.74
N ASP A 41 -7.48 -2.94 7.62
CA ASP A 41 -6.66 -1.78 7.89
C ASP A 41 -5.68 -2.10 9.01
N GLY A 42 -4.38 -2.21 8.72
CA GLY A 42 -3.40 -2.73 9.67
C GLY A 42 -3.33 -1.97 11.00
N ALA A 43 -3.75 -0.70 11.05
CA ALA A 43 -3.83 0.13 12.24
C ALA A 43 -4.74 -0.50 13.31
N THR A 44 -5.99 -0.76 12.96
CA THR A 44 -7.10 -1.04 13.88
C THR A 44 -7.78 -2.37 13.54
N GLY A 45 -7.30 -3.05 12.50
CA GLY A 45 -7.83 -4.30 12.01
C GLY A 45 -9.28 -4.19 11.59
N GLU A 46 -9.76 -2.99 11.29
CA GLU A 46 -11.09 -2.76 10.76
C GLU A 46 -11.11 -3.06 9.28
N SER A 47 -12.28 -3.34 8.73
CA SER A 47 -12.38 -3.90 7.39
C SER A 47 -13.12 -2.94 6.48
N LEU A 48 -12.36 -2.30 5.61
CA LEU A 48 -12.76 -1.12 4.85
C LEU A 48 -13.32 -1.50 3.48
N ALA A 49 -14.08 -0.57 2.91
CA ALA A 49 -14.86 -0.70 1.70
C ALA A 49 -14.02 -0.23 0.52
N SER A 50 -13.36 -1.17 -0.16
CA SER A 50 -12.64 -0.93 -1.39
C SER A 50 -13.57 -0.36 -2.48
N PRO A 51 -13.02 0.14 -3.61
CA PRO A 51 -11.64 0.59 -3.78
C PRO A 51 -11.45 1.97 -3.14
N VAL A 52 -10.29 2.26 -2.56
CA VAL A 52 -10.06 3.46 -1.76
C VAL A 52 -8.73 4.10 -2.14
N ILE A 53 -8.61 5.40 -1.86
CA ILE A 53 -7.40 6.18 -2.06
C ILE A 53 -6.94 6.59 -0.68
N LEU A 54 -5.68 6.29 -0.39
CA LEU A 54 -4.95 6.56 0.84
C LEU A 54 -4.21 7.90 0.74
N SER A 55 -3.78 8.40 1.90
CA SER A 55 -3.31 9.76 2.15
C SER A 55 -1.98 9.77 2.92
N ASP A 56 -1.62 10.90 3.51
CA ASP A 56 -0.46 11.10 4.37
C ASP A 56 -0.82 10.78 5.83
N GLU A 57 -2.10 10.81 6.17
CA GLU A 57 -2.64 10.58 7.52
C GLU A 57 -2.62 9.10 7.89
N GLU A 58 -2.88 8.22 6.93
CA GLU A 58 -2.96 6.78 7.09
C GLU A 58 -1.57 6.15 7.23
N LEU A 59 -0.57 6.75 6.56
CA LEU A 59 0.80 6.25 6.49
C LEU A 59 1.72 6.91 7.54
N ALA A 60 1.17 7.42 8.64
CA ALA A 60 1.86 8.10 9.73
C ALA A 60 2.59 7.14 10.69
N VAL A 61 3.11 6.02 10.18
CA VAL A 61 3.80 4.97 10.92
C VAL A 61 5.12 4.63 10.23
N GLU A 62 5.78 3.53 10.61
CA GLU A 62 7.01 3.01 10.02
C GLU A 62 6.77 1.89 9.01
N LYS A 63 5.65 1.17 9.11
CA LYS A 63 5.21 0.20 8.12
C LYS A 63 3.72 -0.03 8.29
N VAL A 64 3.01 -0.34 7.21
CA VAL A 64 1.67 -0.89 7.27
C VAL A 64 1.67 -2.23 6.52
N THR A 65 0.61 -3.00 6.73
CA THR A 65 0.24 -4.23 6.06
C THR A 65 -1.26 -4.10 5.77
N LEU A 66 -1.66 -4.24 4.51
CA LEU A 66 -3.06 -4.26 4.09
C LEU A 66 -3.34 -5.61 3.47
N SER A 67 -4.51 -6.19 3.74
CA SER A 67 -4.85 -7.54 3.30
C SER A 67 -6.34 -7.63 2.96
N THR A 68 -6.82 -8.82 2.61
CA THR A 68 -8.19 -9.18 2.23
C THR A 68 -8.79 -10.11 3.28
N THR A 69 -10.05 -9.88 3.67
CA THR A 69 -10.58 -10.64 4.81
C THR A 69 -10.91 -12.07 4.36
N GLY A 70 -11.53 -12.18 3.18
CA GLY A 70 -12.02 -13.43 2.62
C GLY A 70 -11.13 -13.83 1.45
N LYS A 71 -11.56 -13.55 0.24
CA LYS A 71 -10.83 -13.74 -0.99
C LYS A 71 -11.21 -12.66 -2.00
N ALA A 72 -10.26 -12.26 -2.84
CA ALA A 72 -10.49 -11.38 -3.97
C ALA A 72 -9.92 -12.04 -5.22
N ILE A 73 -10.03 -11.33 -6.35
CA ILE A 73 -9.50 -11.75 -7.63
C ILE A 73 -8.53 -10.70 -8.19
N GLU A 74 -8.28 -9.58 -7.51
CA GLU A 74 -7.37 -8.55 -8.00
C GLU A 74 -6.70 -7.82 -6.85
N PHE A 75 -5.55 -7.20 -7.11
CA PHE A 75 -4.91 -6.22 -6.24
C PHE A 75 -4.07 -5.31 -7.14
N ALA A 76 -4.40 -4.02 -7.17
CA ALA A 76 -3.69 -3.03 -7.96
C ALA A 76 -3.19 -1.96 -7.01
N VAL A 77 -1.94 -1.53 -7.18
CA VAL A 77 -1.26 -0.63 -6.27
C VAL A 77 -0.50 0.38 -7.14
N SER A 78 -0.91 1.65 -7.12
CA SER A 78 -0.19 2.72 -7.80
C SER A 78 -0.10 3.95 -6.88
N GLY A 79 0.55 5.01 -7.34
CA GLY A 79 0.29 6.37 -6.88
C GLY A 79 1.51 7.24 -7.14
N GLY A 80 2.46 7.20 -6.20
CA GLY A 80 3.74 7.90 -6.20
C GLY A 80 3.73 8.92 -5.06
N VAL A 81 4.83 9.67 -4.87
CA VAL A 81 4.93 10.70 -3.85
C VAL A 81 6.00 11.72 -4.27
N VAL A 82 5.91 12.93 -3.74
CA VAL A 82 6.82 14.06 -3.90
C VAL A 82 7.02 14.65 -2.51
N ASP A 83 7.98 15.56 -2.39
CA ASP A 83 8.04 16.44 -1.23
C ASP A 83 8.01 17.86 -1.74
N GLY A 84 6.85 18.49 -1.65
CA GLY A 84 6.54 19.79 -2.23
C GLY A 84 6.77 20.96 -1.27
N GLU A 85 7.48 20.73 -0.17
CA GLU A 85 7.82 21.71 0.85
C GLU A 85 8.71 22.81 0.25
N ASP A 86 8.98 23.83 1.05
CA ASP A 86 9.80 24.99 0.75
C ASP A 86 10.07 25.65 2.10
N GLY A 87 11.34 25.87 2.43
CA GLY A 87 11.75 26.60 3.63
C GLY A 87 12.38 25.70 4.70
N VAL A 88 12.38 24.39 4.49
CA VAL A 88 13.08 23.41 5.31
C VAL A 88 13.52 22.28 4.38
N VAL A 89 14.72 21.75 4.57
CA VAL A 89 15.17 20.54 3.92
C VAL A 89 14.90 19.39 4.88
N ASN A 90 14.37 18.29 4.32
CA ASN A 90 14.21 17.01 5.02
C ASN A 90 15.23 16.06 4.39
N GLU A 91 15.12 14.73 4.55
CA GLU A 91 16.08 13.77 4.00
C GLU A 91 15.40 12.72 3.10
N PRO A 92 16.18 11.96 2.31
CA PRO A 92 15.64 10.97 1.39
C PRO A 92 15.24 9.66 2.06
N MET A 93 14.63 8.74 1.30
CA MET A 93 13.98 7.56 1.82
C MET A 93 14.08 6.40 0.84
N GLN A 94 13.43 5.30 1.21
CA GLN A 94 13.15 4.12 0.42
C GLN A 94 11.74 3.67 0.80
N TRP A 95 11.14 2.85 -0.06
CA TRP A 95 9.86 2.18 0.14
C TRP A 95 10.13 0.73 -0.22
N VAL A 96 10.09 -0.19 0.75
CA VAL A 96 10.09 -1.62 0.45
C VAL A 96 8.63 -2.02 0.38
N VAL A 97 8.21 -2.65 -0.71
CA VAL A 97 6.81 -2.86 -1.05
C VAL A 97 6.70 -4.28 -1.59
N THR A 98 6.17 -5.18 -0.78
CA THR A 98 6.18 -6.62 -1.00
C THR A 98 4.72 -7.06 -1.09
N VAL A 99 4.44 -8.15 -1.80
CA VAL A 99 3.08 -8.61 -2.05
C VAL A 99 3.07 -10.10 -1.75
N TYR A 100 2.16 -10.51 -0.86
CA TYR A 100 2.06 -11.85 -0.31
C TYR A 100 0.68 -12.41 -0.65
N LYS A 101 0.62 -13.55 -1.35
CA LYS A 101 -0.59 -14.29 -1.70
C LYS A 101 -1.12 -15.01 -0.45
N ASN A 102 -2.04 -15.96 -0.61
CA ASN A 102 -2.40 -16.96 0.39
C ASN A 102 -1.12 -17.75 0.70
N GLY A 103 -0.41 -17.25 1.71
CA GLY A 103 0.75 -17.87 2.33
C GLY A 103 1.98 -18.03 1.45
N LYS A 104 2.21 -17.16 0.46
CA LYS A 104 3.49 -17.04 -0.24
C LYS A 104 3.74 -15.58 -0.61
N GLU A 105 4.88 -15.26 -1.20
CA GLU A 105 5.19 -13.97 -1.79
C GLU A 105 4.97 -14.06 -3.32
N ILE A 106 4.69 -12.95 -3.99
CA ILE A 106 4.68 -12.85 -5.45
C ILE A 106 5.46 -11.62 -5.97
N GLU A 107 5.81 -10.65 -5.11
CA GLU A 107 6.55 -9.44 -5.48
C GLU A 107 7.54 -9.14 -4.38
N LYS A 108 8.67 -8.53 -4.70
CA LYS A 108 9.63 -7.98 -3.76
C LYS A 108 10.27 -6.74 -4.38
N LYS A 109 9.47 -5.78 -4.85
CA LYS A 109 10.01 -4.53 -5.36
C LYS A 109 10.43 -3.63 -4.19
N SER A 110 11.13 -2.56 -4.53
CA SER A 110 11.51 -1.48 -3.64
C SER A 110 11.64 -0.23 -4.52
N LEU A 111 11.68 0.95 -3.89
CA LEU A 111 11.88 2.26 -4.50
C LEU A 111 12.88 3.06 -3.66
N VAL A 112 13.27 4.25 -4.13
CA VAL A 112 14.29 5.07 -3.50
C VAL A 112 14.03 6.55 -3.83
N PHE A 113 12.92 7.07 -3.28
CA PHE A 113 12.48 8.45 -3.43
C PHE A 113 13.48 9.38 -2.75
N ARG A 114 14.03 10.33 -3.52
CA ARG A 114 14.92 11.37 -3.03
C ARG A 114 14.54 12.71 -3.62
N ASP A 115 15.13 13.76 -3.04
CA ASP A 115 15.16 15.15 -3.45
C ASP A 115 13.77 15.67 -3.74
N GLY A 116 13.11 16.15 -2.69
CA GLY A 116 11.90 16.95 -2.62
C GLY A 116 11.90 18.18 -3.50
N LYS A 117 11.84 17.96 -4.81
CA LYS A 117 11.63 18.96 -5.85
C LYS A 117 10.41 18.60 -6.68
N GLU A 118 10.05 19.48 -7.61
CA GLU A 118 8.95 19.22 -8.54
C GLU A 118 9.33 18.04 -9.44
N ILE A 119 8.71 16.89 -9.22
CA ILE A 119 8.89 15.65 -9.97
C ILE A 119 7.54 14.96 -10.13
N SER A 120 7.45 13.97 -11.03
CA SER A 120 6.42 12.96 -11.08
C SER A 120 7.02 11.72 -11.76
N THR A 121 6.71 10.52 -11.29
CA THR A 121 7.03 9.27 -11.97
C THR A 121 5.91 8.26 -11.74
N ASP A 122 5.87 7.21 -12.57
CA ASP A 122 4.99 6.06 -12.36
C ASP A 122 5.75 5.02 -11.50
N ASP A 123 6.48 5.51 -10.49
CA ASP A 123 7.31 4.75 -9.55
C ASP A 123 6.52 3.62 -8.90
N LEU A 124 5.28 3.90 -8.49
CA LEU A 124 4.38 2.93 -7.92
C LEU A 124 3.31 2.68 -8.96
N ASN A 125 3.37 1.51 -9.61
CA ASN A 125 2.40 1.14 -10.64
C ASN A 125 2.42 -0.37 -10.89
N LEU A 126 1.65 -1.13 -10.11
CA LEU A 126 1.64 -2.60 -10.11
C LEU A 126 0.20 -3.11 -10.14
N TYR A 127 -0.01 -4.28 -10.72
CA TYR A 127 -1.31 -4.92 -10.91
C TYR A 127 -1.17 -6.43 -10.73
N TYR A 128 -2.20 -7.07 -10.20
CA TYR A 128 -2.33 -8.52 -10.10
C TYR A 128 -3.79 -8.90 -10.28
N ASN A 129 -4.00 -10.15 -10.71
CA ASN A 129 -5.27 -10.82 -10.83
C ASN A 129 -5.03 -12.26 -10.44
N GLY A 1 -17.31 -7.54 8.78
CA GLY A 1 -17.88 -8.87 8.58
C GLY A 1 -16.83 -9.91 8.88
N ASP A 2 -17.13 -10.81 9.83
CA ASP A 2 -16.23 -11.86 10.23
C ASP A 2 -16.35 -13.02 9.25
N ASP A 3 -17.34 -13.89 9.44
CA ASP A 3 -17.41 -15.16 8.74
C ASP A 3 -18.86 -15.59 8.72
N ASP A 4 -19.36 -15.95 7.52
CA ASP A 4 -20.78 -16.18 7.28
C ASP A 4 -20.89 -17.46 6.44
N GLU A 5 -20.80 -17.34 5.12
CA GLU A 5 -20.95 -18.41 4.14
C GLU A 5 -20.32 -17.89 2.83
N PRO A 6 -18.99 -17.83 2.71
CA PRO A 6 -18.32 -17.52 1.44
C PRO A 6 -18.36 -18.73 0.49
N GLY A 7 -17.94 -18.55 -0.76
CA GLY A 7 -17.83 -19.62 -1.73
C GLY A 7 -17.66 -19.06 -3.14
N GLY A 8 -16.44 -18.69 -3.51
CA GLY A 8 -16.10 -18.19 -4.84
C GLY A 8 -14.59 -18.37 -5.09
N LYS A 9 -14.15 -18.22 -6.34
CA LYS A 9 -12.78 -18.49 -6.77
C LYS A 9 -12.09 -17.19 -7.11
N GLY A 10 -11.00 -16.94 -6.41
CA GLY A 10 -9.93 -15.99 -6.69
C GLY A 10 -8.69 -16.42 -5.91
N ALA A 11 -8.11 -15.56 -5.06
CA ALA A 11 -6.86 -15.82 -4.34
C ALA A 11 -6.77 -14.91 -3.12
N MET A 12 -5.81 -15.19 -2.22
CA MET A 12 -5.35 -14.25 -1.20
C MET A 12 -3.96 -13.72 -1.50
N TYR A 13 -3.67 -12.64 -0.78
CA TYR A 13 -2.57 -11.71 -0.88
C TYR A 13 -2.67 -10.67 0.26
N GLU A 14 -1.52 -10.12 0.63
CA GLU A 14 -1.29 -9.08 1.63
C GLU A 14 -0.13 -8.24 1.07
N VAL A 15 -0.09 -6.93 1.34
CA VAL A 15 0.99 -6.02 0.97
C VAL A 15 1.50 -5.34 2.24
N THR A 16 2.79 -5.04 2.25
CA THR A 16 3.45 -4.34 3.33
C THR A 16 4.24 -3.24 2.68
N ILE A 17 3.87 -2.00 2.98
CA ILE A 17 4.83 -0.95 2.74
C ILE A 17 5.82 -0.97 3.89
N GLU A 18 7.08 -0.70 3.60
CA GLU A 18 8.05 -0.24 4.56
C GLU A 18 8.57 1.07 3.99
N GLN A 19 8.34 2.14 4.73
CA GLN A 19 8.86 3.45 4.42
C GLN A 19 10.15 3.58 5.21
N SER A 20 11.27 3.58 4.50
CA SER A 20 12.54 3.84 5.13
C SER A 20 12.78 5.35 5.20
N GLY A 21 13.65 5.76 6.12
CA GLY A 21 14.15 7.13 6.16
C GLY A 21 13.19 8.09 6.84
N ASP A 22 13.13 9.32 6.35
CA ASP A 22 12.09 10.28 6.74
C ASP A 22 10.86 10.00 5.89
N PHE A 23 9.69 9.84 6.51
CA PHE A 23 8.42 9.64 5.84
C PHE A 23 7.33 10.56 6.42
N ARG A 24 7.72 11.62 7.15
CA ARG A 24 6.84 12.46 7.96
C ARG A 24 6.88 13.91 7.49
N SER A 25 7.02 14.13 6.18
CA SER A 25 7.20 15.44 5.57
C SER A 25 6.51 15.52 4.20
N PHE A 26 5.97 14.40 3.71
CA PHE A 26 5.79 14.17 2.29
C PHE A 26 4.31 14.43 1.95
N ILE A 27 3.99 14.46 0.65
CA ILE A 27 2.69 14.92 0.19
C ILE A 27 2.22 13.96 -0.91
N LYS A 28 1.38 12.97 -0.60
CA LYS A 28 0.82 11.95 -1.53
C LYS A 28 0.01 10.90 -0.76
N SER A 29 -0.25 9.75 -1.38
CA SER A 29 -1.05 8.65 -0.88
C SER A 29 -0.64 7.33 -1.54
N VAL A 30 -1.24 6.24 -1.07
CA VAL A 30 -1.15 4.91 -1.68
C VAL A 30 -2.56 4.52 -2.13
N VAL A 31 -2.66 3.81 -3.25
CA VAL A 31 -3.89 3.32 -3.86
C VAL A 31 -4.07 1.85 -3.48
N VAL A 32 -5.32 1.37 -3.39
CA VAL A 32 -5.64 -0.06 -3.38
C VAL A 32 -6.97 -0.31 -4.10
N VAL A 33 -7.05 -1.45 -4.79
CA VAL A 33 -8.27 -2.05 -5.30
C VAL A 33 -8.18 -3.55 -4.98
N ALA A 34 -9.27 -4.16 -4.52
CA ALA A 34 -9.38 -5.60 -4.31
C ALA A 34 -10.76 -6.06 -4.79
N ASN A 35 -10.77 -6.75 -5.93
CA ASN A 35 -11.98 -7.24 -6.60
C ASN A 35 -12.75 -8.17 -5.66
N GLY A 36 -13.94 -7.77 -5.19
CA GLY A 36 -14.87 -8.70 -4.57
C GLY A 36 -14.60 -8.98 -3.10
N THR A 37 -14.07 -8.02 -2.33
CA THR A 37 -13.85 -8.17 -0.89
C THR A 37 -13.81 -6.79 -0.22
N GLN A 38 -13.43 -6.76 1.07
CA GLN A 38 -12.91 -5.61 1.77
C GLN A 38 -11.43 -5.81 2.12
N LEU A 39 -10.79 -4.70 2.48
CA LEU A 39 -9.41 -4.57 2.94
C LEU A 39 -9.42 -4.53 4.46
N LYS A 40 -8.25 -4.64 5.07
CA LYS A 40 -8.02 -4.60 6.51
C LYS A 40 -6.89 -3.61 6.74
N ASP A 41 -7.05 -2.69 7.68
CA ASP A 41 -5.97 -1.89 8.24
C ASP A 41 -5.27 -2.73 9.30
N GLY A 42 -4.00 -3.09 9.13
CA GLY A 42 -3.24 -3.87 10.10
C GLY A 42 -2.92 -3.11 11.40
N ALA A 43 -3.15 -1.79 11.47
CA ALA A 43 -2.92 -0.98 12.66
C ALA A 43 -3.83 -1.43 13.79
N THR A 44 -5.14 -1.51 13.52
CA THR A 44 -6.18 -1.73 14.52
C THR A 44 -7.08 -2.91 14.13
N GLY A 45 -6.96 -3.42 12.91
CA GLY A 45 -7.79 -4.47 12.39
C GLY A 45 -9.16 -3.89 12.06
N GLU A 46 -9.18 -2.86 11.22
CA GLU A 46 -10.40 -2.17 10.79
C GLU A 46 -10.70 -2.67 9.37
N SER A 47 -11.94 -3.10 9.09
CA SER A 47 -12.36 -3.45 7.74
C SER A 47 -12.51 -2.16 6.92
N LEU A 48 -12.18 -2.24 5.64
CA LEU A 48 -12.07 -1.10 4.74
C LEU A 48 -12.70 -1.42 3.40
N ALA A 49 -13.57 -0.53 2.93
CA ALA A 49 -14.28 -0.74 1.68
C ALA A 49 -13.44 -0.24 0.52
N SER A 50 -12.57 -1.11 -0.03
CA SER A 50 -11.86 -0.82 -1.26
C SER A 50 -12.86 -0.61 -2.43
N PRO A 51 -12.50 0.09 -3.51
CA PRO A 51 -11.23 0.79 -3.73
C PRO A 51 -11.11 2.04 -2.86
N VAL A 52 -9.90 2.33 -2.39
CA VAL A 52 -9.63 3.36 -1.39
C VAL A 52 -8.18 3.83 -1.46
N ILE A 53 -7.92 5.00 -0.87
CA ILE A 53 -6.68 5.75 -0.97
C ILE A 53 -6.23 6.13 0.44
N LEU A 54 -5.16 5.48 0.94
CA LEU A 54 -4.56 5.81 2.23
C LEU A 54 -3.85 7.16 2.16
N SER A 55 -4.21 8.07 3.06
CA SER A 55 -3.76 9.45 3.15
C SER A 55 -2.45 9.54 3.97
N ASP A 56 -1.96 10.75 4.30
CA ASP A 56 -0.74 10.90 5.09
C ASP A 56 -0.84 10.28 6.47
N GLU A 57 -1.98 10.46 7.16
CA GLU A 57 -2.19 9.99 8.53
C GLU A 57 -1.84 8.51 8.65
N GLU A 58 -2.32 7.76 7.68
CA GLU A 58 -2.22 6.33 7.60
C GLU A 58 -0.76 5.92 7.38
N LEU A 59 -0.04 6.67 6.53
CA LEU A 59 1.36 6.48 6.16
C LEU A 59 2.31 7.22 7.10
N ALA A 60 1.86 7.74 8.25
CA ALA A 60 2.73 8.46 9.16
C ALA A 60 3.69 7.53 9.96
N VAL A 61 3.88 6.28 9.50
CA VAL A 61 4.61 5.23 10.19
C VAL A 61 5.61 4.53 9.26
N GLU A 62 6.55 3.81 9.86
CA GLU A 62 7.58 3.03 9.17
C GLU A 62 7.00 1.87 8.35
N LYS A 63 5.84 1.31 8.72
CA LYS A 63 5.30 0.13 8.07
C LYS A 63 3.80 0.12 8.19
N VAL A 64 3.11 -0.01 7.06
CA VAL A 64 1.67 -0.19 6.96
C VAL A 64 1.46 -1.53 6.27
N THR A 65 0.47 -2.30 6.71
CA THR A 65 0.33 -3.71 6.42
C THR A 65 -1.14 -4.00 6.12
N LEU A 66 -1.47 -4.24 4.86
CA LEU A 66 -2.82 -4.27 4.37
C LEU A 66 -3.08 -5.61 3.71
N SER A 67 -4.25 -6.17 3.94
CA SER A 67 -4.62 -7.47 3.43
C SER A 67 -6.10 -7.43 3.13
N THR A 68 -6.55 -8.36 2.30
CA THR A 68 -7.97 -8.57 2.11
C THR A 68 -8.55 -9.27 3.34
N THR A 69 -9.75 -8.92 3.77
CA THR A 69 -10.38 -9.64 4.86
C THR A 69 -10.82 -11.02 4.36
N GLY A 70 -11.57 -11.04 3.26
CA GLY A 70 -12.05 -12.25 2.61
C GLY A 70 -11.40 -12.39 1.25
N LYS A 71 -11.59 -13.55 0.61
CA LYS A 71 -11.01 -13.87 -0.69
C LYS A 71 -11.45 -12.84 -1.71
N ALA A 72 -10.51 -12.36 -2.51
CA ALA A 72 -10.72 -11.42 -3.59
C ALA A 72 -10.32 -12.11 -4.88
N ILE A 73 -10.45 -11.40 -6.00
CA ILE A 73 -10.07 -11.90 -7.32
C ILE A 73 -8.93 -11.07 -7.92
N GLU A 74 -8.59 -9.92 -7.32
CA GLU A 74 -7.39 -9.18 -7.64
C GLU A 74 -6.91 -8.48 -6.37
N PHE A 75 -5.66 -8.01 -6.39
CA PHE A 75 -5.08 -7.10 -5.39
C PHE A 75 -4.13 -6.15 -6.13
N ALA A 76 -4.53 -4.89 -6.28
CA ALA A 76 -3.71 -3.87 -6.92
C ALA A 76 -3.04 -2.99 -5.86
N VAL A 77 -1.89 -2.42 -6.21
CA VAL A 77 -1.02 -1.61 -5.37
C VAL A 77 -0.43 -0.53 -6.29
N SER A 78 -0.74 0.75 -6.07
CA SER A 78 -0.11 1.81 -6.85
C SER A 78 -0.11 3.14 -6.07
N GLY A 79 0.29 4.23 -6.71
CA GLY A 79 0.55 5.52 -6.06
C GLY A 79 2.02 5.85 -6.18
N GLY A 80 2.50 6.76 -5.34
CA GLY A 80 3.89 7.23 -5.32
C GLY A 80 3.91 8.48 -4.46
N VAL A 81 5.06 9.09 -4.16
CA VAL A 81 5.12 10.31 -3.37
C VAL A 81 6.43 11.06 -3.66
N VAL A 82 6.52 12.34 -3.29
CA VAL A 82 7.76 13.06 -3.12
C VAL A 82 7.49 14.15 -2.07
N ASP A 83 8.56 14.67 -1.46
CA ASP A 83 8.47 15.83 -0.59
C ASP A 83 8.61 17.07 -1.45
N GLY A 84 7.69 18.00 -1.28
CA GLY A 84 7.67 19.29 -1.94
C GLY A 84 8.31 20.39 -1.11
N GLU A 85 8.75 20.11 0.13
CA GLU A 85 9.59 20.99 0.92
C GLU A 85 10.92 21.15 0.19
N ASP A 86 11.28 22.39 -0.16
CA ASP A 86 12.60 22.73 -0.67
C ASP A 86 13.17 23.87 0.16
N GLY A 87 12.91 23.82 1.48
CA GLY A 87 13.28 24.86 2.45
C GLY A 87 13.94 24.29 3.70
N VAL A 88 13.74 23.01 4.02
CA VAL A 88 14.37 22.29 5.12
C VAL A 88 15.39 21.32 4.51
N VAL A 89 16.55 21.12 5.15
CA VAL A 89 17.43 20.03 4.79
C VAL A 89 16.90 18.80 5.52
N ASN A 90 16.66 17.71 4.79
CA ASN A 90 16.12 16.48 5.35
C ASN A 90 17.03 15.32 4.98
N GLU A 91 16.59 14.09 5.22
CA GLU A 91 17.06 12.93 4.49
C GLU A 91 15.90 12.34 3.68
N PRO A 92 16.21 11.62 2.59
CA PRO A 92 15.22 11.04 1.71
C PRO A 92 14.66 9.72 2.25
N MET A 93 13.95 8.98 1.39
CA MET A 93 13.21 7.80 1.77
C MET A 93 13.23 6.75 0.67
N GLN A 94 12.79 5.54 1.04
CA GLN A 94 12.48 4.46 0.11
C GLN A 94 11.14 3.89 0.51
N TRP A 95 10.27 3.72 -0.47
CA TRP A 95 9.17 2.78 -0.41
C TRP A 95 9.76 1.41 -0.76
N VAL A 96 9.96 0.54 0.22
CA VAL A 96 9.89 -0.90 0.00
C VAL A 96 8.39 -1.21 -0.01
N VAL A 97 7.91 -2.03 -0.96
CA VAL A 97 6.53 -2.49 -0.92
C VAL A 97 6.53 -3.97 -1.29
N THR A 98 6.63 -4.84 -0.29
CA THR A 98 6.58 -6.29 -0.43
C THR A 98 5.13 -6.71 -0.68
N VAL A 99 4.92 -7.83 -1.37
CA VAL A 99 3.59 -8.39 -1.61
C VAL A 99 3.68 -9.88 -1.35
N TYR A 100 2.74 -10.39 -0.57
CA TYR A 100 2.47 -11.78 -0.28
C TYR A 100 1.27 -12.20 -1.11
N LYS A 101 1.14 -13.51 -1.30
CA LYS A 101 0.07 -14.20 -1.99
C LYS A 101 -0.40 -15.30 -1.03
N ASN A 102 -1.27 -16.20 -1.48
CA ASN A 102 -1.86 -17.38 -0.82
C ASN A 102 -0.82 -18.39 -0.23
N GLY A 103 0.16 -17.93 0.54
CA GLY A 103 1.19 -18.74 1.18
C GLY A 103 2.30 -17.88 1.78
N LYS A 104 2.97 -17.06 0.96
CA LYS A 104 4.16 -16.29 1.31
C LYS A 104 4.37 -15.12 0.37
N GLU A 105 5.50 -14.42 0.55
CA GLU A 105 5.97 -13.31 -0.29
C GLU A 105 6.05 -13.81 -1.74
N ILE A 106 5.68 -12.96 -2.71
CA ILE A 106 5.91 -13.13 -4.13
C ILE A 106 6.72 -11.97 -4.70
N GLU A 107 6.56 -10.74 -4.21
CA GLU A 107 7.23 -9.58 -4.80
C GLU A 107 7.85 -8.74 -3.69
N LYS A 108 8.94 -8.07 -4.04
CA LYS A 108 10.02 -7.63 -3.17
C LYS A 108 10.73 -6.44 -3.82
N LYS A 109 9.96 -5.50 -4.40
CA LYS A 109 10.50 -4.40 -5.18
C LYS A 109 10.29 -3.07 -4.45
N SER A 110 11.21 -2.14 -4.68
CA SER A 110 11.35 -0.91 -3.95
C SER A 110 11.74 0.22 -4.92
N LEU A 111 11.55 1.45 -4.47
CA LEU A 111 11.83 2.68 -5.19
C LEU A 111 12.77 3.50 -4.29
N VAL A 112 12.87 4.78 -4.61
CA VAL A 112 13.49 5.84 -3.83
C VAL A 112 12.80 7.14 -4.22
N PHE A 113 12.62 8.06 -3.26
CA PHE A 113 12.16 9.41 -3.51
C PHE A 113 13.13 10.34 -2.79
N ARG A 114 13.38 11.52 -3.35
CA ARG A 114 14.27 12.53 -2.79
C ARG A 114 13.59 13.87 -2.85
N ASP A 115 14.07 14.75 -1.99
CA ASP A 115 13.38 15.87 -1.40
C ASP A 115 13.33 17.02 -2.41
N GLY A 116 12.43 17.98 -2.19
CA GLY A 116 12.39 19.25 -2.88
C GLY A 116 11.92 19.17 -4.32
N LYS A 117 10.97 18.28 -4.64
CA LYS A 117 10.44 18.08 -5.99
C LYS A 117 8.92 17.87 -5.91
N GLU A 118 8.25 17.83 -7.07
CA GLU A 118 6.81 17.62 -7.14
C GLU A 118 6.48 16.77 -8.35
N ILE A 119 6.28 15.47 -8.16
CA ILE A 119 6.13 14.49 -9.24
C ILE A 119 4.86 13.68 -9.02
N SER A 120 4.42 13.00 -10.08
CA SER A 120 3.24 12.15 -10.09
C SER A 120 3.31 11.18 -11.28
N THR A 121 4.50 10.70 -11.61
CA THR A 121 4.66 9.58 -12.51
C THR A 121 4.02 8.33 -11.94
N ASP A 122 3.79 7.36 -12.83
CA ASP A 122 3.49 5.95 -12.61
C ASP A 122 4.70 5.25 -11.98
N ASP A 123 5.22 5.85 -10.92
CA ASP A 123 6.22 5.27 -10.02
C ASP A 123 5.75 3.93 -9.45
N LEU A 124 4.44 3.74 -9.29
CA LEU A 124 3.87 2.44 -8.95
C LEU A 124 2.61 2.23 -9.76
N ASN A 125 2.38 0.98 -10.10
CA ASN A 125 1.35 0.50 -11.03
C ASN A 125 1.45 -1.03 -11.01
N LEU A 126 0.95 -1.68 -9.97
CA LEU A 126 1.18 -3.10 -9.70
C LEU A 126 -0.16 -3.80 -9.53
N TYR A 127 -0.32 -4.99 -10.12
CA TYR A 127 -1.55 -5.77 -10.12
C TYR A 127 -1.21 -7.25 -9.95
N TYR A 128 -2.08 -7.98 -9.23
CA TYR A 128 -2.05 -9.43 -9.09
C TYR A 128 -3.47 -9.96 -9.13
N ASN A 129 -3.58 -11.23 -9.52
CA ASN A 129 -4.69 -12.14 -9.26
C ASN A 129 -4.06 -13.45 -8.82
N GLY A 1 -19.98 -33.05 8.12
CA GLY A 1 -19.68 -32.32 6.89
C GLY A 1 -18.86 -31.10 7.22
N ASP A 2 -18.17 -30.57 6.21
CA ASP A 2 -17.56 -29.25 6.16
C ASP A 2 -17.40 -28.94 4.69
N ASP A 3 -18.56 -28.78 4.03
CA ASP A 3 -18.73 -29.08 2.63
C ASP A 3 -19.93 -28.28 2.13
N ASP A 4 -19.68 -27.57 1.02
CA ASP A 4 -20.50 -26.58 0.31
C ASP A 4 -19.80 -26.40 -1.06
N GLU A 5 -20.36 -25.62 -1.98
CA GLU A 5 -19.77 -25.30 -3.28
C GLU A 5 -20.34 -23.93 -3.67
N PRO A 6 -19.85 -22.85 -3.04
CA PRO A 6 -20.50 -21.56 -3.12
C PRO A 6 -20.32 -20.94 -4.50
N GLY A 7 -21.17 -19.95 -4.81
CA GLY A 7 -21.10 -19.18 -6.03
C GLY A 7 -20.02 -18.11 -5.98
N GLY A 8 -18.80 -18.44 -5.54
CA GLY A 8 -17.71 -17.46 -5.44
C GLY A 8 -16.34 -18.13 -5.30
N LYS A 9 -15.35 -17.61 -6.04
CA LYS A 9 -13.92 -17.88 -5.87
C LYS A 9 -13.19 -16.56 -6.02
N GLY A 10 -11.93 -16.54 -5.61
CA GLY A 10 -10.93 -15.49 -5.56
C GLY A 10 -9.91 -15.87 -4.50
N ALA A 11 -9.15 -14.89 -4.01
CA ALA A 11 -7.95 -15.13 -3.19
C ALA A 11 -7.90 -14.20 -1.97
N MET A 12 -6.99 -14.50 -1.04
CA MET A 12 -6.53 -13.55 -0.03
C MET A 12 -5.41 -12.72 -0.60
N TYR A 13 -5.30 -11.52 -0.04
CA TYR A 13 -4.37 -10.48 -0.43
C TYR A 13 -3.99 -9.68 0.81
N GLU A 14 -2.68 -9.48 1.02
CA GLU A 14 -2.08 -8.71 2.10
C GLU A 14 -0.88 -7.95 1.49
N VAL A 15 -0.55 -6.78 2.02
CA VAL A 15 0.59 -5.96 1.59
C VAL A 15 1.19 -5.26 2.79
N THR A 16 2.45 -4.86 2.66
CA THR A 16 3.28 -4.45 3.76
C THR A 16 4.10 -3.30 3.21
N ILE A 17 4.04 -2.16 3.89
CA ILE A 17 4.62 -0.91 3.40
C ILE A 17 5.67 -0.47 4.41
N GLU A 18 6.97 -0.53 4.07
CA GLU A 18 8.11 -0.22 4.94
C GLU A 18 8.76 1.09 4.47
N GLN A 19 8.87 2.08 5.34
CA GLN A 19 9.50 3.36 5.02
C GLN A 19 10.87 3.45 5.68
N SER A 20 11.87 4.00 4.98
CA SER A 20 13.24 4.13 5.48
C SER A 20 13.88 5.43 5.00
N GLY A 21 15.01 5.80 5.61
CA GLY A 21 15.64 7.11 5.48
C GLY A 21 14.68 8.19 5.96
N ASP A 22 14.84 9.43 5.51
CA ASP A 22 13.96 10.53 5.91
C ASP A 22 12.63 10.40 5.16
N PHE A 23 11.64 9.71 5.74
CA PHE A 23 10.38 9.39 5.05
C PHE A 23 9.23 10.35 5.39
N ARG A 24 9.53 11.52 5.98
CA ARG A 24 8.58 12.33 6.75
C ARG A 24 8.37 13.76 6.22
N SER A 25 8.89 14.07 5.05
CA SER A 25 8.78 15.34 4.35
C SER A 25 8.61 15.06 2.86
N PHE A 26 7.82 14.04 2.48
CA PHE A 26 7.53 13.68 1.09
C PHE A 26 6.06 13.37 0.94
N ILE A 27 5.42 13.97 -0.06
CA ILE A 27 3.98 13.84 -0.27
C ILE A 27 3.73 12.41 -0.81
N LYS A 28 3.49 11.46 0.09
CA LYS A 28 3.22 10.06 -0.22
C LYS A 28 1.77 9.88 -0.66
N SER A 29 1.47 8.77 -1.33
CA SER A 29 0.10 8.30 -1.56
C SER A 29 0.06 6.77 -1.56
N VAL A 30 -1.12 6.22 -1.23
CA VAL A 30 -1.54 4.84 -1.45
C VAL A 30 -3.03 4.92 -1.80
N VAL A 31 -3.42 4.66 -3.05
CA VAL A 31 -4.75 4.09 -3.29
C VAL A 31 -4.68 2.62 -2.84
N VAL A 32 -5.79 2.10 -2.33
CA VAL A 32 -6.03 0.69 -2.09
C VAL A 32 -7.40 0.37 -2.69
N VAL A 33 -7.54 -0.76 -3.37
CA VAL A 33 -8.78 -1.18 -4.02
C VAL A 33 -9.24 -2.51 -3.41
N ALA A 34 -10.51 -2.86 -3.63
CA ALA A 34 -11.07 -4.16 -3.32
C ALA A 34 -12.14 -4.51 -4.35
N ASN A 35 -12.34 -5.81 -4.54
CA ASN A 35 -13.44 -6.38 -5.29
C ASN A 35 -14.08 -7.45 -4.42
N GLY A 36 -15.25 -7.15 -3.85
CA GLY A 36 -16.11 -8.15 -3.25
C GLY A 36 -15.70 -8.57 -1.84
N THR A 37 -15.06 -7.68 -1.08
CA THR A 37 -14.96 -7.70 0.38
C THR A 37 -14.48 -6.30 0.82
N GLN A 38 -14.02 -6.16 2.06
CA GLN A 38 -13.53 -4.91 2.63
C GLN A 38 -12.09 -5.10 3.15
N LEU A 39 -11.46 -4.00 3.53
CA LEU A 39 -10.06 -3.95 3.96
C LEU A 39 -9.98 -4.04 5.48
N LYS A 40 -8.79 -4.31 5.99
CA LYS A 40 -8.47 -4.36 7.40
C LYS A 40 -7.19 -3.58 7.61
N ASP A 41 -7.29 -2.52 8.38
CA ASP A 41 -6.21 -1.59 8.68
C ASP A 41 -5.36 -2.16 9.82
N GLY A 42 -4.04 -2.16 9.66
CA GLY A 42 -3.13 -2.70 10.67
C GLY A 42 -3.24 -2.01 12.04
N ALA A 43 -3.76 -0.78 12.08
CA ALA A 43 -3.92 0.08 13.26
C ALA A 43 -4.53 -0.67 14.42
N THR A 44 -5.67 -1.34 14.20
CA THR A 44 -6.26 -2.16 15.24
C THR A 44 -7.01 -3.37 14.64
N GLY A 45 -7.11 -3.50 13.32
CA GLY A 45 -8.12 -4.33 12.68
C GLY A 45 -9.34 -3.51 12.24
N GLU A 46 -9.17 -2.23 11.95
CA GLU A 46 -10.23 -1.34 11.49
C GLU A 46 -10.74 -1.84 10.14
N SER A 47 -12.03 -2.11 10.00
CA SER A 47 -12.67 -2.64 8.83
C SER A 47 -13.08 -1.51 7.88
N LEU A 48 -12.42 -1.42 6.73
CA LEU A 48 -12.42 -0.24 5.86
C LEU A 48 -13.09 -0.50 4.52
N ALA A 49 -13.76 0.53 4.02
CA ALA A 49 -14.61 0.48 2.84
C ALA A 49 -13.85 0.83 1.55
N SER A 50 -12.92 -0.02 1.12
CA SER A 50 -12.22 0.16 -0.15
C SER A 50 -13.17 0.34 -1.34
N PRO A 51 -12.73 0.98 -2.45
CA PRO A 51 -11.43 1.64 -2.59
C PRO A 51 -11.30 2.90 -1.73
N VAL A 52 -10.10 3.16 -1.22
CA VAL A 52 -9.77 4.27 -0.32
C VAL A 52 -8.40 4.79 -0.73
N ILE A 53 -8.14 6.06 -0.41
CA ILE A 53 -6.88 6.74 -0.63
C ILE A 53 -6.34 7.12 0.75
N LEU A 54 -5.01 7.07 0.89
CA LEU A 54 -4.29 7.46 2.08
C LEU A 54 -3.33 8.57 1.70
N SER A 55 -3.57 9.74 2.28
CA SER A 55 -2.75 10.92 2.11
C SER A 55 -1.42 10.76 2.87
N ASP A 56 -0.56 11.74 2.68
CA ASP A 56 0.74 11.88 3.35
C ASP A 56 0.61 11.95 4.89
N GLU A 57 -0.49 12.50 5.40
CA GLU A 57 -0.79 12.52 6.83
C GLU A 57 -0.98 11.09 7.35
N GLU A 58 -1.71 10.27 6.58
CA GLU A 58 -2.05 8.93 7.00
C GLU A 58 -0.82 8.02 6.88
N LEU A 59 0.05 8.31 5.90
CA LEU A 59 1.29 7.60 5.61
C LEU A 59 2.47 8.14 6.46
N ALA A 60 2.20 8.69 7.64
CA ALA A 60 3.22 9.18 8.57
C ALA A 60 3.89 8.08 9.41
N VAL A 61 3.53 6.80 9.22
CA VAL A 61 4.07 5.69 10.02
C VAL A 61 5.34 5.12 9.40
N GLU A 62 6.25 4.60 10.23
CA GLU A 62 7.46 3.89 9.81
C GLU A 62 7.16 2.68 8.92
N LYS A 63 6.06 1.95 9.19
CA LYS A 63 5.68 0.74 8.47
C LYS A 63 4.24 0.44 8.83
N VAL A 64 3.47 -0.16 7.93
CA VAL A 64 2.19 -0.74 8.26
C VAL A 64 1.92 -1.92 7.33
N THR A 65 0.93 -2.75 7.64
CA THR A 65 0.42 -3.74 6.70
C THR A 65 -1.08 -3.46 6.50
N LEU A 66 -1.61 -3.95 5.39
CA LEU A 66 -3.02 -3.94 5.05
C LEU A 66 -3.34 -5.32 4.51
N SER A 67 -4.59 -5.71 4.62
CA SER A 67 -5.05 -7.04 4.19
C SER A 67 -6.56 -6.96 4.12
N THR A 68 -7.16 -7.85 3.35
CA THR A 68 -8.59 -7.92 3.20
C THR A 68 -9.23 -8.60 4.40
N THR A 69 -10.53 -8.36 4.65
CA THR A 69 -11.24 -9.12 5.68
C THR A 69 -11.56 -10.55 5.21
N GLY A 70 -11.45 -10.84 3.91
CA GLY A 70 -11.83 -12.12 3.35
C GLY A 70 -11.31 -12.29 1.94
N LYS A 71 -11.82 -13.31 1.26
CA LYS A 71 -11.64 -13.50 -0.17
C LYS A 71 -12.03 -12.23 -0.88
N ALA A 72 -11.18 -11.75 -1.78
CA ALA A 72 -11.42 -10.63 -2.66
C ALA A 72 -10.97 -11.02 -4.06
N ILE A 73 -11.19 -10.13 -5.02
CA ILE A 73 -10.75 -10.32 -6.39
C ILE A 73 -9.91 -9.11 -6.83
N GLU A 74 -9.53 -8.17 -5.94
CA GLU A 74 -8.54 -7.15 -6.26
C GLU A 74 -7.68 -6.75 -5.07
N PHE A 75 -6.44 -6.32 -5.38
CA PHE A 75 -5.52 -5.61 -4.51
C PHE A 75 -4.62 -4.71 -5.38
N ALA A 76 -5.22 -3.69 -6.01
CA ALA A 76 -4.48 -2.69 -6.76
C ALA A 76 -3.95 -1.62 -5.81
N VAL A 77 -2.71 -1.18 -6.03
CA VAL A 77 -1.97 -0.22 -5.20
C VAL A 77 -1.23 0.73 -6.14
N SER A 78 -1.46 2.04 -6.00
CA SER A 78 -0.74 3.07 -6.73
C SER A 78 -0.53 4.26 -5.77
N GLY A 79 0.27 5.26 -6.15
CA GLY A 79 0.48 6.46 -5.36
C GLY A 79 1.81 7.08 -5.75
N GLY A 80 2.89 6.66 -5.09
CA GLY A 80 4.22 7.22 -5.30
C GLY A 80 4.58 8.16 -4.15
N VAL A 81 5.62 8.94 -4.37
CA VAL A 81 5.90 10.18 -3.66
C VAL A 81 6.03 11.27 -4.72
N VAL A 82 5.72 12.50 -4.36
CA VAL A 82 6.18 13.68 -5.06
C VAL A 82 6.90 14.55 -4.04
N ASP A 83 7.86 15.35 -4.51
CA ASP A 83 8.49 16.35 -3.71
C ASP A 83 7.54 17.54 -3.61
N GLY A 84 7.60 18.25 -2.49
CA GLY A 84 7.02 19.55 -2.28
C GLY A 84 8.00 20.42 -1.51
N GLU A 85 9.29 20.10 -1.52
CA GLU A 85 10.33 20.97 -0.99
C GLU A 85 11.34 21.33 -2.09
N ASP A 86 12.09 22.41 -1.86
CA ASP A 86 13.00 23.06 -2.80
C ASP A 86 13.83 24.04 -1.97
N GLY A 87 14.95 23.57 -1.41
CA GLY A 87 15.93 24.36 -0.69
C GLY A 87 16.43 23.71 0.60
N VAL A 88 15.63 22.86 1.25
CA VAL A 88 16.07 22.10 2.42
C VAL A 88 16.91 20.91 1.94
N VAL A 89 18.05 20.67 2.59
CA VAL A 89 18.98 19.62 2.23
C VAL A 89 18.80 18.52 3.26
N ASN A 90 17.78 17.69 3.06
CA ASN A 90 17.42 16.59 3.96
C ASN A 90 18.35 15.38 3.76
N GLU A 91 18.24 14.32 4.56
CA GLU A 91 18.73 13.01 4.14
C GLU A 91 17.71 12.36 3.21
N PRO A 92 18.14 11.40 2.36
CA PRO A 92 17.27 10.73 1.39
C PRO A 92 16.48 9.58 2.02
N MET A 93 15.68 8.87 1.21
CA MET A 93 14.74 7.87 1.70
C MET A 93 14.68 6.65 0.78
N GLN A 94 13.98 5.61 1.23
CA GLN A 94 13.55 4.48 0.43
C GLN A 94 12.19 3.99 0.91
N TRP A 95 11.56 3.17 0.07
CA TRP A 95 10.35 2.42 0.36
C TRP A 95 10.66 0.99 -0.02
N VAL A 96 10.27 0.03 0.82
CA VAL A 96 10.14 -1.37 0.45
C VAL A 96 8.65 -1.64 0.60
N VAL A 97 8.01 -2.22 -0.41
CA VAL A 97 6.68 -2.77 -0.23
C VAL A 97 6.87 -4.27 -0.43
N THR A 98 6.03 -5.08 0.20
CA THR A 98 6.06 -6.52 0.11
C THR A 98 4.60 -6.91 -0.05
N VAL A 99 4.28 -7.84 -0.95
CA VAL A 99 2.92 -8.32 -1.11
C VAL A 99 2.91 -9.80 -0.74
N TYR A 100 1.85 -10.26 -0.07
CA TYR A 100 1.59 -11.65 0.28
C TYR A 100 0.21 -12.01 -0.30
N LYS A 101 0.01 -13.26 -0.71
CA LYS A 101 -1.26 -13.75 -1.25
C LYS A 101 -1.86 -14.75 -0.25
N ASN A 102 -2.76 -15.60 -0.72
CA ASN A 102 -3.12 -16.86 -0.08
C ASN A 102 -1.87 -17.74 -0.02
N GLY A 103 -1.02 -17.50 0.97
CA GLY A 103 0.08 -18.39 1.29
C GLY A 103 1.24 -17.67 1.95
N LYS A 104 1.99 -16.92 1.15
CA LYS A 104 3.22 -16.24 1.53
C LYS A 104 3.45 -15.03 0.64
N GLU A 105 4.63 -14.41 0.76
CA GLU A 105 5.17 -13.38 -0.12
C GLU A 105 4.99 -13.80 -1.59
N ILE A 106 4.67 -12.84 -2.45
CA ILE A 106 4.48 -13.06 -3.88
C ILE A 106 5.01 -11.92 -4.75
N GLU A 107 5.37 -10.76 -4.18
CA GLU A 107 5.85 -9.62 -4.95
C GLU A 107 6.96 -8.95 -4.16
N LYS A 108 7.90 -8.35 -4.86
CA LYS A 108 9.04 -7.66 -4.27
C LYS A 108 9.39 -6.45 -5.13
N LYS A 109 8.86 -5.27 -4.79
CA LYS A 109 9.39 -4.00 -5.30
C LYS A 109 9.78 -3.04 -4.18
N SER A 110 10.76 -2.19 -4.45
CA SER A 110 11.29 -1.17 -3.57
C SER A 110 11.70 0.02 -4.44
N LEU A 111 11.75 1.22 -3.85
CA LEU A 111 11.97 2.47 -4.54
C LEU A 111 13.02 3.24 -3.75
N VAL A 112 13.22 4.45 -4.22
CA VAL A 112 14.16 5.43 -3.72
C VAL A 112 13.68 6.84 -4.04
N PHE A 113 13.99 7.78 -3.16
CA PHE A 113 13.88 9.22 -3.42
C PHE A 113 15.02 9.88 -2.64
N ARG A 114 15.46 11.07 -3.07
CA ARG A 114 16.55 11.80 -2.41
C ARG A 114 16.39 13.31 -2.46
N ASP A 115 15.19 13.78 -2.77
CA ASP A 115 14.79 15.16 -3.03
C ASP A 115 15.22 15.68 -4.39
N GLY A 116 14.63 16.79 -4.81
CA GLY A 116 15.03 17.51 -6.00
C GLY A 116 14.06 18.64 -6.31
N LYS A 117 12.86 18.31 -6.79
CA LYS A 117 11.78 19.22 -7.19
C LYS A 117 10.54 18.38 -7.39
N GLU A 118 9.38 19.03 -7.46
CA GLU A 118 8.10 18.37 -7.74
C GLU A 118 8.10 17.67 -9.12
N ILE A 119 7.34 16.59 -9.24
CA ILE A 119 7.29 15.63 -10.34
C ILE A 119 5.90 14.98 -10.41
N SER A 120 5.73 14.02 -11.33
CA SER A 120 4.70 13.01 -11.24
C SER A 120 5.30 11.73 -11.84
N THR A 121 5.42 10.66 -11.06
CA THR A 121 6.05 9.41 -11.47
C THR A 121 5.15 8.26 -11.02
N ASP A 122 4.78 7.41 -11.96
CA ASP A 122 4.08 6.14 -11.75
C ASP A 122 5.07 5.09 -11.20
N ASP A 123 5.84 5.44 -10.16
CA ASP A 123 6.73 4.53 -9.42
C ASP A 123 5.94 3.40 -8.73
N LEU A 124 4.66 3.66 -8.46
CA LEU A 124 3.75 2.75 -7.80
C LEU A 124 2.53 2.62 -8.69
N ASN A 125 2.35 1.45 -9.29
CA ASN A 125 1.10 1.05 -9.94
C ASN A 125 1.04 -0.48 -10.07
N LEU A 126 0.85 -1.15 -8.93
CA LEU A 126 0.58 -2.58 -8.85
C LEU A 126 -0.91 -2.83 -9.09
N TYR A 127 -1.19 -3.99 -9.65
CA TYR A 127 -2.50 -4.58 -9.85
C TYR A 127 -2.37 -6.06 -9.50
N TYR A 128 -3.23 -6.52 -8.59
CA TYR A 128 -3.48 -7.93 -8.35
C TYR A 128 -4.98 -8.14 -8.44
N ASN A 129 -5.35 -9.31 -8.96
CA ASN A 129 -6.67 -9.70 -9.36
C ASN A 129 -6.77 -11.22 -9.27
N GLY A 1 -28.70 -25.11 7.92
CA GLY A 1 -27.41 -24.87 7.29
C GLY A 1 -27.67 -24.90 5.81
N ASP A 2 -28.08 -23.75 5.30
CA ASP A 2 -28.99 -23.60 4.18
C ASP A 2 -28.47 -22.41 3.37
N ASP A 3 -27.16 -22.42 3.18
CA ASP A 3 -26.35 -21.22 3.13
C ASP A 3 -25.14 -21.44 2.22
N ASP A 4 -25.27 -20.93 0.99
CA ASP A 4 -24.40 -21.15 -0.17
C ASP A 4 -23.00 -20.55 0.01
N GLU A 5 -22.16 -20.62 -1.03
CA GLU A 5 -20.96 -19.82 -1.18
C GLU A 5 -20.65 -19.66 -2.68
N PRO A 6 -21.43 -18.83 -3.41
CA PRO A 6 -21.23 -18.61 -4.83
C PRO A 6 -19.95 -17.81 -5.05
N GLY A 7 -19.03 -18.33 -5.86
CA GLY A 7 -17.73 -17.72 -6.11
C GLY A 7 -16.81 -18.68 -6.86
N GLY A 8 -16.32 -18.28 -8.03
CA GLY A 8 -15.51 -19.12 -8.91
C GLY A 8 -14.08 -19.33 -8.41
N LYS A 9 -13.39 -18.25 -8.03
CA LYS A 9 -12.06 -18.24 -7.46
C LYS A 9 -11.75 -16.82 -6.99
N GLY A 10 -10.71 -16.69 -6.18
CA GLY A 10 -10.03 -15.45 -5.83
C GLY A 10 -8.64 -15.79 -5.29
N ALA A 11 -8.27 -15.17 -4.17
CA ALA A 11 -7.11 -15.52 -3.34
C ALA A 11 -7.31 -14.84 -1.97
N MET A 12 -6.32 -14.94 -1.06
CA MET A 12 -6.01 -13.84 -0.16
C MET A 12 -4.85 -13.05 -0.74
N TYR A 13 -4.68 -11.84 -0.23
CA TYR A 13 -3.55 -10.97 -0.49
C TYR A 13 -3.24 -10.14 0.76
N GLU A 14 -1.97 -9.72 0.89
CA GLU A 14 -1.39 -9.00 1.99
C GLU A 14 -0.23 -8.18 1.42
N VAL A 15 -0.11 -6.91 1.78
CA VAL A 15 0.99 -6.02 1.42
C VAL A 15 1.62 -5.41 2.67
N THR A 16 2.90 -5.05 2.59
CA THR A 16 3.61 -4.31 3.62
C THR A 16 4.14 -3.00 3.04
N ILE A 17 4.38 -2.03 3.91
CA ILE A 17 4.99 -0.75 3.57
C ILE A 17 5.90 -0.36 4.72
N GLU A 18 7.22 -0.38 4.53
CA GLU A 18 8.21 0.03 5.53
C GLU A 18 8.79 1.37 5.04
N GLN A 19 8.87 2.38 5.90
CA GLN A 19 9.19 3.75 5.53
C GLN A 19 10.51 4.18 6.18
N SER A 20 11.50 4.55 5.35
CA SER A 20 12.77 5.09 5.81
C SER A 20 13.16 6.32 5.01
N GLY A 21 14.23 6.98 5.44
CA GLY A 21 14.54 8.33 5.03
C GLY A 21 13.49 9.27 5.60
N ASP A 22 13.41 10.49 5.05
CA ASP A 22 12.79 11.62 5.74
C ASP A 22 11.27 11.65 5.47
N PHE A 23 10.58 10.57 5.84
CA PHE A 23 9.13 10.33 5.68
C PHE A 23 8.19 11.30 6.43
N ARG A 24 8.68 12.49 6.77
CA ARG A 24 7.99 13.51 7.52
C ARG A 24 7.79 14.75 6.64
N SER A 25 8.03 14.64 5.33
CA SER A 25 8.36 15.76 4.46
C SER A 25 7.76 15.66 3.06
N PHE A 26 7.02 14.58 2.75
CA PHE A 26 6.60 14.23 1.39
C PHE A 26 5.15 13.76 1.41
N ILE A 27 4.28 14.36 0.58
CA ILE A 27 2.87 13.99 0.45
C ILE A 27 2.73 12.53 -0.04
N LYS A 28 2.68 11.57 0.88
CA LYS A 28 2.48 10.16 0.56
C LYS A 28 1.00 9.94 0.18
N SER A 29 0.71 8.82 -0.45
CA SER A 29 -0.60 8.42 -0.93
C SER A 29 -0.63 6.91 -1.12
N VAL A 30 -1.70 6.21 -0.71
CA VAL A 30 -1.87 4.79 -0.99
C VAL A 30 -3.33 4.55 -1.38
N VAL A 31 -3.58 4.48 -2.68
CA VAL A 31 -4.81 3.92 -3.23
C VAL A 31 -4.74 2.42 -2.92
N VAL A 32 -5.76 1.82 -2.30
CA VAL A 32 -5.84 0.36 -2.13
C VAL A 32 -7.29 -0.09 -2.38
N VAL A 33 -7.48 -1.08 -3.26
CA VAL A 33 -8.77 -1.67 -3.60
C VAL A 33 -8.83 -3.10 -3.03
N ALA A 34 -10.03 -3.63 -2.76
CA ALA A 34 -10.25 -5.05 -2.52
C ALA A 34 -11.62 -5.46 -3.06
N ASN A 35 -11.62 -6.13 -4.21
CA ASN A 35 -12.77 -6.81 -4.79
C ASN A 35 -13.27 -7.89 -3.81
N GLY A 36 -14.35 -7.62 -3.07
CA GLY A 36 -15.16 -8.67 -2.47
C GLY A 36 -14.94 -8.98 -0.99
N THR A 37 -14.14 -8.21 -0.23
CA THR A 37 -14.16 -8.22 1.24
C THR A 37 -13.40 -6.97 1.75
N GLN A 38 -13.32 -6.77 3.07
CA GLN A 38 -12.74 -5.60 3.69
C GLN A 38 -11.28 -5.86 4.06
N LEU A 39 -10.53 -4.78 4.27
CA LEU A 39 -9.11 -4.81 4.61
C LEU A 39 -8.95 -4.84 6.12
N LYS A 40 -7.75 -5.09 6.60
CA LYS A 40 -7.41 -5.15 8.01
C LYS A 40 -6.10 -4.43 8.21
N ASP A 41 -6.11 -3.38 9.03
CA ASP A 41 -4.89 -2.63 9.35
C ASP A 41 -4.05 -3.44 10.35
N GLY A 42 -2.74 -3.27 10.25
CA GLY A 42 -1.79 -3.73 11.25
C GLY A 42 -1.99 -3.04 12.61
N ALA A 43 -2.56 -1.82 12.64
CA ALA A 43 -2.67 -0.93 13.81
C ALA A 43 -3.23 -1.68 15.01
N THR A 44 -4.45 -2.19 14.86
CA THR A 44 -5.12 -2.90 15.93
C THR A 44 -5.98 -4.06 15.41
N GLY A 45 -5.89 -4.40 14.12
CA GLY A 45 -6.87 -5.26 13.48
C GLY A 45 -8.11 -4.47 13.08
N GLU A 46 -7.96 -3.16 12.86
CA GLU A 46 -9.00 -2.28 12.36
C GLU A 46 -9.51 -2.83 11.04
N SER A 47 -10.79 -3.19 10.95
CA SER A 47 -11.40 -3.61 9.70
C SER A 47 -11.69 -2.35 8.88
N LEU A 48 -11.14 -2.25 7.67
CA LEU A 48 -11.15 -1.05 6.85
C LEU A 48 -12.01 -1.25 5.60
N ALA A 49 -12.85 -0.25 5.32
CA ALA A 49 -13.79 -0.19 4.22
C ALA A 49 -13.12 0.04 2.85
N SER A 50 -12.45 -0.98 2.30
CA SER A 50 -11.91 -0.95 0.95
C SER A 50 -13.03 -0.66 -0.08
N PRO A 51 -12.72 -0.04 -1.24
CA PRO A 51 -11.47 0.66 -1.53
C PRO A 51 -11.33 1.91 -0.67
N VAL A 52 -10.09 2.36 -0.45
CA VAL A 52 -9.81 3.59 0.28
C VAL A 52 -8.59 4.27 -0.34
N ILE A 53 -8.45 5.56 -0.04
CA ILE A 53 -7.26 6.34 -0.26
C ILE A 53 -6.69 6.59 1.12
N LEU A 54 -5.70 5.79 1.49
CA LEU A 54 -4.90 6.04 2.67
C LEU A 54 -4.04 7.25 2.35
N SER A 55 -4.40 8.40 2.90
CA SER A 55 -3.71 9.65 2.67
C SER A 55 -2.37 9.64 3.41
N ASP A 56 -1.59 10.69 3.20
CA ASP A 56 -0.31 10.95 3.86
C ASP A 56 -0.46 10.81 5.38
N GLU A 57 -1.60 11.26 5.90
CA GLU A 57 -1.94 11.33 7.30
C GLU A 57 -2.14 9.95 7.93
N GLU A 58 -2.64 9.00 7.14
CA GLU A 58 -2.88 7.63 7.57
C GLU A 58 -1.54 6.88 7.62
N LEU A 59 -0.61 7.26 6.74
CA LEU A 59 0.73 6.68 6.63
C LEU A 59 1.77 7.41 7.49
N ALA A 60 1.33 8.21 8.47
CA ALA A 60 2.16 8.94 9.43
C ALA A 60 2.76 8.02 10.51
N VAL A 61 3.30 6.89 10.08
CA VAL A 61 3.81 5.77 10.86
C VAL A 61 5.09 5.25 10.18
N GLU A 62 5.90 4.47 10.90
CA GLU A 62 7.14 3.93 10.36
C GLU A 62 6.93 2.75 9.40
N LYS A 63 5.82 2.03 9.55
CA LYS A 63 5.52 0.82 8.78
C LYS A 63 4.04 0.49 8.90
N VAL A 64 3.44 -0.08 7.85
CA VAL A 64 2.15 -0.74 7.98
C VAL A 64 2.20 -2.11 7.27
N THR A 65 1.27 -2.98 7.64
CA THR A 65 0.94 -4.29 7.08
C THR A 65 -0.57 -4.24 6.82
N LEU A 66 -1.02 -4.34 5.56
CA LEU A 66 -2.43 -4.30 5.19
C LEU A 66 -2.78 -5.60 4.51
N SER A 67 -3.88 -6.20 4.94
CA SER A 67 -4.25 -7.54 4.53
C SER A 67 -5.77 -7.73 4.38
N THR A 68 -6.15 -8.83 3.75
CA THR A 68 -7.53 -9.20 3.45
C THR A 68 -8.19 -9.83 4.68
N THR A 69 -9.47 -9.55 4.92
CA THR A 69 -10.20 -10.23 5.99
C THR A 69 -10.65 -11.62 5.54
N GLY A 70 -11.32 -11.72 4.38
CA GLY A 70 -12.12 -12.90 4.03
C GLY A 70 -11.44 -13.74 2.97
N LYS A 71 -11.61 -13.29 1.73
CA LYS A 71 -11.01 -13.69 0.47
C LYS A 71 -11.42 -12.58 -0.49
N ALA A 72 -10.49 -12.10 -1.32
CA ALA A 72 -10.77 -11.06 -2.30
C ALA A 72 -10.19 -11.45 -3.65
N ILE A 73 -10.60 -10.74 -4.71
CA ILE A 73 -10.39 -11.16 -6.09
C ILE A 73 -9.50 -10.17 -6.83
N GLU A 74 -9.06 -9.08 -6.18
CA GLU A 74 -8.04 -8.21 -6.70
C GLU A 74 -7.33 -7.55 -5.53
N PHE A 75 -6.09 -7.11 -5.73
CA PHE A 75 -5.39 -6.21 -4.83
C PHE A 75 -4.58 -5.26 -5.71
N ALA A 76 -4.98 -3.98 -5.76
CA ALA A 76 -4.30 -2.94 -6.51
C ALA A 76 -3.81 -1.91 -5.51
N VAL A 77 -2.51 -1.58 -5.56
CA VAL A 77 -1.82 -0.72 -4.62
C VAL A 77 -1.08 0.32 -5.46
N SER A 78 -1.44 1.58 -5.28
CA SER A 78 -1.01 2.68 -6.13
C SER A 78 -0.68 3.88 -5.26
N GLY A 79 0.13 4.81 -5.76
CA GLY A 79 0.51 6.00 -5.00
C GLY A 79 1.84 6.57 -5.46
N GLY A 80 2.38 7.49 -4.66
CA GLY A 80 3.63 8.18 -4.93
C GLY A 80 3.89 9.32 -3.95
N VAL A 81 5.02 10.00 -4.12
CA VAL A 81 5.39 11.24 -3.42
C VAL A 81 5.90 12.25 -4.46
N VAL A 82 6.45 13.35 -3.98
CA VAL A 82 7.23 14.36 -4.67
C VAL A 82 8.62 14.41 -4.02
N ASP A 83 9.61 15.08 -4.62
CA ASP A 83 10.98 15.31 -4.09
C ASP A 83 11.42 16.76 -4.36
N GLY A 84 10.45 17.63 -4.65
CA GLY A 84 10.62 18.86 -5.37
C GLY A 84 10.91 20.08 -4.50
N GLU A 85 11.24 19.87 -3.23
CA GLU A 85 11.32 20.90 -2.20
C GLU A 85 12.48 21.83 -2.51
N ASP A 86 12.21 23.13 -2.36
CA ASP A 86 13.08 24.24 -2.79
C ASP A 86 13.15 25.36 -1.75
N GLY A 87 12.35 25.24 -0.69
CA GLY A 87 12.22 26.19 0.40
C GLY A 87 12.89 25.72 1.69
N VAL A 88 13.41 24.49 1.72
CA VAL A 88 13.93 23.83 2.91
C VAL A 88 15.10 22.94 2.51
N VAL A 89 15.71 22.28 3.49
CA VAL A 89 16.70 21.25 3.32
C VAL A 89 16.17 20.00 4.03
N ASN A 90 15.55 19.11 3.26
CA ASN A 90 15.11 17.80 3.73
C ASN A 90 16.18 16.77 3.36
N GLU A 91 16.07 15.57 3.89
CA GLU A 91 16.68 14.36 3.36
C GLU A 91 15.66 13.68 2.44
N PRO A 92 16.08 12.79 1.53
CA PRO A 92 15.16 12.05 0.68
C PRO A 92 14.63 10.80 1.39
N MET A 93 13.78 10.02 0.71
CA MET A 93 13.14 8.83 1.29
C MET A 93 13.26 7.60 0.40
N GLN A 94 13.07 6.42 1.00
CA GLN A 94 13.09 5.14 0.31
C GLN A 94 12.03 4.24 0.91
N TRP A 95 11.39 3.44 0.07
CA TRP A 95 10.40 2.43 0.47
C TRP A 95 10.94 1.06 0.08
N VAL A 96 10.76 0.09 0.96
CA VAL A 96 10.67 -1.30 0.62
C VAL A 96 9.23 -1.72 0.92
N VAL A 97 8.67 -2.55 0.05
CA VAL A 97 7.32 -3.06 0.07
C VAL A 97 7.40 -4.51 -0.38
N THR A 98 6.38 -5.31 -0.08
CA THR A 98 6.28 -6.69 -0.54
C THR A 98 4.79 -7.04 -0.60
N VAL A 99 4.35 -7.81 -1.60
CA VAL A 99 3.02 -8.39 -1.67
C VAL A 99 3.15 -9.91 -1.52
N TYR A 100 2.24 -10.45 -0.71
CA TYR A 100 2.11 -11.84 -0.35
C TYR A 100 0.69 -12.25 -0.72
N LYS A 101 0.54 -13.15 -1.70
CA LYS A 101 -0.67 -13.93 -1.89
C LYS A 101 -0.79 -14.88 -0.70
N ASN A 102 -1.92 -15.58 -0.55
CA ASN A 102 -2.29 -16.48 0.56
C ASN A 102 -1.15 -17.42 1.01
N GLY A 103 -0.26 -16.92 1.85
CA GLY A 103 0.93 -17.59 2.31
C GLY A 103 1.92 -17.90 1.20
N LYS A 104 2.19 -16.99 0.26
CA LYS A 104 3.42 -16.94 -0.54
C LYS A 104 3.65 -15.50 -1.02
N GLU A 105 4.90 -15.08 -1.03
CA GLU A 105 5.39 -13.85 -1.63
C GLU A 105 5.26 -13.97 -3.15
N ILE A 106 4.94 -12.89 -3.89
CA ILE A 106 4.96 -12.91 -5.35
C ILE A 106 5.72 -11.73 -5.95
N GLU A 107 6.03 -10.69 -5.17
CA GLU A 107 6.53 -9.39 -5.64
C GLU A 107 7.56 -8.92 -4.61
N LYS A 108 8.43 -7.95 -4.96
CA LYS A 108 9.51 -7.49 -4.10
C LYS A 108 10.07 -6.13 -4.55
N LYS A 109 9.26 -5.18 -5.02
CA LYS A 109 9.74 -3.90 -5.52
C LYS A 109 10.19 -3.00 -4.35
N SER A 110 10.89 -1.92 -4.66
CA SER A 110 11.35 -0.87 -3.76
C SER A 110 11.45 0.41 -4.60
N LEU A 111 11.45 1.59 -3.97
CA LEU A 111 11.56 2.87 -4.65
C LEU A 111 12.61 3.72 -3.96
N VAL A 112 13.37 4.45 -4.76
CA VAL A 112 14.36 5.43 -4.34
C VAL A 112 14.19 6.65 -5.23
N PHE A 113 13.79 7.77 -4.62
CA PHE A 113 13.84 9.09 -5.20
C PHE A 113 14.94 9.82 -4.47
N ARG A 114 15.92 10.30 -5.23
CA ARG A 114 17.03 11.11 -4.75
C ARG A 114 17.38 12.01 -5.91
N ASP A 115 16.97 13.25 -5.81
CA ASP A 115 17.05 14.28 -6.85
C ASP A 115 16.36 13.76 -8.12
N GLY A 116 15.06 14.02 -8.21
CA GLY A 116 14.28 13.75 -9.39
C GLY A 116 13.84 15.07 -10.00
N LYS A 117 12.77 15.63 -9.46
CA LYS A 117 11.94 16.70 -9.99
C LYS A 117 10.74 16.91 -9.05
N GLU A 118 9.96 17.96 -9.30
CA GLU A 118 8.56 18.00 -8.92
C GLU A 118 7.81 17.05 -9.87
N ILE A 119 7.42 15.90 -9.32
CA ILE A 119 6.58 14.85 -9.88
C ILE A 119 5.62 14.44 -8.77
N SER A 120 4.54 13.73 -9.08
CA SER A 120 3.55 13.31 -8.07
C SER A 120 2.66 12.12 -8.47
N THR A 121 2.96 11.50 -9.60
CA THR A 121 2.14 10.44 -10.20
C THR A 121 2.94 9.61 -11.23
N ASP A 122 4.13 9.11 -10.84
CA ASP A 122 4.92 8.20 -11.69
C ASP A 122 5.64 7.13 -10.86
N ASP A 123 5.21 6.90 -9.61
CA ASP A 123 5.88 6.02 -8.65
C ASP A 123 5.28 4.61 -8.69
N LEU A 124 4.10 4.40 -8.09
CA LEU A 124 3.66 3.10 -7.58
C LEU A 124 2.38 2.69 -8.31
N ASN A 125 2.41 1.50 -8.93
CA ASN A 125 1.57 1.06 -10.03
C ASN A 125 1.31 -0.45 -10.00
N LEU A 126 1.24 -1.01 -8.81
CA LEU A 126 1.00 -2.45 -8.63
C LEU A 126 -0.49 -2.76 -8.77
N TYR A 127 -0.78 -3.96 -9.28
CA TYR A 127 -2.09 -4.57 -9.40
C TYR A 127 -1.94 -6.09 -9.54
N TYR A 128 -2.79 -6.82 -8.82
CA TYR A 128 -2.84 -8.26 -8.73
C TYR A 128 -4.30 -8.75 -8.66
N ASN A 129 -4.53 -10.01 -9.02
CA ASN A 129 -5.81 -10.70 -8.99
C ASN A 129 -5.57 -12.20 -8.82
N GLY A 1 -22.35 -18.50 9.36
CA GLY A 1 -23.36 -19.56 9.47
C GLY A 1 -24.67 -19.01 10.03
N ASP A 2 -25.78 -19.76 9.94
CA ASP A 2 -26.91 -19.37 9.11
C ASP A 2 -26.61 -19.66 7.65
N ASP A 3 -25.84 -18.85 6.94
CA ASP A 3 -25.82 -18.87 5.47
C ASP A 3 -24.41 -18.58 5.00
N ASP A 4 -23.69 -19.62 4.54
CA ASP A 4 -22.24 -19.57 4.33
C ASP A 4 -21.81 -20.68 3.36
N GLU A 5 -21.87 -20.43 2.04
CA GLU A 5 -21.44 -21.38 1.01
C GLU A 5 -21.03 -20.61 -0.26
N PRO A 6 -19.78 -20.14 -0.37
CA PRO A 6 -19.28 -19.53 -1.59
C PRO A 6 -18.74 -20.56 -2.58
N GLY A 7 -19.00 -20.36 -3.88
CA GLY A 7 -18.60 -21.29 -4.93
C GLY A 7 -17.76 -20.60 -6.00
N GLY A 8 -16.48 -20.36 -5.73
CA GLY A 8 -15.57 -19.69 -6.66
C GLY A 8 -14.15 -20.21 -6.53
N LYS A 9 -13.20 -19.48 -7.10
CA LYS A 9 -11.78 -19.58 -6.85
C LYS A 9 -11.19 -18.16 -6.93
N GLY A 10 -9.98 -18.00 -6.45
CA GLY A 10 -9.22 -16.77 -6.31
C GLY A 10 -8.17 -16.99 -5.22
N ALA A 11 -7.76 -15.92 -4.52
CA ALA A 11 -6.53 -15.91 -3.72
C ALA A 11 -6.74 -15.34 -2.31
N MET A 12 -5.65 -15.14 -1.57
CA MET A 12 -5.52 -14.08 -0.58
C MET A 12 -4.44 -13.14 -1.08
N TYR A 13 -4.49 -11.92 -0.56
CA TYR A 13 -3.50 -10.88 -0.80
C TYR A 13 -3.31 -10.06 0.46
N GLU A 14 -2.07 -9.65 0.71
CA GLU A 14 -1.62 -8.75 1.74
C GLU A 14 -0.51 -7.93 1.09
N VAL A 15 -0.42 -6.65 1.44
CA VAL A 15 0.68 -5.77 1.08
C VAL A 15 1.31 -5.21 2.34
N THR A 16 2.57 -4.83 2.23
CA THR A 16 3.33 -4.16 3.26
C THR A 16 4.03 -2.99 2.58
N ILE A 17 4.28 -1.93 3.33
CA ILE A 17 4.98 -0.74 2.90
C ILE A 17 5.99 -0.42 3.97
N GLU A 18 7.27 -0.53 3.65
CA GLU A 18 8.40 -0.21 4.50
C GLU A 18 8.96 1.13 4.03
N GLN A 19 9.32 2.02 4.95
CA GLN A 19 9.83 3.35 4.67
C GLN A 19 11.14 3.57 5.42
N SER A 20 12.22 3.87 4.72
CA SER A 20 13.51 4.26 5.29
C SER A 20 13.73 5.75 5.04
N GLY A 21 14.69 6.37 5.73
CA GLY A 21 15.05 7.77 5.52
C GLY A 21 13.91 8.70 5.93
N ASP A 22 13.84 9.90 5.35
CA ASP A 22 12.92 10.94 5.81
C ASP A 22 11.47 10.68 5.38
N PHE A 23 10.81 9.75 6.06
CA PHE A 23 9.50 9.28 5.65
C PHE A 23 8.35 10.18 6.09
N ARG A 24 8.58 11.43 6.48
CA ARG A 24 7.55 12.28 7.11
C ARG A 24 7.55 13.72 6.58
N SER A 25 7.96 13.94 5.34
CA SER A 25 8.17 15.27 4.79
C SER A 25 7.44 15.51 3.45
N PHE A 26 6.46 14.68 3.08
CA PHE A 26 5.95 14.63 1.71
C PHE A 26 4.42 14.62 1.66
N ILE A 27 3.86 14.35 0.48
CA ILE A 27 2.48 13.95 0.28
C ILE A 27 2.51 12.52 -0.26
N LYS A 28 2.54 11.49 0.60
CA LYS A 28 2.31 10.12 0.12
C LYS A 28 0.82 9.81 0.05
N SER A 29 0.49 8.78 -0.72
CA SER A 29 -0.84 8.19 -0.77
C SER A 29 -0.70 6.70 -1.08
N VAL A 30 -1.69 5.90 -0.70
CA VAL A 30 -1.83 4.49 -1.08
C VAL A 30 -3.31 4.26 -1.43
N VAL A 31 -3.62 4.16 -2.71
CA VAL A 31 -4.88 3.60 -3.21
C VAL A 31 -4.83 2.09 -2.92
N VAL A 32 -5.92 1.51 -2.42
CA VAL A 32 -6.06 0.08 -2.19
C VAL A 32 -7.47 -0.32 -2.64
N VAL A 33 -7.62 -1.45 -3.31
CA VAL A 33 -8.91 -1.98 -3.73
C VAL A 33 -8.95 -3.48 -3.43
N ALA A 34 -10.14 -4.04 -3.15
CA ALA A 34 -10.42 -5.47 -3.05
C ALA A 34 -11.68 -5.82 -3.86
N ASN A 35 -11.66 -6.97 -4.52
CA ASN A 35 -12.66 -7.57 -5.38
C ASN A 35 -13.07 -8.88 -4.73
N GLY A 36 -14.23 -8.90 -4.10
CA GLY A 36 -14.86 -10.08 -3.55
C GLY A 36 -14.85 -10.10 -2.02
N THR A 37 -14.30 -9.07 -1.37
CA THR A 37 -14.11 -9.02 0.07
C THR A 37 -13.80 -7.57 0.48
N GLN A 38 -13.48 -7.35 1.76
CA GLN A 38 -13.12 -6.06 2.33
C GLN A 38 -11.63 -6.05 2.69
N LEU A 39 -11.19 -4.95 3.31
CA LEU A 39 -9.80 -4.70 3.69
C LEU A 39 -9.71 -4.53 5.20
N LYS A 40 -8.49 -4.59 5.72
CA LYS A 40 -8.21 -4.67 7.15
C LYS A 40 -7.04 -3.76 7.51
N ASP A 41 -7.24 -2.82 8.42
CA ASP A 41 -6.21 -1.87 8.86
C ASP A 41 -5.16 -2.60 9.69
N GLY A 42 -3.87 -2.34 9.46
CA GLY A 42 -2.77 -3.04 10.13
C GLY A 42 -2.34 -2.44 11.47
N ALA A 43 -2.95 -1.36 11.94
CA ALA A 43 -2.68 -0.79 13.25
C ALA A 43 -3.31 -1.70 14.30
N THR A 44 -4.60 -2.02 14.14
CA THR A 44 -5.44 -2.63 15.16
C THR A 44 -6.14 -3.88 14.62
N GLY A 45 -6.29 -4.00 13.30
CA GLY A 45 -7.06 -5.05 12.67
C GLY A 45 -8.49 -4.60 12.37
N GLU A 46 -8.78 -3.29 12.31
CA GLU A 46 -10.11 -2.77 12.01
C GLU A 46 -10.57 -3.31 10.66
N SER A 47 -11.82 -3.72 10.62
CA SER A 47 -12.54 -4.01 9.40
C SER A 47 -12.83 -2.69 8.67
N LEU A 48 -12.68 -2.70 7.35
CA LEU A 48 -12.85 -1.55 6.48
C LEU A 48 -13.83 -1.92 5.35
N ALA A 49 -13.97 -1.05 4.37
CA ALA A 49 -14.72 -1.23 3.14
C ALA A 49 -13.92 -0.54 2.03
N SER A 50 -13.47 -1.28 1.03
CA SER A 50 -12.75 -0.71 -0.11
C SER A 50 -13.76 -0.16 -1.14
N PRO A 51 -13.31 0.55 -2.19
CA PRO A 51 -11.93 0.98 -2.41
C PRO A 51 -11.59 2.07 -1.39
N VAL A 52 -10.30 2.28 -1.11
CA VAL A 52 -9.87 3.16 -0.03
C VAL A 52 -8.59 3.87 -0.45
N ILE A 53 -8.42 5.09 0.03
CA ILE A 53 -7.23 5.90 -0.17
C ILE A 53 -6.69 6.19 1.22
N LEU A 54 -5.51 5.67 1.56
CA LEU A 54 -4.78 6.06 2.76
C LEU A 54 -3.90 7.24 2.35
N SER A 55 -3.99 8.33 3.10
CA SER A 55 -3.34 9.60 2.84
C SER A 55 -2.01 9.71 3.63
N ASP A 56 -1.35 10.86 3.56
CA ASP A 56 0.01 11.05 4.07
C ASP A 56 0.08 10.83 5.57
N GLU A 57 -0.95 11.26 6.28
CA GLU A 57 -1.04 11.16 7.74
C GLU A 57 -1.13 9.70 8.19
N GLU A 58 -1.83 8.88 7.42
CA GLU A 58 -2.03 7.47 7.72
C GLU A 58 -0.69 6.72 7.62
N LEU A 59 0.13 7.14 6.65
CA LEU A 59 1.39 6.55 6.26
C LEU A 59 2.60 7.19 6.96
N ALA A 60 2.41 8.04 7.97
CA ALA A 60 3.48 8.79 8.63
C ALA A 60 4.40 7.93 9.54
N VAL A 61 4.62 6.67 9.21
CA VAL A 61 5.27 5.67 10.06
C VAL A 61 6.36 4.91 9.30
N GLU A 62 7.20 4.18 10.03
CA GLU A 62 8.24 3.31 9.51
C GLU A 62 7.70 2.19 8.60
N LYS A 63 6.50 1.65 8.86
CA LYS A 63 5.94 0.56 8.08
C LYS A 63 4.42 0.54 8.24
N VAL A 64 3.67 0.13 7.21
CA VAL A 64 2.27 -0.27 7.37
C VAL A 64 2.06 -1.63 6.69
N THR A 65 0.97 -2.32 7.02
CA THR A 65 0.60 -3.68 6.64
C THR A 65 -0.92 -3.69 6.33
N LEU A 66 -1.35 -3.83 5.07
CA LEU A 66 -2.78 -3.82 4.74
C LEU A 66 -3.16 -5.12 4.04
N SER A 67 -4.25 -5.75 4.48
CA SER A 67 -4.60 -7.11 4.10
C SER A 67 -6.09 -7.23 3.75
N THR A 68 -6.54 -8.41 3.30
CA THR A 68 -7.93 -8.64 2.92
C THR A 68 -8.64 -9.41 4.03
N THR A 69 -9.95 -9.20 4.22
CA THR A 69 -10.72 -9.93 5.21
C THR A 69 -11.22 -11.29 4.69
N GLY A 70 -10.92 -11.64 3.44
CA GLY A 70 -11.49 -12.80 2.78
C GLY A 70 -10.79 -13.01 1.46
N LYS A 71 -11.30 -13.94 0.67
CA LYS A 71 -10.75 -14.26 -0.64
C LYS A 71 -11.04 -13.12 -1.60
N ALA A 72 -10.03 -12.62 -2.31
CA ALA A 72 -10.20 -11.57 -3.30
C ALA A 72 -9.59 -12.00 -4.64
N ILE A 73 -9.86 -11.22 -5.69
CA ILE A 73 -9.44 -11.56 -7.06
C ILE A 73 -8.50 -10.50 -7.67
N GLU A 74 -8.21 -9.40 -6.98
CA GLU A 74 -7.36 -8.33 -7.50
C GLU A 74 -6.45 -7.76 -6.39
N PHE A 75 -5.50 -6.88 -6.69
CA PHE A 75 -4.81 -6.10 -5.66
C PHE A 75 -4.05 -4.92 -6.28
N ALA A 76 -4.72 -3.77 -6.39
CA ALA A 76 -4.11 -2.55 -6.89
C ALA A 76 -3.38 -1.83 -5.77
N VAL A 77 -2.31 -1.10 -6.14
CA VAL A 77 -1.65 -0.09 -5.35
C VAL A 77 -1.29 1.05 -6.31
N SER A 78 -1.73 2.26 -6.03
CA SER A 78 -1.36 3.45 -6.81
C SER A 78 -1.15 4.61 -5.85
N GLY A 79 -0.38 5.63 -6.26
CA GLY A 79 0.11 6.67 -5.37
C GLY A 79 1.56 7.00 -5.74
N GLY A 80 2.33 7.49 -4.77
CA GLY A 80 3.70 7.95 -4.94
C GLY A 80 4.00 9.01 -3.89
N VAL A 81 5.13 9.69 -4.04
CA VAL A 81 5.45 10.92 -3.34
C VAL A 81 5.81 12.01 -4.35
N VAL A 82 6.14 13.21 -3.86
CA VAL A 82 6.73 14.36 -4.53
C VAL A 82 7.84 14.87 -3.63
N ASP A 83 8.66 15.79 -4.13
CA ASP A 83 9.61 16.57 -3.37
C ASP A 83 9.78 17.81 -4.22
N GLY A 84 9.13 18.89 -3.82
CA GLY A 84 9.09 20.12 -4.58
C GLY A 84 9.14 21.29 -3.64
N GLU A 85 10.09 21.25 -2.70
CA GLU A 85 10.20 22.24 -1.65
C GLU A 85 11.54 22.98 -1.71
N ASP A 86 11.45 24.30 -1.60
CA ASP A 86 12.54 25.24 -1.80
C ASP A 86 12.71 25.93 -0.45
N GLY A 87 13.55 25.33 0.40
CA GLY A 87 13.89 25.83 1.72
C GLY A 87 13.86 24.74 2.79
N VAL A 88 12.97 23.76 2.67
CA VAL A 88 12.82 22.66 3.63
C VAL A 88 13.80 21.55 3.23
N VAL A 89 15.11 21.81 3.33
CA VAL A 89 16.11 20.80 3.03
C VAL A 89 15.94 19.67 4.05
N ASN A 90 15.59 18.48 3.56
CA ASN A 90 15.35 17.26 4.34
C ASN A 90 16.28 16.16 3.83
N GLU A 91 16.36 15.05 4.55
CA GLU A 91 17.09 13.89 4.08
C GLU A 91 16.30 13.13 3.01
N PRO A 92 16.97 12.33 2.15
CA PRO A 92 16.25 11.46 1.24
C PRO A 92 15.59 10.27 1.97
N MET A 93 14.73 9.53 1.27
CA MET A 93 13.94 8.43 1.82
C MET A 93 13.89 7.27 0.83
N GLN A 94 13.34 6.14 1.25
CA GLN A 94 13.25 4.92 0.44
C GLN A 94 11.94 4.22 0.73
N TRP A 95 11.45 3.45 -0.25
CA TRP A 95 10.25 2.62 -0.17
C TRP A 95 10.59 1.20 -0.59
N VAL A 96 10.02 0.25 0.10
CA VAL A 96 9.94 -1.15 -0.29
C VAL A 96 8.49 -1.51 -0.06
N VAL A 97 7.72 -1.74 -1.12
CA VAL A 97 6.45 -2.43 -0.98
C VAL A 97 6.71 -3.90 -1.20
N THR A 98 6.01 -4.74 -0.46
CA THR A 98 6.09 -6.18 -0.55
C THR A 98 4.65 -6.68 -0.66
N VAL A 99 4.41 -7.71 -1.47
CA VAL A 99 3.10 -8.29 -1.69
C VAL A 99 3.23 -9.75 -1.30
N TYR A 100 2.36 -10.22 -0.41
CA TYR A 100 2.27 -11.61 0.00
C TYR A 100 0.93 -12.13 -0.49
N LYS A 101 0.95 -13.15 -1.35
CA LYS A 101 -0.26 -13.79 -1.82
C LYS A 101 -0.76 -14.77 -0.75
N ASN A 102 -1.55 -15.77 -1.14
CA ASN A 102 -1.81 -16.94 -0.34
C ASN A 102 -0.50 -17.73 -0.20
N GLY A 103 0.34 -17.35 0.75
CA GLY A 103 1.35 -18.21 1.35
C GLY A 103 2.70 -17.57 1.60
N LYS A 104 3.23 -16.78 0.67
CA LYS A 104 4.51 -16.10 0.82
C LYS A 104 4.55 -14.82 0.00
N GLU A 105 5.73 -14.18 -0.01
CA GLU A 105 6.05 -13.05 -0.87
C GLU A 105 5.81 -13.48 -2.32
N ILE A 106 5.33 -12.56 -3.15
CA ILE A 106 5.26 -12.71 -4.60
C ILE A 106 5.88 -11.52 -5.34
N GLU A 107 5.95 -10.32 -4.76
CA GLU A 107 6.51 -9.13 -5.39
C GLU A 107 7.07 -8.22 -4.31
N LYS A 108 8.12 -7.46 -4.63
CA LYS A 108 8.93 -6.70 -3.68
C LYS A 108 9.45 -5.46 -4.40
N LYS A 109 8.54 -4.66 -4.97
CA LYS A 109 8.87 -3.45 -5.70
C LYS A 109 9.55 -2.49 -4.75
N SER A 110 10.83 -2.22 -4.98
CA SER A 110 11.72 -1.51 -4.07
C SER A 110 12.36 -0.36 -4.83
N LEU A 111 12.41 0.84 -4.25
CA LEU A 111 12.79 2.06 -4.91
C LEU A 111 13.80 2.83 -4.05
N VAL A 112 14.10 4.05 -4.51
CA VAL A 112 15.03 5.00 -3.93
C VAL A 112 14.49 6.39 -4.24
N PHE A 113 14.03 7.12 -3.23
CA PHE A 113 13.70 8.53 -3.36
C PHE A 113 14.99 9.33 -3.26
N ARG A 114 14.95 10.63 -3.56
CA ARG A 114 16.10 11.50 -3.39
C ARG A 114 15.60 12.89 -3.06
N ASP A 115 16.53 13.74 -2.67
CA ASP A 115 16.35 15.13 -2.34
C ASP A 115 16.12 15.97 -3.60
N GLY A 116 15.04 16.76 -3.58
CA GLY A 116 14.74 17.77 -4.58
C GLY A 116 14.28 17.18 -5.90
N LYS A 117 13.26 16.32 -5.90
CA LYS A 117 12.78 15.73 -7.16
C LYS A 117 11.27 15.70 -7.23
N GLU A 118 10.72 16.63 -8.01
CA GLU A 118 9.29 16.71 -8.23
C GLU A 118 8.92 15.71 -9.32
N ILE A 119 8.44 14.57 -8.84
CA ILE A 119 7.88 13.47 -9.61
C ILE A 119 6.51 13.18 -8.99
N SER A 120 5.66 12.44 -9.69
CA SER A 120 4.44 11.85 -9.15
C SER A 120 3.94 10.67 -10.00
N THR A 121 4.75 10.23 -10.94
CA THR A 121 4.37 9.36 -12.05
C THR A 121 5.34 8.21 -12.22
N ASP A 122 6.08 7.90 -11.15
CA ASP A 122 7.28 7.09 -11.23
C ASP A 122 7.51 6.29 -9.94
N ASP A 123 6.44 5.99 -9.20
CA ASP A 123 6.53 5.29 -7.91
C ASP A 123 5.58 4.09 -7.87
N LEU A 124 4.30 4.32 -7.56
CA LEU A 124 3.41 3.30 -7.01
C LEU A 124 2.48 2.88 -8.12
N ASN A 125 2.75 1.70 -8.67
CA ASN A 125 2.19 1.21 -9.91
C ASN A 125 2.12 -0.32 -9.84
N LEU A 126 1.27 -0.83 -8.94
CA LEU A 126 1.07 -2.27 -8.72
C LEU A 126 -0.39 -2.58 -9.02
N TYR A 127 -0.67 -3.72 -9.64
CA TYR A 127 -2.02 -4.14 -9.97
C TYR A 127 -2.02 -5.64 -10.22
N TYR A 128 -2.66 -6.41 -9.34
CA TYR A 128 -2.94 -7.82 -9.52
C TYR A 128 -4.36 -7.99 -10.01
N ASN A 129 -4.58 -9.02 -10.85
CA ASN A 129 -5.86 -9.51 -11.33
C ASN A 129 -5.71 -10.93 -11.81
N GLY A 1 -28.67 -33.33 6.70
CA GLY A 1 -28.41 -32.92 5.32
C GLY A 1 -26.99 -32.41 5.30
N ASP A 2 -26.85 -31.08 5.32
CA ASP A 2 -25.79 -30.40 6.06
C ASP A 2 -24.46 -30.60 5.34
N ASP A 3 -24.45 -30.14 4.07
CA ASP A 3 -23.68 -30.70 2.97
C ASP A 3 -23.41 -29.55 1.99
N ASP A 4 -22.44 -28.67 2.30
CA ASP A 4 -22.27 -27.37 1.65
C ASP A 4 -20.86 -26.81 1.85
N GLU A 5 -20.17 -26.44 0.77
CA GLU A 5 -19.04 -25.51 0.74
C GLU A 5 -18.94 -24.88 -0.67
N PRO A 6 -19.67 -23.79 -0.96
CA PRO A 6 -19.65 -23.15 -2.26
C PRO A 6 -18.37 -22.33 -2.46
N GLY A 7 -17.99 -22.09 -3.71
CA GLY A 7 -16.71 -21.50 -4.06
C GLY A 7 -16.82 -20.03 -4.47
N GLY A 8 -16.09 -19.68 -5.52
CA GLY A 8 -15.84 -18.33 -6.01
C GLY A 8 -14.81 -17.57 -5.19
N LYS A 9 -14.06 -18.27 -4.35
CA LYS A 9 -12.99 -17.67 -3.57
C LYS A 9 -11.75 -17.64 -4.45
N GLY A 10 -11.42 -16.45 -4.95
CA GLY A 10 -10.26 -16.20 -5.79
C GLY A 10 -9.00 -16.28 -4.93
N ALA A 11 -8.63 -15.17 -4.29
CA ALA A 11 -7.39 -15.13 -3.52
C ALA A 11 -7.48 -14.21 -2.30
N MET A 12 -6.69 -14.53 -1.28
CA MET A 12 -6.27 -13.61 -0.25
C MET A 12 -5.08 -12.81 -0.75
N TYR A 13 -4.89 -11.61 -0.21
CA TYR A 13 -3.69 -10.80 -0.36
C TYR A 13 -3.33 -10.18 0.99
N GLU A 14 -2.05 -9.91 1.16
CA GLU A 14 -1.48 -9.06 2.21
C GLU A 14 -0.34 -8.29 1.52
N VAL A 15 -0.24 -6.99 1.73
CA VAL A 15 0.69 -6.10 1.07
C VAL A 15 1.32 -5.21 2.13
N THR A 16 2.57 -4.88 1.91
CA THR A 16 3.35 -4.11 2.85
C THR A 16 3.86 -2.86 2.16
N ILE A 17 4.09 -1.82 2.95
CA ILE A 17 4.77 -0.61 2.56
C ILE A 17 5.73 -0.26 3.68
N GLU A 18 6.97 -0.72 3.58
CA GLU A 18 8.07 -0.23 4.40
C GLU A 18 8.42 1.17 3.90
N GLN A 19 8.71 2.08 4.82
CA GLN A 19 9.18 3.43 4.54
C GLN A 19 10.50 3.56 5.32
N SER A 20 11.59 3.94 4.65
CA SER A 20 12.91 4.11 5.26
C SER A 20 13.59 5.38 4.77
N GLY A 21 14.78 5.69 5.31
CA GLY A 21 15.53 6.90 5.02
C GLY A 21 15.05 8.00 5.94
N ASP A 22 13.96 8.68 5.57
CA ASP A 22 13.25 9.67 6.36
C ASP A 22 11.79 9.59 5.92
N PHE A 23 10.81 10.04 6.70
CA PHE A 23 9.46 10.28 6.19
C PHE A 23 8.85 11.46 6.92
N ARG A 24 9.31 12.68 6.67
CA ARG A 24 8.72 13.86 7.29
C ARG A 24 8.45 14.99 6.29
N SER A 25 8.77 14.83 5.00
CA SER A 25 8.60 15.87 4.00
C SER A 25 8.40 15.26 2.61
N PHE A 26 7.43 14.34 2.45
CA PHE A 26 7.18 13.67 1.17
C PHE A 26 5.69 13.36 1.03
N ILE A 27 4.99 13.92 0.06
CA ILE A 27 3.55 13.73 -0.18
C ILE A 27 3.28 12.22 -0.31
N LYS A 28 2.82 11.58 0.75
CA LYS A 28 2.33 10.22 0.73
C LYS A 28 0.89 10.23 0.27
N SER A 29 0.56 9.31 -0.61
CA SER A 29 -0.77 9.01 -1.11
C SER A 29 -0.80 7.52 -1.25
N VAL A 30 -1.95 6.92 -0.97
CA VAL A 30 -2.21 5.53 -1.29
C VAL A 30 -3.61 5.46 -1.91
N VAL A 31 -3.85 4.43 -2.71
CA VAL A 31 -5.16 3.88 -3.03
C VAL A 31 -5.09 2.43 -2.52
N VAL A 32 -6.20 1.89 -2.05
CA VAL A 32 -6.29 0.47 -1.71
C VAL A 32 -7.73 0.02 -1.97
N VAL A 33 -7.88 -1.09 -2.68
CA VAL A 33 -9.17 -1.66 -3.05
C VAL A 33 -9.21 -3.14 -2.64
N ALA A 34 -10.40 -3.76 -2.59
CA ALA A 34 -10.55 -5.20 -2.52
C ALA A 34 -11.82 -5.57 -3.27
N ASN A 35 -11.70 -6.18 -4.47
CA ASN A 35 -12.86 -6.73 -5.19
C ASN A 35 -13.48 -7.89 -4.41
N GLY A 36 -14.42 -7.57 -3.55
CA GLY A 36 -15.28 -8.50 -2.86
C GLY A 36 -15.31 -8.12 -1.39
N THR A 37 -14.27 -8.52 -0.66
CA THR A 37 -14.17 -8.37 0.78
C THR A 37 -13.71 -6.94 1.15
N GLN A 38 -13.28 -6.76 2.40
CA GLN A 38 -12.76 -5.52 2.94
C GLN A 38 -11.27 -5.63 3.21
N LEU A 39 -10.65 -4.46 3.35
CA LEU A 39 -9.30 -4.27 3.85
C LEU A 39 -9.31 -4.24 5.37
N LYS A 40 -8.15 -4.56 5.92
CA LYS A 40 -7.84 -4.58 7.33
C LYS A 40 -6.56 -3.78 7.52
N ASP A 41 -6.69 -2.66 8.22
CA ASP A 41 -5.67 -1.68 8.49
C ASP A 41 -4.69 -2.24 9.51
N GLY A 42 -3.41 -2.38 9.18
CA GLY A 42 -2.35 -2.85 10.08
C GLY A 42 -1.98 -1.84 11.17
N ALA A 43 -2.57 -0.65 11.15
CA ALA A 43 -2.49 0.34 12.22
C ALA A 43 -2.99 -0.26 13.52
N THR A 44 -4.19 -0.84 13.47
CA THR A 44 -5.04 -1.14 14.63
C THR A 44 -5.97 -2.35 14.38
N GLY A 45 -5.79 -3.08 13.27
CA GLY A 45 -6.65 -4.18 12.87
C GLY A 45 -8.00 -3.71 12.33
N GLU A 46 -8.13 -2.41 12.02
CA GLU A 46 -9.39 -1.77 11.67
C GLU A 46 -9.94 -2.31 10.36
N SER A 47 -11.17 -2.81 10.37
CA SER A 47 -11.89 -3.16 9.15
C SER A 47 -12.35 -1.87 8.47
N LEU A 48 -12.03 -1.69 7.18
CA LEU A 48 -12.38 -0.51 6.41
C LEU A 48 -13.25 -0.90 5.22
N ALA A 49 -13.74 0.04 4.42
CA ALA A 49 -14.69 -0.18 3.33
C ALA A 49 -14.15 0.43 2.04
N SER A 50 -13.77 -0.41 1.09
CA SER A 50 -13.09 -0.05 -0.13
C SER A 50 -14.05 0.57 -1.17
N PRO A 51 -13.55 1.15 -2.28
CA PRO A 51 -12.18 1.62 -2.47
C PRO A 51 -11.93 2.83 -1.56
N VAL A 52 -10.70 3.00 -1.04
CA VAL A 52 -10.38 4.10 -0.14
C VAL A 52 -9.03 4.72 -0.50
N ILE A 53 -8.90 6.03 -0.28
CA ILE A 53 -7.70 6.84 -0.45
C ILE A 53 -7.31 7.33 0.93
N LEU A 54 -6.05 7.10 1.32
CA LEU A 54 -5.46 7.65 2.54
C LEU A 54 -4.55 8.81 2.18
N SER A 55 -4.62 9.84 3.03
CA SER A 55 -3.84 11.06 2.92
C SER A 55 -2.43 10.84 3.48
N ASP A 56 -1.62 11.87 3.28
CA ASP A 56 -0.24 12.02 3.72
C ASP A 56 -0.12 12.03 5.24
N GLU A 57 -1.18 12.42 5.94
CA GLU A 57 -1.24 12.34 7.38
C GLU A 57 -1.39 10.89 7.85
N GLU A 58 -2.15 10.06 7.13
CA GLU A 58 -2.46 8.71 7.58
C GLU A 58 -1.22 7.83 7.41
N LEU A 59 -0.54 7.97 6.26
CA LEU A 59 0.65 7.19 5.90
C LEU A 59 1.93 7.62 6.64
N ALA A 60 1.85 8.50 7.63
CA ALA A 60 2.95 9.12 8.37
C ALA A 60 3.64 8.14 9.35
N VAL A 61 3.86 6.90 8.95
CA VAL A 61 4.35 5.81 9.79
C VAL A 61 5.49 5.05 9.11
N GLU A 62 6.28 4.33 9.90
CA GLU A 62 7.48 3.60 9.46
C GLU A 62 7.17 2.42 8.54
N LYS A 63 5.99 1.83 8.66
CA LYS A 63 5.59 0.60 7.99
C LYS A 63 4.07 0.61 7.98
N VAL A 64 3.43 0.24 6.87
CA VAL A 64 2.05 -0.20 6.96
C VAL A 64 2.00 -1.60 6.36
N THR A 65 1.07 -2.40 6.85
CA THR A 65 0.75 -3.72 6.33
C THR A 65 -0.77 -3.77 6.22
N LEU A 66 -1.27 -4.27 5.11
CA LEU A 66 -2.67 -4.24 4.74
C LEU A 66 -3.03 -5.62 4.24
N SER A 67 -4.26 -6.05 4.44
CA SER A 67 -4.68 -7.41 4.13
C SER A 67 -6.18 -7.46 3.95
N THR A 68 -6.66 -8.56 3.38
CA THR A 68 -8.07 -8.80 3.07
C THR A 68 -8.73 -9.54 4.24
N THR A 69 -9.98 -9.21 4.56
CA THR A 69 -10.74 -9.92 5.58
C THR A 69 -11.35 -11.23 5.05
N GLY A 70 -11.16 -11.58 3.77
CA GLY A 70 -11.78 -12.73 3.14
C GLY A 70 -11.04 -13.19 1.90
N LYS A 71 -11.54 -12.80 0.72
CA LYS A 71 -10.88 -12.87 -0.57
C LYS A 71 -11.09 -11.55 -1.29
N ALA A 72 -10.17 -11.19 -2.16
CA ALA A 72 -10.44 -10.23 -3.21
C ALA A 72 -10.11 -10.89 -4.55
N ILE A 73 -10.28 -10.13 -5.62
CA ILE A 73 -9.88 -10.55 -6.97
C ILE A 73 -8.69 -9.68 -7.44
N GLU A 74 -8.45 -8.58 -6.74
CA GLU A 74 -7.64 -7.46 -7.17
C GLU A 74 -7.00 -6.86 -5.91
N PHE A 75 -5.95 -6.04 -6.10
CA PHE A 75 -5.30 -5.17 -5.14
C PHE A 75 -4.66 -4.04 -5.95
N ALA A 76 -5.35 -2.91 -6.07
CA ALA A 76 -4.85 -1.74 -6.78
C ALA A 76 -4.11 -0.81 -5.82
N VAL A 77 -2.80 -0.63 -6.02
CA VAL A 77 -1.92 0.15 -5.14
C VAL A 77 -1.13 1.14 -6.01
N SER A 78 -1.36 2.44 -5.79
CA SER A 78 -0.69 3.57 -6.41
C SER A 78 -0.46 4.65 -5.35
N GLY A 79 0.35 5.65 -5.66
CA GLY A 79 1.00 6.58 -4.74
C GLY A 79 2.20 7.20 -5.45
N GLY A 80 3.21 7.69 -4.73
CA GLY A 80 4.46 8.23 -5.29
C GLY A 80 4.94 9.50 -4.58
N VAL A 81 6.16 9.50 -4.06
CA VAL A 81 6.66 10.55 -3.17
C VAL A 81 7.67 11.42 -3.92
N VAL A 82 7.23 12.62 -4.29
CA VAL A 82 8.08 13.62 -4.90
C VAL A 82 8.84 14.37 -3.81
N ASP A 83 10.09 14.73 -4.12
CA ASP A 83 10.95 15.59 -3.37
C ASP A 83 10.59 17.04 -3.65
N GLY A 84 9.74 17.58 -2.79
CA GLY A 84 9.43 19.00 -2.67
C GLY A 84 10.56 19.73 -1.94
N GLU A 85 11.80 19.54 -2.39
CA GLU A 85 12.96 20.37 -2.05
C GLU A 85 12.77 21.81 -2.55
N ASP A 86 13.84 22.63 -2.65
CA ASP A 86 13.74 24.04 -3.07
C ASP A 86 12.98 24.84 -1.99
N GLY A 87 13.16 24.43 -0.73
CA GLY A 87 12.55 25.05 0.44
C GLY A 87 12.87 24.35 1.77
N VAL A 88 13.43 23.14 1.77
CA VAL A 88 13.56 22.34 3.00
C VAL A 88 14.94 21.70 3.13
N VAL A 89 15.39 21.55 4.38
CA VAL A 89 16.58 20.80 4.78
C VAL A 89 16.07 19.59 5.57
N ASN A 90 15.96 18.46 4.87
CA ASN A 90 15.50 17.17 5.36
C ASN A 90 16.39 16.09 4.74
N GLU A 91 16.08 14.82 4.98
CA GLU A 91 16.73 13.69 4.32
C GLU A 91 15.80 13.08 3.26
N PRO A 92 16.36 12.32 2.30
CA PRO A 92 15.58 11.56 1.32
C PRO A 92 15.02 10.27 1.92
N MET A 93 14.27 9.51 1.13
CA MET A 93 13.54 8.33 1.58
C MET A 93 13.65 7.20 0.58
N GLN A 94 13.21 6.02 1.01
CA GLN A 94 13.10 4.80 0.24
C GLN A 94 11.80 4.14 0.66
N TRP A 95 11.19 3.38 -0.25
CA TRP A 95 10.09 2.50 0.08
C TRP A 95 10.55 1.07 -0.23
N VAL A 96 10.00 0.09 0.48
CA VAL A 96 10.03 -1.31 0.07
C VAL A 96 8.56 -1.73 0.12
N VAL A 97 8.08 -2.42 -0.91
CA VAL A 97 6.66 -2.64 -1.07
C VAL A 97 6.59 -4.06 -1.66
N THR A 98 5.87 -4.98 -1.03
CA THR A 98 6.00 -6.41 -1.28
C THR A 98 4.59 -6.96 -1.22
N VAL A 99 4.31 -8.04 -1.96
CA VAL A 99 2.99 -8.65 -1.99
C VAL A 99 3.06 -10.12 -1.61
N TYR A 100 2.11 -10.50 -0.76
CA TYR A 100 1.80 -11.82 -0.30
C TYR A 100 0.38 -12.15 -0.73
N LYS A 101 0.09 -13.45 -0.79
CA LYS A 101 -1.07 -14.07 -1.37
C LYS A 101 -1.72 -14.92 -0.30
N ASN A 102 -2.44 -15.96 -0.73
CA ASN A 102 -2.82 -17.14 0.03
C ASN A 102 -1.57 -17.83 0.64
N GLY A 103 -0.87 -17.22 1.60
CA GLY A 103 0.26 -17.83 2.30
C GLY A 103 1.45 -18.12 1.39
N LYS A 104 2.00 -17.08 0.74
CA LYS A 104 3.33 -17.01 0.11
C LYS A 104 3.47 -15.61 -0.49
N GLU A 105 4.70 -15.13 -0.62
CA GLU A 105 5.07 -13.94 -1.39
C GLU A 105 4.80 -14.19 -2.89
N ILE A 106 4.59 -13.13 -3.68
CA ILE A 106 4.57 -13.16 -5.14
C ILE A 106 5.34 -12.01 -5.80
N GLU A 107 5.66 -10.93 -5.09
CA GLU A 107 6.21 -9.71 -5.69
C GLU A 107 7.08 -9.05 -4.65
N LYS A 108 8.32 -8.71 -5.00
CA LYS A 108 9.31 -8.15 -4.10
C LYS A 108 10.02 -7.02 -4.83
N LYS A 109 9.74 -5.77 -4.46
CA LYS A 109 10.54 -4.63 -4.94
C LYS A 109 10.68 -3.53 -3.90
N SER A 110 11.51 -2.54 -4.22
CA SER A 110 11.73 -1.32 -3.51
C SER A 110 11.77 -0.14 -4.48
N LEU A 111 11.80 1.08 -3.94
CA LEU A 111 11.87 2.33 -4.67
C LEU A 111 12.85 3.20 -3.89
N VAL A 112 13.53 4.11 -4.58
CA VAL A 112 14.46 5.04 -3.96
C VAL A 112 14.09 6.43 -4.45
N PHE A 113 14.14 7.40 -3.53
CA PHE A 113 13.80 8.78 -3.78
C PHE A 113 15.00 9.61 -3.33
N ARG A 114 15.06 10.86 -3.77
CA ARG A 114 16.26 11.70 -3.66
C ARG A 114 15.85 13.12 -3.30
N ASP A 115 16.78 14.04 -3.47
CA ASP A 115 16.61 15.48 -3.52
C ASP A 115 17.16 15.89 -4.88
N GLY A 116 16.41 16.64 -5.67
CA GLY A 116 16.96 17.29 -6.84
C GLY A 116 16.02 18.19 -7.63
N LYS A 117 14.69 17.98 -7.62
CA LYS A 117 13.60 18.91 -7.88
C LYS A 117 12.29 18.13 -7.88
N GLU A 118 11.16 18.82 -8.03
CA GLU A 118 9.87 18.18 -8.29
C GLU A 118 9.97 17.31 -9.56
N ILE A 119 9.41 16.11 -9.51
CA ILE A 119 9.40 15.09 -10.56
C ILE A 119 8.03 14.42 -10.62
N SER A 120 7.87 13.47 -11.53
CA SER A 120 6.65 12.71 -11.75
C SER A 120 7.03 11.33 -12.31
N THR A 121 6.93 10.27 -11.51
CA THR A 121 7.21 8.91 -11.95
C THR A 121 6.03 8.01 -11.59
N ASP A 122 5.84 6.91 -12.33
CA ASP A 122 4.66 6.03 -12.23
C ASP A 122 4.80 5.00 -11.12
N ASP A 123 5.79 5.18 -10.23
CA ASP A 123 6.50 4.20 -9.40
C ASP A 123 5.61 3.13 -8.76
N LEU A 124 4.48 3.57 -8.21
CA LEU A 124 3.54 2.69 -7.58
C LEU A 124 2.57 2.23 -8.65
N ASN A 125 3.04 1.27 -9.44
CA ASN A 125 2.38 0.75 -10.64
C ASN A 125 2.04 -0.73 -10.43
N LEU A 126 1.24 -1.02 -9.39
CA LEU A 126 0.87 -2.38 -9.03
C LEU A 126 -0.64 -2.46 -8.98
N TYR A 127 -1.23 -3.14 -9.96
CA TYR A 127 -2.66 -3.25 -10.14
C TYR A 127 -2.95 -4.72 -10.38
N TYR A 128 -3.03 -5.46 -9.28
CA TYR A 128 -3.61 -6.79 -9.30
C TYR A 128 -5.10 -6.62 -9.50
N ASN A 129 -5.69 -7.37 -10.42
CA ASN A 129 -7.11 -7.48 -10.74
C ASN A 129 -7.31 -8.59 -11.75
N GLY A 1 -28.05 -27.87 11.06
CA GLY A 1 -28.55 -28.18 9.71
C GLY A 1 -28.04 -27.09 8.82
N ASP A 2 -27.05 -27.39 7.98
CA ASP A 2 -25.91 -26.53 7.73
C ASP A 2 -25.52 -26.90 6.30
N ASP A 3 -25.78 -26.00 5.35
CA ASP A 3 -25.88 -26.34 3.93
C ASP A 3 -25.47 -25.12 3.09
N ASP A 4 -24.15 -24.89 2.93
CA ASP A 4 -23.60 -23.86 2.05
C ASP A 4 -22.12 -24.14 1.73
N GLU A 5 -21.67 -23.84 0.50
CA GLU A 5 -20.27 -23.98 0.07
C GLU A 5 -19.94 -23.01 -1.09
N PRO A 6 -20.17 -21.68 -0.97
CA PRO A 6 -19.98 -20.79 -2.12
C PRO A 6 -18.53 -20.77 -2.58
N GLY A 7 -18.35 -21.17 -3.83
CA GLY A 7 -17.05 -21.43 -4.40
C GLY A 7 -16.43 -20.15 -4.97
N GLY A 8 -16.51 -20.00 -6.29
CA GLY A 8 -16.08 -18.80 -6.98
C GLY A 8 -14.56 -18.82 -7.10
N LYS A 9 -14.00 -17.80 -7.75
CA LYS A 9 -12.60 -17.72 -8.06
C LYS A 9 -12.08 -16.43 -7.47
N GLY A 10 -10.93 -16.52 -6.82
CA GLY A 10 -10.17 -15.43 -6.22
C GLY A 10 -9.08 -16.01 -5.31
N ALA A 11 -8.64 -15.22 -4.34
CA ALA A 11 -7.39 -15.38 -3.60
C ALA A 11 -7.53 -14.85 -2.16
N MET A 12 -6.40 -14.64 -1.48
CA MET A 12 -6.21 -13.61 -0.47
C MET A 12 -5.08 -12.72 -0.92
N TYR A 13 -5.02 -11.56 -0.28
CA TYR A 13 -4.04 -10.51 -0.54
C TYR A 13 -3.62 -9.83 0.76
N GLU A 14 -2.35 -9.47 0.81
CA GLU A 14 -1.73 -8.70 1.89
C GLU A 14 -0.57 -7.90 1.28
N VAL A 15 -0.32 -6.70 1.78
CA VAL A 15 0.78 -5.80 1.39
C VAL A 15 1.37 -5.21 2.67
N THR A 16 2.69 -5.00 2.70
CA THR A 16 3.33 -4.22 3.74
C THR A 16 3.79 -2.93 3.11
N ILE A 17 3.42 -1.81 3.72
CA ILE A 17 4.04 -0.53 3.49
C ILE A 17 4.98 -0.31 4.65
N GLU A 18 5.99 0.49 4.40
CA GLU A 18 7.00 0.93 5.31
C GLU A 18 7.51 2.27 4.82
N GLN A 19 8.52 2.81 5.45
CA GLN A 19 9.25 3.97 4.97
C GLN A 19 10.71 3.85 5.42
N SER A 20 11.59 4.66 4.84
CA SER A 20 12.97 4.82 5.26
C SER A 20 13.40 6.27 5.14
N GLY A 21 14.52 6.62 5.75
CA GLY A 21 15.05 7.96 5.72
C GLY A 21 14.04 8.95 6.29
N ASP A 22 14.01 10.17 5.76
CA ASP A 22 13.06 11.19 6.17
C ASP A 22 11.69 10.89 5.57
N PHE A 23 10.73 10.54 6.42
CA PHE A 23 9.34 10.33 6.05
C PHE A 23 8.47 11.41 6.72
N ARG A 24 9.05 12.60 6.87
CA ARG A 24 8.54 13.68 7.70
C ARG A 24 8.38 14.97 6.87
N SER A 25 8.69 14.93 5.57
CA SER A 25 8.58 16.05 4.65
C SER A 25 8.34 15.61 3.19
N PHE A 26 7.70 14.47 2.95
CA PHE A 26 7.28 14.02 1.62
C PHE A 26 5.78 13.78 1.67
N ILE A 27 4.99 14.54 0.89
CA ILE A 27 3.54 14.33 0.80
C ILE A 27 3.32 12.96 0.15
N LYS A 28 2.60 12.06 0.84
CA LYS A 28 2.28 10.73 0.33
C LYS A 28 0.95 10.75 -0.41
N SER A 29 0.71 9.73 -1.24
CA SER A 29 -0.58 9.29 -1.71
C SER A 29 -0.47 7.80 -2.03
N VAL A 30 -1.48 7.02 -1.63
CA VAL A 30 -1.63 5.62 -2.03
C VAL A 30 -3.11 5.39 -2.34
N VAL A 31 -3.38 4.50 -3.31
CA VAL A 31 -4.69 3.97 -3.66
C VAL A 31 -4.61 2.46 -3.39
N VAL A 32 -5.56 1.91 -2.63
CA VAL A 32 -5.76 0.46 -2.50
C VAL A 32 -7.12 0.10 -3.07
N VAL A 33 -7.25 -1.09 -3.65
CA VAL A 33 -8.50 -1.70 -4.07
C VAL A 33 -8.50 -3.10 -3.46
N ALA A 34 -9.68 -3.63 -3.12
CA ALA A 34 -9.85 -4.99 -2.65
C ALA A 34 -11.24 -5.45 -3.08
N ASN A 35 -11.33 -6.07 -4.26
CA ASN A 35 -12.56 -6.70 -4.72
C ASN A 35 -12.87 -7.86 -3.78
N GLY A 36 -14.07 -7.92 -3.21
CA GLY A 36 -14.67 -9.18 -2.78
C GLY A 36 -14.88 -9.30 -1.28
N THR A 37 -14.25 -8.44 -0.49
CA THR A 37 -14.31 -8.43 0.98
C THR A 37 -13.84 -7.02 1.41
N GLN A 38 -13.59 -6.81 2.69
CA GLN A 38 -13.01 -5.58 3.21
C GLN A 38 -11.52 -5.74 3.49
N LEU A 39 -10.82 -4.62 3.58
CA LEU A 39 -9.45 -4.57 4.05
C LEU A 39 -9.43 -4.76 5.55
N LYS A 40 -8.26 -5.04 6.09
CA LYS A 40 -7.99 -5.09 7.52
C LYS A 40 -6.70 -4.33 7.76
N ASP A 41 -6.69 -3.40 8.71
CA ASP A 41 -5.49 -2.67 9.09
C ASP A 41 -4.70 -3.49 10.09
N GLY A 42 -3.40 -3.68 9.86
CA GLY A 42 -2.54 -4.42 10.78
C GLY A 42 -2.38 -3.73 12.13
N ALA A 43 -2.57 -2.41 12.22
CA ALA A 43 -2.37 -1.60 13.41
C ALA A 43 -3.21 -2.12 14.58
N THR A 44 -4.54 -2.13 14.44
CA THR A 44 -5.47 -2.56 15.49
C THR A 44 -6.42 -3.65 14.97
N GLY A 45 -6.14 -4.20 13.79
CA GLY A 45 -6.90 -5.27 13.21
C GLY A 45 -8.27 -4.79 12.74
N GLU A 46 -8.42 -3.50 12.45
CA GLU A 46 -9.69 -2.87 12.17
C GLU A 46 -10.11 -3.28 10.76
N SER A 47 -11.31 -3.84 10.62
CA SER A 47 -11.93 -3.98 9.32
C SER A 47 -12.19 -2.58 8.79
N LEU A 48 -11.76 -2.34 7.55
CA LEU A 48 -11.89 -1.08 6.84
C LEU A 48 -12.94 -1.24 5.77
N ALA A 49 -12.99 -0.33 4.80
CA ALA A 49 -13.86 -0.46 3.65
C ALA A 49 -13.15 0.01 2.38
N SER A 50 -12.61 -0.93 1.61
CA SER A 50 -11.96 -0.62 0.35
C SER A 50 -12.96 -0.25 -0.75
N PRO A 51 -12.51 0.29 -1.90
CA PRO A 51 -11.19 0.87 -2.09
C PRO A 51 -10.98 2.08 -1.15
N VAL A 52 -9.74 2.32 -0.72
CA VAL A 52 -9.39 3.42 0.18
C VAL A 52 -8.26 4.21 -0.46
N ILE A 53 -8.20 5.49 -0.13
CA ILE A 53 -7.11 6.38 -0.46
C ILE A 53 -6.45 6.78 0.84
N LEU A 54 -5.12 6.69 0.88
CA LEU A 54 -4.31 7.23 1.95
C LEU A 54 -3.61 8.48 1.46
N SER A 55 -3.30 9.34 2.42
CA SER A 55 -2.64 10.62 2.30
C SER A 55 -1.50 10.66 3.33
N ASP A 56 -0.80 11.77 3.40
CA ASP A 56 0.42 11.90 4.21
C ASP A 56 0.16 11.66 5.69
N GLU A 57 -0.92 12.25 6.21
CA GLU A 57 -1.33 12.12 7.61
C GLU A 57 -1.63 10.68 7.95
N GLU A 58 -2.13 9.93 6.97
CA GLU A 58 -2.60 8.57 7.19
C GLU A 58 -1.41 7.59 7.16
N LEU A 59 -0.27 8.00 6.59
CA LEU A 59 0.87 7.14 6.27
C LEU A 59 2.14 7.44 7.08
N ALA A 60 2.08 8.33 8.06
CA ALA A 60 3.14 8.80 8.94
C ALA A 60 3.70 7.73 9.90
N VAL A 61 3.74 6.47 9.49
CA VAL A 61 4.20 5.29 10.22
C VAL A 61 5.63 4.91 9.79
N GLU A 62 6.24 3.91 10.44
CA GLU A 62 7.44 3.27 9.89
C GLU A 62 7.09 2.00 9.10
N LYS A 63 6.03 1.26 9.45
CA LYS A 63 5.56 0.08 8.75
C LYS A 63 4.09 -0.15 9.08
N VAL A 64 3.25 -0.53 8.10
CA VAL A 64 1.94 -1.13 8.35
C VAL A 64 1.75 -2.32 7.40
N THR A 65 1.35 -3.48 7.92
CA THR A 65 0.71 -4.52 7.12
C THR A 65 -0.74 -4.13 6.88
N LEU A 66 -1.24 -4.33 5.67
CA LEU A 66 -2.63 -4.27 5.31
C LEU A 66 -2.98 -5.58 4.66
N SER A 67 -4.13 -6.13 5.00
CA SER A 67 -4.52 -7.46 4.58
C SER A 67 -6.01 -7.49 4.26
N THR A 68 -6.55 -8.65 3.96
CA THR A 68 -7.95 -8.81 3.64
C THR A 68 -8.68 -9.59 4.73
N THR A 69 -9.93 -9.23 4.93
CA THR A 69 -10.81 -9.90 5.89
C THR A 69 -11.27 -11.28 5.38
N GLY A 70 -11.24 -11.49 4.06
CA GLY A 70 -11.83 -12.66 3.44
C GLY A 70 -11.16 -12.94 2.11
N LYS A 71 -11.79 -13.78 1.30
CA LYS A 71 -11.41 -13.94 -0.09
C LYS A 71 -11.49 -12.61 -0.79
N ALA A 72 -10.49 -12.29 -1.59
CA ALA A 72 -10.46 -11.11 -2.41
C ALA A 72 -9.94 -11.45 -3.79
N ILE A 73 -10.21 -10.59 -4.76
CA ILE A 73 -10.09 -10.91 -6.18
C ILE A 73 -9.23 -9.85 -6.88
N GLU A 74 -8.88 -8.75 -6.21
CA GLU A 74 -8.01 -7.73 -6.77
C GLU A 74 -7.14 -7.18 -5.64
N PHE A 75 -5.93 -6.73 -5.97
CA PHE A 75 -5.17 -5.73 -5.21
C PHE A 75 -4.57 -4.78 -6.25
N ALA A 76 -4.25 -3.55 -5.88
CA ALA A 76 -3.57 -2.63 -6.78
C ALA A 76 -2.86 -1.57 -5.95
N VAL A 77 -1.78 -1.01 -6.49
CA VAL A 77 -1.00 0.03 -5.84
C VAL A 77 -0.54 1.02 -6.92
N SER A 78 -1.17 2.19 -6.93
CA SER A 78 -0.62 3.42 -7.50
C SER A 78 -0.45 4.42 -6.36
N GLY A 79 0.24 5.53 -6.64
CA GLY A 79 0.65 6.52 -5.67
C GLY A 79 1.93 7.21 -6.13
N GLY A 80 2.58 7.91 -5.21
CA GLY A 80 3.89 8.53 -5.37
C GLY A 80 4.12 9.47 -4.20
N VAL A 81 5.30 10.07 -4.11
CA VAL A 81 5.61 11.16 -3.19
C VAL A 81 6.18 12.33 -4.00
N VAL A 82 6.39 13.46 -3.34
CA VAL A 82 7.22 14.56 -3.77
C VAL A 82 7.94 15.04 -2.53
N ASP A 83 9.21 15.43 -2.70
CA ASP A 83 10.13 16.10 -1.79
C ASP A 83 9.71 17.52 -1.44
N GLY A 84 8.42 17.81 -1.54
CA GLY A 84 7.84 19.11 -1.32
C GLY A 84 8.08 20.00 -2.53
N GLU A 85 9.33 20.08 -3.00
CA GLU A 85 9.80 20.97 -4.06
C GLU A 85 11.32 20.86 -4.28
N ASP A 86 11.76 21.40 -5.42
CA ASP A 86 13.14 21.35 -5.93
C ASP A 86 14.17 22.08 -5.06
N GLY A 87 13.71 22.89 -4.12
CA GLY A 87 14.51 23.74 -3.25
C GLY A 87 14.35 23.39 -1.77
N VAL A 88 13.74 22.25 -1.44
CA VAL A 88 13.55 21.80 -0.07
C VAL A 88 14.88 21.27 0.51
N VAL A 89 14.94 21.05 1.83
CA VAL A 89 16.14 20.77 2.60
C VAL A 89 15.79 19.73 3.68
N ASN A 90 16.01 18.44 3.41
CA ASN A 90 15.63 17.34 4.29
C ASN A 90 16.72 16.26 4.27
N GLU A 91 16.36 15.01 4.56
CA GLU A 91 17.00 13.80 4.10
C GLU A 91 16.07 13.07 3.11
N PRO A 92 16.57 12.07 2.35
CA PRO A 92 15.79 11.37 1.34
C PRO A 92 14.98 10.23 1.94
N MET A 93 14.26 9.46 1.11
CA MET A 93 13.58 8.25 1.57
C MET A 93 13.63 7.10 0.57
N GLN A 94 13.34 5.89 1.06
CA GLN A 94 13.20 4.66 0.29
C GLN A 94 12.01 3.87 0.82
N TRP A 95 11.36 3.11 -0.05
CA TRP A 95 10.21 2.25 0.25
C TRP A 95 10.52 0.83 -0.20
N VAL A 96 9.93 -0.15 0.47
CA VAL A 96 9.91 -1.57 0.10
C VAL A 96 8.49 -2.11 0.32
N VAL A 97 7.61 -1.85 -0.65
CA VAL A 97 6.23 -2.28 -0.62
C VAL A 97 6.18 -3.73 -1.14
N THR A 98 6.34 -4.71 -0.24
CA THR A 98 6.24 -6.11 -0.59
C THR A 98 4.77 -6.49 -0.65
N VAL A 99 4.39 -7.39 -1.55
CA VAL A 99 3.02 -7.85 -1.72
C VAL A 99 3.02 -9.36 -1.58
N TYR A 100 1.99 -9.88 -0.91
CA TYR A 100 1.79 -11.25 -0.50
C TYR A 100 0.43 -11.70 -1.01
N LYS A 101 0.36 -12.98 -1.36
CA LYS A 101 -0.86 -13.69 -1.71
C LYS A 101 -1.10 -14.74 -0.63
N ASN A 102 -2.13 -15.55 -0.85
CA ASN A 102 -2.57 -16.70 -0.05
C ASN A 102 -1.44 -17.72 0.23
N GLY A 103 -0.46 -17.33 1.04
CA GLY A 103 0.58 -18.20 1.56
C GLY A 103 2.00 -17.62 1.58
N LYS A 104 2.33 -16.53 0.86
CA LYS A 104 3.63 -15.83 0.89
C LYS A 104 3.68 -14.68 -0.15
N GLU A 105 4.81 -13.96 -0.16
CA GLU A 105 5.20 -12.88 -1.07
C GLU A 105 5.03 -13.31 -2.53
N ILE A 106 4.75 -12.36 -3.42
CA ILE A 106 4.91 -12.51 -4.87
C ILE A 106 5.77 -11.39 -5.45
N GLU A 107 5.94 -10.24 -4.79
CA GLU A 107 6.59 -9.07 -5.39
C GLU A 107 7.24 -8.21 -4.33
N LYS A 108 8.29 -7.50 -4.71
CA LYS A 108 9.29 -6.91 -3.82
C LYS A 108 9.76 -5.52 -4.29
N LYS A 109 8.93 -4.85 -5.08
CA LYS A 109 9.25 -3.57 -5.69
C LYS A 109 9.52 -2.53 -4.60
N SER A 110 10.48 -1.67 -4.87
CA SER A 110 11.12 -0.82 -3.90
C SER A 110 11.69 0.40 -4.59
N LEU A 111 11.53 1.58 -3.98
CA LEU A 111 11.77 2.87 -4.60
C LEU A 111 12.72 3.66 -3.73
N VAL A 112 13.01 4.82 -4.26
CA VAL A 112 13.79 5.90 -3.70
C VAL A 112 13.33 7.26 -4.20
N PHE A 113 13.43 8.28 -3.35
CA PHE A 113 13.25 9.70 -3.67
C PHE A 113 14.29 10.48 -2.88
N ARG A 114 14.75 11.63 -3.37
CA ARG A 114 15.72 12.46 -2.67
C ARG A 114 15.35 13.93 -2.72
N ASP A 115 16.12 14.72 -1.99
CA ASP A 115 16.04 16.15 -1.82
C ASP A 115 16.21 16.85 -3.16
N GLY A 116 15.36 17.83 -3.46
CA GLY A 116 15.55 18.78 -4.52
C GLY A 116 15.51 18.16 -5.91
N LYS A 117 14.56 17.27 -6.18
CA LYS A 117 14.58 16.42 -7.38
C LYS A 117 13.32 16.52 -8.21
N GLU A 118 13.47 16.06 -9.45
CA GLU A 118 12.44 15.95 -10.44
C GLU A 118 11.75 14.62 -10.17
N ILE A 119 10.42 14.62 -10.04
CA ILE A 119 9.58 13.48 -9.70
C ILE A 119 8.40 13.45 -10.67
N SER A 120 7.59 12.41 -10.59
CA SER A 120 6.39 12.24 -11.38
C SER A 120 5.41 11.37 -10.61
N THR A 121 4.11 11.60 -10.84
CA THR A 121 3.00 10.93 -10.20
C THR A 121 2.75 9.58 -10.86
N ASP A 122 3.79 8.75 -10.94
CA ASP A 122 3.79 7.55 -11.77
C ASP A 122 4.61 6.39 -11.22
N ASP A 123 5.47 6.63 -10.22
CA ASP A 123 6.48 5.68 -9.71
C ASP A 123 5.87 4.37 -9.16
N LEU A 124 4.55 4.35 -8.90
CA LEU A 124 3.80 3.16 -8.53
C LEU A 124 2.71 2.95 -9.56
N ASN A 125 2.77 1.79 -10.20
CA ASN A 125 1.82 1.33 -11.20
C ASN A 125 1.73 -0.20 -11.19
N LEU A 126 1.11 -0.79 -10.16
CA LEU A 126 0.90 -2.24 -10.00
C LEU A 126 -0.58 -2.58 -9.95
N TYR A 127 -0.91 -3.81 -10.35
CA TYR A 127 -2.24 -4.43 -10.32
C TYR A 127 -2.08 -5.93 -10.02
N TYR A 128 -3.06 -6.54 -9.35
CA TYR A 128 -3.13 -7.96 -9.00
C TYR A 128 -4.59 -8.40 -9.16
N ASN A 129 -4.79 -9.63 -9.64
CA ASN A 129 -6.05 -10.36 -9.72
C ASN A 129 -5.71 -11.84 -9.57
#